data_9KNB
# 
_entry.id   9KNB 
# 
_audit_conform.dict_name       mmcif_pdbx.dic 
_audit_conform.dict_version    5.408 
_audit_conform.dict_location   http://mmcif.pdb.org/dictionaries/ascii/mmcif_pdbx.dic 
# 
loop_
_database_2.database_id 
_database_2.database_code 
_database_2.pdbx_database_accession 
_database_2.pdbx_DOI 
PDB   9KNB         pdb_00009knb 10.2210/pdb9knb/pdb 
WWPDB D_1300053901 ?            ?                   
# 
loop_
_pdbx_audit_revision_history.ordinal 
_pdbx_audit_revision_history.data_content_type 
_pdbx_audit_revision_history.major_revision 
_pdbx_audit_revision_history.minor_revision 
_pdbx_audit_revision_history.revision_date 
_pdbx_audit_revision_history.part_number 
1 'Structure model' 1 0 2025-11-26 ? 
2 'Structure model' 1 1 2025-12-03 ? 
3 'Structure model' 1 2 2025-12-24 ? 
# 
_pdbx_audit_revision_details.ordinal             1 
_pdbx_audit_revision_details.revision_ordinal    1 
_pdbx_audit_revision_details.data_content_type   'Structure model' 
_pdbx_audit_revision_details.provider            repository 
_pdbx_audit_revision_details.type                'Initial release' 
_pdbx_audit_revision_details.description         ? 
_pdbx_audit_revision_details.details             ? 
# 
loop_
_pdbx_audit_revision_group.ordinal 
_pdbx_audit_revision_group.revision_ordinal 
_pdbx_audit_revision_group.data_content_type 
_pdbx_audit_revision_group.group 
1 2 'Structure model' 'Database references' 
2 3 'Structure model' 'Database references' 
# 
loop_
_pdbx_audit_revision_category.ordinal 
_pdbx_audit_revision_category.revision_ordinal 
_pdbx_audit_revision_category.data_content_type 
_pdbx_audit_revision_category.category 
1 2 'Structure model' citation        
2 2 'Structure model' citation_author 
3 3 'Structure model' citation        
4 3 'Structure model' citation_author 
# 
loop_
_pdbx_audit_revision_item.ordinal 
_pdbx_audit_revision_item.revision_ordinal 
_pdbx_audit_revision_item.data_content_type 
_pdbx_audit_revision_item.item 
1  2 'Structure model' '_citation.country'                 
2  2 'Structure model' '_citation.journal_abbrev'          
3  2 'Structure model' '_citation.journal_id_ASTM'         
4  2 'Structure model' '_citation.journal_id_CSD'          
5  2 'Structure model' '_citation.journal_id_ISSN'         
6  2 'Structure model' '_citation.pdbx_database_id_DOI'    
7  2 'Structure model' '_citation.pdbx_database_id_PubMed' 
8  2 'Structure model' '_citation.title'                   
9  2 'Structure model' '_citation.year'                    
10 3 'Structure model' '_citation.journal_volume'          
11 3 'Structure model' '_citation.page_first'              
12 3 'Structure model' '_citation.page_last'               
13 3 'Structure model' '_citation_author.identifier_ORCID' 
# 
_pdbx_database_status.status_code                     REL 
_pdbx_database_status.status_code_sf                  REL 
_pdbx_database_status.status_code_mr                  ? 
_pdbx_database_status.entry_id                        9KNB 
_pdbx_database_status.recvd_initial_deposition_date   2024-11-18 
_pdbx_database_status.SG_entry                        N 
_pdbx_database_status.deposit_site                    PDBJ 
_pdbx_database_status.process_site                    PDBC 
_pdbx_database_status.status_code_cs                  ? 
_pdbx_database_status.status_code_nmr_data            ? 
_pdbx_database_status.methods_development_category    ? 
_pdbx_database_status.pdb_format_compatible           N 
# 
_pdbx_contact_author.id                 3 
_pdbx_contact_author.email              minjinrong@ccnu.edu.cn 
_pdbx_contact_author.name_first         Jinrong 
_pdbx_contact_author.name_last          Min 
_pdbx_contact_author.name_mi            ? 
_pdbx_contact_author.role               'principal investigator/group leader' 
_pdbx_contact_author.identifier_ORCID   0000-0001-5210-3130 
# 
loop_
_audit_author.name 
_audit_author.pdbx_ordinal 
_audit_author.identifier_ORCID 
'Huang, Y.' 1 ? 
'Li, Y.'    2 ? 
'Min, J.'   3 ? 
# 
_citation.abstract                  ? 
_citation.abstract_id_CAS           ? 
_citation.book_id_ISBN              ? 
_citation.book_publisher            ? 
_citation.book_publisher_city       ? 
_citation.book_title                ? 
_citation.coordinate_linkage        ? 
_citation.country                   US 
_citation.database_id_Medline       ? 
_citation.details                   ? 
_citation.id                        primary 
_citation.journal_abbrev            J.Med.Chem. 
_citation.journal_id_ASTM           JMCMAR 
_citation.journal_id_CSD            0151 
_citation.journal_id_ISSN           0022-2623 
_citation.journal_full              ? 
_citation.journal_issue             ? 
_citation.journal_volume            68 
_citation.language                  ? 
_citation.page_first                24953 
_citation.page_last                 24967 
_citation.title                     
;Fragment-Based Screening of NSD2-PWWP1 Identifies Novel Covalent Allosteric Ligands That Diminish Methyllysine and DNA Binding Abilities of NSD2.
;
_citation.year                      2025 
_citation.database_id_CSD           ? 
_citation.pdbx_database_id_DOI      10.1021/acs.jmedchem.5c01902 
_citation.pdbx_database_id_PubMed   41264880 
_citation.pdbx_database_id_patent   ? 
_citation.unpublished_flag          ? 
# 
loop_
_citation_author.citation_id 
_citation_author.name 
_citation_author.ordinal 
_citation_author.identifier_ORCID 
primary 'Huang, Y.' 1  ? 
primary 'Li, Y.'    2  ? 
primary 'Chen, X.'  3  ? 
primary 'Wang, H.'  4  ? 
primary 'Wang, Q.'  5  ? 
primary 'Liu, S.'   6  ? 
primary 'Li, Y.'    7  ? 
primary 'Chen, Z.'  8  ? 
primary 'Ma, J.'    9  ? 
primary 'Huang, Z.' 10 ? 
primary 'Wan, J.'   11 ? 
primary 'Ren, Y.'   12 ? 
primary 'Min, J.'   13 ? 
# 
loop_
_entity.id 
_entity.type 
_entity.src_method 
_entity.pdbx_description 
_entity.formula_weight 
_entity.pdbx_number_of_molecules 
_entity.pdbx_ec 
_entity.pdbx_mutation 
_entity.pdbx_fragment 
_entity.details 
1 polymer     man 'Histone-lysine N-methyltransferase NSD2'             15240.636 1  2.1.1.357 ? ? ? 
2 non-polymer syn '4-(2-HYDROXYETHYL)-1-PIPERAZINE ETHANESULFONIC ACID' 238.305   1  ?         ? ? ? 
3 non-polymer syn 'N-(2-methoxyphenyl)-2-selanyl-benzamide'             306.219   1  ?         ? ? ? 
4 water       nat water                                                 18.015    90 ?         ? ? ? 
# 
_entity_name_com.entity_id   1 
_entity_name_com.name        
;Multiple myeloma SET domain-containing protein,MMSET,Nuclear SET domain-containing protein 2,Protein trithorax-5,Wolf-Hirschhorn syndrome candidate 1 protein
;
# 
_entity_poly.entity_id                      1 
_entity_poly.type                           'polypeptide(L)' 
_entity_poly.nstd_linkage                   no 
_entity_poly.nstd_monomer                   no 
_entity_poly.pdbx_seq_one_letter_code       
;LLKYNVGDLVWSKVSGYPWWPCMVSADPLLHSYTKLKGQKKSARQYHVQFFGDAPERAWIFEKSLVAFEGEGQFEKLCQE
SAKQAPTKAEKIKLLKPISGKLRAQWEMGIVQAEEAASMSVEERKAKFTFLYV
;
_entity_poly.pdbx_seq_one_letter_code_can   
;LLKYNVGDLVWSKVSGYPWWPCMVSADPLLHSYTKLKGQKKSARQYHVQFFGDAPERAWIFEKSLVAFEGEGQFEKLCQE
SAKQAPTKAEKIKLLKPISGKLRAQWEMGIVQAEEAASMSVEERKAKFTFLYV
;
_entity_poly.pdbx_strand_id                 A 
_entity_poly.pdbx_target_identifier         ? 
# 
loop_
_pdbx_entity_nonpoly.entity_id 
_pdbx_entity_nonpoly.name 
_pdbx_entity_nonpoly.comp_id 
2 '4-(2-HYDROXYETHYL)-1-PIPERAZINE ETHANESULFONIC ACID' EPE   
3 'N-(2-methoxyphenyl)-2-selanyl-benzamide'             A1EF7 
4 water                                                 HOH   
# 
loop_
_entity_poly_seq.entity_id 
_entity_poly_seq.num 
_entity_poly_seq.mon_id 
_entity_poly_seq.hetero 
1 1   LEU n 
1 2   LEU n 
1 3   LYS n 
1 4   TYR n 
1 5   ASN n 
1 6   VAL n 
1 7   GLY n 
1 8   ASP n 
1 9   LEU n 
1 10  VAL n 
1 11  TRP n 
1 12  SER n 
1 13  LYS n 
1 14  VAL n 
1 15  SER n 
1 16  GLY n 
1 17  TYR n 
1 18  PRO n 
1 19  TRP n 
1 20  TRP n 
1 21  PRO n 
1 22  CYS n 
1 23  MET n 
1 24  VAL n 
1 25  SER n 
1 26  ALA n 
1 27  ASP n 
1 28  PRO n 
1 29  LEU n 
1 30  LEU n 
1 31  HIS n 
1 32  SER n 
1 33  TYR n 
1 34  THR n 
1 35  LYS n 
1 36  LEU n 
1 37  LYS n 
1 38  GLY n 
1 39  GLN n 
1 40  LYS n 
1 41  LYS n 
1 42  SER n 
1 43  ALA n 
1 44  ARG n 
1 45  GLN n 
1 46  TYR n 
1 47  HIS n 
1 48  VAL n 
1 49  GLN n 
1 50  PHE n 
1 51  PHE n 
1 52  GLY n 
1 53  ASP n 
1 54  ALA n 
1 55  PRO n 
1 56  GLU n 
1 57  ARG n 
1 58  ALA n 
1 59  TRP n 
1 60  ILE n 
1 61  PHE n 
1 62  GLU n 
1 63  LYS n 
1 64  SER n 
1 65  LEU n 
1 66  VAL n 
1 67  ALA n 
1 68  PHE n 
1 69  GLU n 
1 70  GLY n 
1 71  GLU n 
1 72  GLY n 
1 73  GLN n 
1 74  PHE n 
1 75  GLU n 
1 76  LYS n 
1 77  LEU n 
1 78  CYS n 
1 79  GLN n 
1 80  GLU n 
1 81  SER n 
1 82  ALA n 
1 83  LYS n 
1 84  GLN n 
1 85  ALA n 
1 86  PRO n 
1 87  THR n 
1 88  LYS n 
1 89  ALA n 
1 90  GLU n 
1 91  LYS n 
1 92  ILE n 
1 93  LYS n 
1 94  LEU n 
1 95  LEU n 
1 96  LYS n 
1 97  PRO n 
1 98  ILE n 
1 99  SER n 
1 100 GLY n 
1 101 LYS n 
1 102 LEU n 
1 103 ARG n 
1 104 ALA n 
1 105 GLN n 
1 106 TRP n 
1 107 GLU n 
1 108 MET n 
1 109 GLY n 
1 110 ILE n 
1 111 VAL n 
1 112 GLN n 
1 113 ALA n 
1 114 GLU n 
1 115 GLU n 
1 116 ALA n 
1 117 ALA n 
1 118 SER n 
1 119 MET n 
1 120 SER n 
1 121 VAL n 
1 122 GLU n 
1 123 GLU n 
1 124 ARG n 
1 125 LYS n 
1 126 ALA n 
1 127 LYS n 
1 128 PHE n 
1 129 THR n 
1 130 PHE n 
1 131 LEU n 
1 132 TYR n 
1 133 VAL n 
# 
_entity_src_gen.entity_id                          1 
_entity_src_gen.pdbx_src_id                        1 
_entity_src_gen.pdbx_alt_source_flag               sample 
_entity_src_gen.pdbx_seq_type                      'Biological sequence' 
_entity_src_gen.pdbx_beg_seq_num                   1 
_entity_src_gen.pdbx_end_seq_num                   133 
_entity_src_gen.gene_src_common_name               human 
_entity_src_gen.gene_src_genus                     ? 
_entity_src_gen.pdbx_gene_src_gene                 'NSD2, KIAA1090, MMSET, TRX5, WHSC1' 
_entity_src_gen.gene_src_species                   ? 
_entity_src_gen.gene_src_strain                    ? 
_entity_src_gen.gene_src_tissue                    ? 
_entity_src_gen.gene_src_tissue_fraction           ? 
_entity_src_gen.gene_src_details                   ? 
_entity_src_gen.pdbx_gene_src_fragment             ? 
_entity_src_gen.pdbx_gene_src_scientific_name      'Homo sapiens' 
_entity_src_gen.pdbx_gene_src_ncbi_taxonomy_id     9606 
_entity_src_gen.pdbx_gene_src_variant              ? 
_entity_src_gen.pdbx_gene_src_cell_line            ? 
_entity_src_gen.pdbx_gene_src_atcc                 ? 
_entity_src_gen.pdbx_gene_src_organ                ? 
_entity_src_gen.pdbx_gene_src_organelle            ? 
_entity_src_gen.pdbx_gene_src_cell                 ? 
_entity_src_gen.pdbx_gene_src_cellular_location    ? 
_entity_src_gen.host_org_common_name               ? 
_entity_src_gen.pdbx_host_org_scientific_name      'Escherichia coli BL21(DE3)' 
_entity_src_gen.pdbx_host_org_ncbi_taxonomy_id     469008 
_entity_src_gen.host_org_genus                     ? 
_entity_src_gen.pdbx_host_org_gene                 ? 
_entity_src_gen.pdbx_host_org_organ                ? 
_entity_src_gen.host_org_species                   ? 
_entity_src_gen.pdbx_host_org_tissue               ? 
_entity_src_gen.pdbx_host_org_tissue_fraction      ? 
_entity_src_gen.pdbx_host_org_strain               ? 
_entity_src_gen.pdbx_host_org_variant              ? 
_entity_src_gen.pdbx_host_org_cell_line            ? 
_entity_src_gen.pdbx_host_org_atcc                 ? 
_entity_src_gen.pdbx_host_org_culture_collection   ? 
_entity_src_gen.pdbx_host_org_cell                 ? 
_entity_src_gen.pdbx_host_org_organelle            ? 
_entity_src_gen.pdbx_host_org_cellular_location    ? 
_entity_src_gen.pdbx_host_org_vector_type          ? 
_entity_src_gen.pdbx_host_org_vector               ? 
_entity_src_gen.host_org_details                   ? 
_entity_src_gen.expression_system_id               ? 
_entity_src_gen.plasmid_name                       ? 
_entity_src_gen.plasmid_details                    ? 
_entity_src_gen.pdbx_description                   ? 
# 
loop_
_chem_comp.id 
_chem_comp.type 
_chem_comp.mon_nstd_flag 
_chem_comp.name 
_chem_comp.pdbx_synonyms 
_chem_comp.formula 
_chem_comp.formula_weight 
A1EF7 non-polymer         . 'N-(2-methoxyphenyl)-2-selanyl-benzamide'             ?     'C14 H13 N O2 Se' 306.219 
ALA   'L-peptide linking' y ALANINE                                               ?     'C3 H7 N O2'      89.093  
ARG   'L-peptide linking' y ARGININE                                              ?     'C6 H15 N4 O2 1'  175.209 
ASN   'L-peptide linking' y ASPARAGINE                                            ?     'C4 H8 N2 O3'     132.118 
ASP   'L-peptide linking' y 'ASPARTIC ACID'                                       ?     'C4 H7 N O4'      133.103 
CYS   'L-peptide linking' y CYSTEINE                                              ?     'C3 H7 N O2 S'    121.158 
EPE   non-polymer         . '4-(2-HYDROXYETHYL)-1-PIPERAZINE ETHANESULFONIC ACID' HEPES 'C8 H18 N2 O4 S'  238.305 
GLN   'L-peptide linking' y GLUTAMINE                                             ?     'C5 H10 N2 O3'    146.144 
GLU   'L-peptide linking' y 'GLUTAMIC ACID'                                       ?     'C5 H9 N O4'      147.129 
GLY   'peptide linking'   y GLYCINE                                               ?     'C2 H5 N O2'      75.067  
HIS   'L-peptide linking' y HISTIDINE                                             ?     'C6 H10 N3 O2 1'  156.162 
HOH   non-polymer         . WATER                                                 ?     'H2 O'            18.015  
ILE   'L-peptide linking' y ISOLEUCINE                                            ?     'C6 H13 N O2'     131.173 
LEU   'L-peptide linking' y LEUCINE                                               ?     'C6 H13 N O2'     131.173 
LYS   'L-peptide linking' y LYSINE                                                ?     'C6 H15 N2 O2 1'  147.195 
MET   'L-peptide linking' y METHIONINE                                            ?     'C5 H11 N O2 S'   149.211 
PHE   'L-peptide linking' y PHENYLALANINE                                         ?     'C9 H11 N O2'     165.189 
PRO   'L-peptide linking' y PROLINE                                               ?     'C5 H9 N O2'      115.130 
SER   'L-peptide linking' y SERINE                                                ?     'C3 H7 N O3'      105.093 
THR   'L-peptide linking' y THREONINE                                             ?     'C4 H9 N O3'      119.119 
TRP   'L-peptide linking' y TRYPTOPHAN                                            ?     'C11 H12 N2 O2'   204.225 
TYR   'L-peptide linking' y TYROSINE                                              ?     'C9 H11 N O3'     181.189 
VAL   'L-peptide linking' y VALINE                                                ?     'C5 H11 N O2'     117.146 
# 
loop_
_pdbx_poly_seq_scheme.asym_id 
_pdbx_poly_seq_scheme.entity_id 
_pdbx_poly_seq_scheme.seq_id 
_pdbx_poly_seq_scheme.mon_id 
_pdbx_poly_seq_scheme.ndb_seq_num 
_pdbx_poly_seq_scheme.pdb_seq_num 
_pdbx_poly_seq_scheme.auth_seq_num 
_pdbx_poly_seq_scheme.pdb_mon_id 
_pdbx_poly_seq_scheme.auth_mon_id 
_pdbx_poly_seq_scheme.pdb_strand_id 
_pdbx_poly_seq_scheme.pdb_ins_code 
_pdbx_poly_seq_scheme.hetero 
A 1 1   LEU 1   217 ?   ?   ?   A . n 
A 1 2   LEU 2   218 218 LEU LEU A . n 
A 1 3   LYS 3   219 219 LYS LYS A . n 
A 1 4   TYR 4   220 220 TYR TYR A . n 
A 1 5   ASN 5   221 221 ASN ASN A . n 
A 1 6   VAL 6   222 222 VAL VAL A . n 
A 1 7   GLY 7   223 223 GLY GLY A . n 
A 1 8   ASP 8   224 224 ASP ASP A . n 
A 1 9   LEU 9   225 225 LEU LEU A . n 
A 1 10  VAL 10  226 226 VAL VAL A . n 
A 1 11  TRP 11  227 227 TRP TRP A . n 
A 1 12  SER 12  228 228 SER SER A . n 
A 1 13  LYS 13  229 229 LYS LYS A . n 
A 1 14  VAL 14  230 230 VAL VAL A . n 
A 1 15  SER 15  231 231 SER SER A . n 
A 1 16  GLY 16  232 232 GLY GLY A . n 
A 1 17  TYR 17  233 233 TYR TYR A . n 
A 1 18  PRO 18  234 234 PRO PRO A . n 
A 1 19  TRP 19  235 235 TRP TRP A . n 
A 1 20  TRP 20  236 236 TRP TRP A . n 
A 1 21  PRO 21  237 237 PRO PRO A . n 
A 1 22  CYS 22  238 238 CYS CYS A . n 
A 1 23  MET 23  239 239 MET MET A . n 
A 1 24  VAL 24  240 240 VAL VAL A . n 
A 1 25  SER 25  241 241 SER SER A . n 
A 1 26  ALA 26  242 242 ALA ALA A . n 
A 1 27  ASP 27  243 243 ASP ASP A . n 
A 1 28  PRO 28  244 244 PRO PRO A . n 
A 1 29  LEU 29  245 245 LEU LEU A . n 
A 1 30  LEU 30  246 246 LEU LEU A . n 
A 1 31  HIS 31  247 247 HIS HIS A . n 
A 1 32  SER 32  248 248 SER SER A . n 
A 1 33  TYR 33  249 249 TYR TYR A . n 
A 1 34  THR 34  250 250 THR THR A . n 
A 1 35  LYS 35  251 251 LYS LYS A . n 
A 1 36  LEU 36  252 252 LEU LEU A . n 
A 1 37  LYS 37  253 253 LYS LYS A . n 
A 1 38  GLY 38  254 ?   ?   ?   A . n 
A 1 39  GLN 39  255 ?   ?   ?   A . n 
A 1 40  LYS 40  256 ?   ?   ?   A . n 
A 1 41  LYS 41  257 ?   ?   ?   A . n 
A 1 42  SER 42  258 ?   ?   ?   A . n 
A 1 43  ALA 43  259 259 ALA ALA A . n 
A 1 44  ARG 44  260 260 ARG ARG A . n 
A 1 45  GLN 45  261 261 GLN GLN A . n 
A 1 46  TYR 46  262 262 TYR TYR A . n 
A 1 47  HIS 47  263 263 HIS HIS A . n 
A 1 48  VAL 48  264 264 VAL VAL A . n 
A 1 49  GLN 49  265 265 GLN GLN A . n 
A 1 50  PHE 50  266 266 PHE PHE A . n 
A 1 51  PHE 51  267 267 PHE PHE A . n 
A 1 52  GLY 52  268 268 GLY GLY A . n 
A 1 53  ASP 53  269 269 ASP ASP A . n 
A 1 54  ALA 54  270 270 ALA ALA A . n 
A 1 55  PRO 55  271 271 PRO PRO A . n 
A 1 56  GLU 56  272 272 GLU GLU A . n 
A 1 57  ARG 57  273 273 ARG ARG A . n 
A 1 58  ALA 58  274 274 ALA ALA A . n 
A 1 59  TRP 59  275 275 TRP TRP A . n 
A 1 60  ILE 60  276 276 ILE ILE A . n 
A 1 61  PHE 61  277 277 PHE PHE A . n 
A 1 62  GLU 62  278 278 GLU GLU A . n 
A 1 63  LYS 63  279 279 LYS LYS A . n 
A 1 64  SER 64  280 280 SER SER A . n 
A 1 65  LEU 65  281 281 LEU LEU A . n 
A 1 66  VAL 66  282 282 VAL VAL A . n 
A 1 67  ALA 67  283 283 ALA ALA A . n 
A 1 68  PHE 68  284 284 PHE PHE A . n 
A 1 69  GLU 69  285 285 GLU GLU A . n 
A 1 70  GLY 70  286 286 GLY GLY A . n 
A 1 71  GLU 71  287 287 GLU GLU A . n 
A 1 72  GLY 72  288 288 GLY GLY A . n 
A 1 73  GLN 73  289 289 GLN GLN A . n 
A 1 74  PHE 74  290 290 PHE PHE A . n 
A 1 75  GLU 75  291 291 GLU GLU A . n 
A 1 76  LYS 76  292 292 LYS LYS A . n 
A 1 77  LEU 77  293 293 LEU LEU A . n 
A 1 78  CYS 78  294 294 CYS CYS A . n 
A 1 79  GLN 79  295 295 GLN GLN A . n 
A 1 80  GLU 80  296 296 GLU GLU A . n 
A 1 81  SER 81  297 297 SER SER A . n 
A 1 82  ALA 82  298 298 ALA ALA A . n 
A 1 83  LYS 83  299 299 LYS LYS A . n 
A 1 84  GLN 84  300 300 GLN GLN A . n 
A 1 85  ALA 85  301 301 ALA ALA A . n 
A 1 86  PRO 86  302 302 PRO PRO A . n 
A 1 87  THR 87  303 ?   ?   ?   A . n 
A 1 88  LYS 88  304 ?   ?   ?   A . n 
A 1 89  ALA 89  305 305 ALA ALA A . n 
A 1 90  GLU 90  306 306 GLU GLU A . n 
A 1 91  LYS 91  307 307 LYS LYS A . n 
A 1 92  ILE 92  308 308 ILE ILE A . n 
A 1 93  LYS 93  309 309 LYS LYS A . n 
A 1 94  LEU 94  310 310 LEU LEU A . n 
A 1 95  LEU 95  311 311 LEU LEU A . n 
A 1 96  LYS 96  312 312 LYS LYS A . n 
A 1 97  PRO 97  313 313 PRO PRO A . n 
A 1 98  ILE 98  314 314 ILE ILE A . n 
A 1 99  SER 99  315 315 SER SER A . n 
A 1 100 GLY 100 316 316 GLY GLY A . n 
A 1 101 LYS 101 317 317 LYS LYS A . n 
A 1 102 LEU 102 318 318 LEU LEU A . n 
A 1 103 ARG 103 319 319 ARG ARG A . n 
A 1 104 ALA 104 320 320 ALA ALA A . n 
A 1 105 GLN 105 321 321 GLN GLN A . n 
A 1 106 TRP 106 322 322 TRP TRP A . n 
A 1 107 GLU 107 323 323 GLU GLU A . n 
A 1 108 MET 108 324 324 MET MET A . n 
A 1 109 GLY 109 325 325 GLY GLY A . n 
A 1 110 ILE 110 326 326 ILE ILE A . n 
A 1 111 VAL 111 327 327 VAL VAL A . n 
A 1 112 GLN 112 328 328 GLN GLN A . n 
A 1 113 ALA 113 329 329 ALA ALA A . n 
A 1 114 GLU 114 330 330 GLU GLU A . n 
A 1 115 GLU 115 331 331 GLU GLU A . n 
A 1 116 ALA 116 332 332 ALA ALA A . n 
A 1 117 ALA 117 333 333 ALA ALA A . n 
A 1 118 SER 118 334 334 SER SER A . n 
A 1 119 MET 119 335 335 MET MET A . n 
A 1 120 SER 120 336 336 SER SER A . n 
A 1 121 VAL 121 337 337 VAL VAL A . n 
A 1 122 GLU 122 338 338 GLU GLU A . n 
A 1 123 GLU 123 339 339 GLU GLU A . n 
A 1 124 ARG 124 340 340 ARG ARG A . n 
A 1 125 LYS 125 341 341 LYS LYS A . n 
A 1 126 ALA 126 342 342 ALA ALA A . n 
A 1 127 LYS 127 343 343 LYS LYS A . n 
A 1 128 PHE 128 344 344 PHE PHE A . n 
A 1 129 THR 129 345 345 THR THR A . n 
A 1 130 PHE 130 346 346 PHE PHE A . n 
A 1 131 LEU 131 347 347 LEU LEU A . n 
A 1 132 TYR 132 348 348 TYR TYR A . n 
A 1 133 VAL 133 349 349 VAL VAL A . n 
# 
_pdbx_entity_instance_feature.ordinal        1 
_pdbx_entity_instance_feature.comp_id        A1EF7 
_pdbx_entity_instance_feature.asym_id        ? 
_pdbx_entity_instance_feature.seq_num        ? 
_pdbx_entity_instance_feature.auth_comp_id   A1EF7 
_pdbx_entity_instance_feature.auth_asym_id   ? 
_pdbx_entity_instance_feature.auth_seq_num   ? 
_pdbx_entity_instance_feature.feature_type   'SUBJECT OF INVESTIGATION' 
_pdbx_entity_instance_feature.details        ? 
# 
loop_
_pdbx_nonpoly_scheme.asym_id 
_pdbx_nonpoly_scheme.entity_id 
_pdbx_nonpoly_scheme.mon_id 
_pdbx_nonpoly_scheme.ndb_seq_num 
_pdbx_nonpoly_scheme.pdb_seq_num 
_pdbx_nonpoly_scheme.auth_seq_num 
_pdbx_nonpoly_scheme.pdb_mon_id 
_pdbx_nonpoly_scheme.auth_mon_id 
_pdbx_nonpoly_scheme.pdb_strand_id 
_pdbx_nonpoly_scheme.pdb_ins_code 
B 2 EPE   1  501 501 EPE   EPE A . 
C 3 A1EF7 1  502 401 A1EF7 C93 A . 
D 4 HOH   1  601 37  HOH   HOH A . 
D 4 HOH   2  602 50  HOH   HOH A . 
D 4 HOH   3  603 78  HOH   HOH A . 
D 4 HOH   4  604 57  HOH   HOH A . 
D 4 HOH   5  605 25  HOH   HOH A . 
D 4 HOH   6  606 28  HOH   HOH A . 
D 4 HOH   7  607 36  HOH   HOH A . 
D 4 HOH   8  608 2   HOH   HOH A . 
D 4 HOH   9  609 19  HOH   HOH A . 
D 4 HOH   10 610 33  HOH   HOH A . 
D 4 HOH   11 611 16  HOH   HOH A . 
D 4 HOH   12 612 27  HOH   HOH A . 
D 4 HOH   13 613 17  HOH   HOH A . 
D 4 HOH   14 614 13  HOH   HOH A . 
D 4 HOH   15 615 40  HOH   HOH A . 
D 4 HOH   16 616 41  HOH   HOH A . 
D 4 HOH   17 617 9   HOH   HOH A . 
D 4 HOH   18 618 30  HOH   HOH A . 
D 4 HOH   19 619 6   HOH   HOH A . 
D 4 HOH   20 620 11  HOH   HOH A . 
D 4 HOH   21 621 38  HOH   HOH A . 
D 4 HOH   22 622 34  HOH   HOH A . 
D 4 HOH   23 623 22  HOH   HOH A . 
D 4 HOH   24 624 4   HOH   HOH A . 
D 4 HOH   25 625 18  HOH   HOH A . 
D 4 HOH   26 626 5   HOH   HOH A . 
D 4 HOH   27 627 45  HOH   HOH A . 
D 4 HOH   28 628 82  HOH   HOH A . 
D 4 HOH   29 629 93  HOH   HOH A . 
D 4 HOH   30 630 49  HOH   HOH A . 
D 4 HOH   31 631 51  HOH   HOH A . 
D 4 HOH   32 632 1   HOH   HOH A . 
D 4 HOH   33 633 20  HOH   HOH A . 
D 4 HOH   34 634 14  HOH   HOH A . 
D 4 HOH   35 635 90  HOH   HOH A . 
D 4 HOH   36 636 26  HOH   HOH A . 
D 4 HOH   37 637 87  HOH   HOH A . 
D 4 HOH   38 638 43  HOH   HOH A . 
D 4 HOH   39 639 53  HOH   HOH A . 
D 4 HOH   40 640 76  HOH   HOH A . 
D 4 HOH   41 641 8   HOH   HOH A . 
D 4 HOH   42 642 32  HOH   HOH A . 
D 4 HOH   43 643 58  HOH   HOH A . 
D 4 HOH   44 644 67  HOH   HOH A . 
D 4 HOH   45 645 29  HOH   HOH A . 
D 4 HOH   46 646 21  HOH   HOH A . 
D 4 HOH   47 647 23  HOH   HOH A . 
D 4 HOH   48 648 10  HOH   HOH A . 
D 4 HOH   49 649 7   HOH   HOH A . 
D 4 HOH   50 650 59  HOH   HOH A . 
D 4 HOH   51 651 39  HOH   HOH A . 
D 4 HOH   52 652 47  HOH   HOH A . 
D 4 HOH   53 653 15  HOH   HOH A . 
D 4 HOH   54 654 12  HOH   HOH A . 
D 4 HOH   55 655 54  HOH   HOH A . 
D 4 HOH   56 656 3   HOH   HOH A . 
D 4 HOH   57 657 56  HOH   HOH A . 
D 4 HOH   58 658 63  HOH   HOH A . 
D 4 HOH   59 659 77  HOH   HOH A . 
D 4 HOH   60 660 24  HOH   HOH A . 
D 4 HOH   61 661 81  HOH   HOH A . 
D 4 HOH   62 662 61  HOH   HOH A . 
D 4 HOH   63 663 80  HOH   HOH A . 
D 4 HOH   64 664 79  HOH   HOH A . 
D 4 HOH   65 665 52  HOH   HOH A . 
D 4 HOH   66 666 69  HOH   HOH A . 
D 4 HOH   67 667 48  HOH   HOH A . 
D 4 HOH   68 668 64  HOH   HOH A . 
D 4 HOH   69 669 86  HOH   HOH A . 
D 4 HOH   70 670 83  HOH   HOH A . 
D 4 HOH   71 671 60  HOH   HOH A . 
D 4 HOH   72 672 73  HOH   HOH A . 
D 4 HOH   73 673 88  HOH   HOH A . 
D 4 HOH   74 674 55  HOH   HOH A . 
D 4 HOH   75 675 72  HOH   HOH A . 
D 4 HOH   76 676 75  HOH   HOH A . 
D 4 HOH   77 677 44  HOH   HOH A . 
D 4 HOH   78 678 35  HOH   HOH A . 
D 4 HOH   79 679 70  HOH   HOH A . 
D 4 HOH   80 680 68  HOH   HOH A . 
D 4 HOH   81 681 31  HOH   HOH A . 
D 4 HOH   82 682 74  HOH   HOH A . 
D 4 HOH   83 683 89  HOH   HOH A . 
D 4 HOH   84 684 71  HOH   HOH A . 
D 4 HOH   85 685 91  HOH   HOH A . 
D 4 HOH   86 686 65  HOH   HOH A . 
D 4 HOH   87 687 66  HOH   HOH A . 
D 4 HOH   88 688 42  HOH   HOH A . 
D 4 HOH   89 689 85  HOH   HOH A . 
D 4 HOH   90 690 84  HOH   HOH A . 
# 
loop_
_pdbx_unobs_or_zero_occ_atoms.id 
_pdbx_unobs_or_zero_occ_atoms.PDB_model_num 
_pdbx_unobs_or_zero_occ_atoms.polymer_flag 
_pdbx_unobs_or_zero_occ_atoms.occupancy_flag 
_pdbx_unobs_or_zero_occ_atoms.auth_asym_id 
_pdbx_unobs_or_zero_occ_atoms.auth_comp_id 
_pdbx_unobs_or_zero_occ_atoms.auth_seq_id 
_pdbx_unobs_or_zero_occ_atoms.PDB_ins_code 
_pdbx_unobs_or_zero_occ_atoms.auth_atom_id 
_pdbx_unobs_or_zero_occ_atoms.label_alt_id 
_pdbx_unobs_or_zero_occ_atoms.label_asym_id 
_pdbx_unobs_or_zero_occ_atoms.label_comp_id 
_pdbx_unobs_or_zero_occ_atoms.label_seq_id 
_pdbx_unobs_or_zero_occ_atoms.label_atom_id 
1  1 Y 1 A LYS 219 ? CE  ? A LYS 3   CE  
2  1 Y 1 A LYS 219 ? NZ  ? A LYS 3   NZ  
3  1 Y 1 A LEU 245 ? CD2 ? A LEU 29  CD2 
4  1 Y 1 A LYS 253 ? CD  ? A LYS 37  CD  
5  1 Y 1 A LYS 253 ? CE  ? A LYS 37  CE  
6  1 Y 1 A LYS 253 ? NZ  ? A LYS 37  NZ  
7  1 Y 1 A ALA 259 ? N   ? A ALA 43  N   
8  1 Y 1 A ALA 259 ? CA  ? A ALA 43  CA  
9  1 Y 1 A ALA 259 ? CB  ? A ALA 43  CB  
10 1 Y 1 A GLU 278 ? OE1 ? A GLU 62  OE1 
11 1 Y 1 A GLU 278 ? OE2 ? A GLU 62  OE2 
12 1 Y 1 A LYS 279 ? CD  ? A LYS 63  CD  
13 1 Y 1 A LYS 279 ? CE  ? A LYS 63  CE  
14 1 Y 1 A LYS 279 ? NZ  ? A LYS 63  NZ  
15 1 Y 1 A GLU 285 ? CD  ? A GLU 69  CD  
16 1 Y 1 A GLU 285 ? OE1 ? A GLU 69  OE1 
17 1 Y 1 A GLU 285 ? OE2 ? A GLU 69  OE2 
18 1 Y 1 A GLU 291 ? CG  ? A GLU 75  CG  
19 1 Y 1 A GLU 291 ? CD  ? A GLU 75  CD  
20 1 Y 1 A GLU 291 ? OE1 ? A GLU 75  OE1 
21 1 Y 1 A GLU 291 ? OE2 ? A GLU 75  OE2 
22 1 Y 1 A LYS 292 ? CD  ? A LYS 76  CD  
23 1 Y 1 A LYS 292 ? CE  ? A LYS 76  CE  
24 1 Y 1 A LYS 292 ? NZ  ? A LYS 76  NZ  
25 1 Y 1 A GLN 295 ? OE1 ? A GLN 79  OE1 
26 1 Y 1 A GLN 295 ? NE2 ? A GLN 79  NE2 
27 1 Y 1 A GLU 296 ? OE1 ? A GLU 80  OE1 
28 1 Y 1 A GLU 296 ? OE2 ? A GLU 80  OE2 
29 1 Y 1 A LYS 299 ? CG  ? A LYS 83  CG  
30 1 Y 1 A LYS 299 ? CD  ? A LYS 83  CD  
31 1 Y 1 A LYS 299 ? CE  ? A LYS 83  CE  
32 1 Y 1 A LYS 299 ? NZ  ? A LYS 83  NZ  
33 1 Y 1 A GLN 300 ? CG  ? A GLN 84  CG  
34 1 Y 1 A GLN 300 ? CD  ? A GLN 84  CD  
35 1 Y 1 A GLN 300 ? OE1 ? A GLN 84  OE1 
36 1 Y 1 A GLN 300 ? NE2 ? A GLN 84  NE2 
37 1 Y 1 A PRO 302 ? CB  ? A PRO 86  CB  
38 1 Y 1 A PRO 302 ? CG  ? A PRO 86  CG  
39 1 Y 1 A PRO 302 ? CD  ? A PRO 86  CD  
40 1 Y 1 A GLU 306 ? CG  ? A GLU 90  CG  
41 1 Y 1 A GLU 306 ? CD  ? A GLU 90  CD  
42 1 Y 1 A GLU 306 ? OE1 ? A GLU 90  OE1 
43 1 Y 1 A GLU 306 ? OE2 ? A GLU 90  OE2 
44 1 Y 1 A ILE 308 ? CG1 ? A ILE 92  CG1 
45 1 Y 1 A ILE 308 ? CD1 ? A ILE 92  CD1 
46 1 Y 1 A LYS 309 ? CE  ? A LYS 93  CE  
47 1 Y 1 A LYS 309 ? NZ  ? A LYS 93  NZ  
48 1 Y 1 A LEU 310 ? CB  ? A LEU 94  CB  
49 1 Y 1 A LEU 310 ? CG  ? A LEU 94  CG  
50 1 Y 1 A LEU 310 ? CD1 ? A LEU 94  CD1 
51 1 Y 1 A LEU 310 ? CD2 ? A LEU 94  CD2 
52 1 Y 1 A LYS 317 ? NZ  ? A LYS 101 NZ  
53 1 Y 1 A VAL 337 ? CG1 ? A VAL 121 CG1 
54 1 Y 1 A LYS 341 ? NZ  ? A LYS 125 NZ  
55 1 Y 1 A VAL 349 ? CG1 ? A VAL 133 CG1 
56 1 Y 1 A VAL 349 ? CG2 ? A VAL 133 CG2 
# 
loop_
_software.citation_id 
_software.classification 
_software.compiler_name 
_software.compiler_version 
_software.contact_author 
_software.contact_author_email 
_software.date 
_software.description 
_software.dependencies 
_software.hardware 
_software.language 
_software.location 
_software.mods 
_software.name 
_software.os 
_software.os_version 
_software.type 
_software.version 
_software.pdbx_ordinal 
? refinement       ? ? ? ? ? ? ? ? ? ? ? PHENIX ? ? ? '(1.20.1_4487: ???)' 1 
? 'data reduction' ? ? ? ? ? ? ? ? ? ? ? XDS    ? ? ? .                    2 
? 'data scaling'   ? ? ? ? ? ? ? ? ? ? ? XDS    ? ? ? .                    3 
? phasing          ? ? ? ? ? ? ? ? ? ? ? PHASER ? ? ? .                    4 
# 
_cell.angle_alpha                  90.00 
_cell.angle_alpha_esd              ? 
_cell.angle_beta                   90.00 
_cell.angle_beta_esd               ? 
_cell.angle_gamma                  120.00 
_cell.angle_gamma_esd              ? 
_cell.entry_id                     9KNB 
_cell.details                      ? 
_cell.formula_units_Z              ? 
_cell.length_a                     55.731 
_cell.length_a_esd                 ? 
_cell.length_b                     55.731 
_cell.length_b_esd                 ? 
_cell.length_c                     40.448 
_cell.length_c_esd                 ? 
_cell.volume                       ? 
_cell.volume_esd                   ? 
_cell.Z_PDB                        3 
_cell.reciprocal_angle_alpha       ? 
_cell.reciprocal_angle_beta        ? 
_cell.reciprocal_angle_gamma       ? 
_cell.reciprocal_angle_alpha_esd   ? 
_cell.reciprocal_angle_beta_esd    ? 
_cell.reciprocal_angle_gamma_esd   ? 
_cell.reciprocal_length_a          ? 
_cell.reciprocal_length_b          ? 
_cell.reciprocal_length_c          ? 
_cell.reciprocal_length_a_esd      ? 
_cell.reciprocal_length_b_esd      ? 
_cell.reciprocal_length_c_esd      ? 
_cell.pdbx_unique_axis             ? 
_cell.pdbx_esd_method              ? 
# 
_symmetry.entry_id                         9KNB 
_symmetry.cell_setting                     ? 
_symmetry.Int_Tables_number                145 
_symmetry.space_group_name_Hall            ? 
_symmetry.space_group_name_H-M             'P 32' 
_symmetry.pdbx_full_space_group_name_H-M   ? 
# 
_exptl.absorpt_coefficient_mu     ? 
_exptl.absorpt_correction_T_max   ? 
_exptl.absorpt_correction_T_min   ? 
_exptl.absorpt_correction_type    ? 
_exptl.absorpt_process_details    ? 
_exptl.entry_id                   9KNB 
_exptl.crystals_number            1 
_exptl.details                    ? 
_exptl.method                     'X-RAY DIFFRACTION' 
_exptl.method_details             ? 
# 
_exptl_crystal.colour                       ? 
_exptl_crystal.density_diffrn               ? 
_exptl_crystal.density_Matthews             2.38 
_exptl_crystal.density_method               ? 
_exptl_crystal.density_percent_sol          48.31 
_exptl_crystal.description                  ? 
_exptl_crystal.F_000                        ? 
_exptl_crystal.id                           1 
_exptl_crystal.preparation                  ? 
_exptl_crystal.size_max                     ? 
_exptl_crystal.size_mid                     ? 
_exptl_crystal.size_min                     ? 
_exptl_crystal.size_rad                     ? 
_exptl_crystal.colour_lustre                ? 
_exptl_crystal.colour_modifier              ? 
_exptl_crystal.colour_primary               ? 
_exptl_crystal.density_meas                 ? 
_exptl_crystal.density_meas_esd             ? 
_exptl_crystal.density_meas_gt              ? 
_exptl_crystal.density_meas_lt              ? 
_exptl_crystal.density_meas_temp            ? 
_exptl_crystal.density_meas_temp_esd        ? 
_exptl_crystal.density_meas_temp_gt         ? 
_exptl_crystal.density_meas_temp_lt         ? 
_exptl_crystal.pdbx_crystal_image_url       ? 
_exptl_crystal.pdbx_crystal_image_format    ? 
_exptl_crystal.pdbx_mosaicity               ? 
_exptl_crystal.pdbx_mosaicity_esd           ? 
_exptl_crystal.pdbx_mosaic_method           ? 
_exptl_crystal.pdbx_mosaic_block_size       ? 
_exptl_crystal.pdbx_mosaic_block_size_esd   ? 
# 
_exptl_crystal_grow.apparatus       ? 
_exptl_crystal_grow.atmosphere      ? 
_exptl_crystal_grow.crystal_id      1 
_exptl_crystal_grow.details         ? 
_exptl_crystal_grow.method          'VAPOR DIFFUSION, HANGING DROP' 
_exptl_crystal_grow.method_ref      ? 
_exptl_crystal_grow.pH              ? 
_exptl_crystal_grow.pressure        ? 
_exptl_crystal_grow.pressure_esd    ? 
_exptl_crystal_grow.seeding         ? 
_exptl_crystal_grow.seeding_ref     ? 
_exptl_crystal_grow.temp_details    ? 
_exptl_crystal_grow.temp_esd        ? 
_exptl_crystal_grow.time            ? 
_exptl_crystal_grow.pdbx_details    '0.2 M sodium formate and 20% (m/v) PEG3350' 
_exptl_crystal_grow.pdbx_pH_range   ? 
_exptl_crystal_grow.temp            292 
# 
_diffrn.ambient_environment              ? 
_diffrn.ambient_temp                     100 
_diffrn.ambient_temp_details             ? 
_diffrn.ambient_temp_esd                 ? 
_diffrn.crystal_id                       1 
_diffrn.crystal_support                  ? 
_diffrn.crystal_treatment                ? 
_diffrn.details                          ? 
_diffrn.id                               1 
_diffrn.ambient_pressure                 ? 
_diffrn.ambient_pressure_esd             ? 
_diffrn.ambient_pressure_gt              ? 
_diffrn.ambient_pressure_lt              ? 
_diffrn.ambient_temp_gt                  ? 
_diffrn.ambient_temp_lt                  ? 
_diffrn.pdbx_serial_crystal_experiment   N 
# 
_diffrn_detector.details                      ? 
_diffrn_detector.detector                     PIXEL 
_diffrn_detector.diffrn_id                    1 
_diffrn_detector.type                         'DECTRIS EIGER X 16M' 
_diffrn_detector.area_resol_mean              ? 
_diffrn_detector.dtime                        ? 
_diffrn_detector.pdbx_frames_total            ? 
_diffrn_detector.pdbx_collection_time_total   ? 
_diffrn_detector.pdbx_collection_date         2024-03-17 
_diffrn_detector.pdbx_frequency               ? 
_diffrn_detector.id                           ? 
_diffrn_detector.number_of_axes               ? 
# 
_diffrn_radiation.collimation                      ? 
_diffrn_radiation.diffrn_id                        1 
_diffrn_radiation.filter_edge                      ? 
_diffrn_radiation.inhomogeneity                    ? 
_diffrn_radiation.monochromator                    ? 
_diffrn_radiation.polarisn_norm                    ? 
_diffrn_radiation.polarisn_ratio                   ? 
_diffrn_radiation.probe                            ? 
_diffrn_radiation.type                             ? 
_diffrn_radiation.xray_symbol                      ? 
_diffrn_radiation.wavelength_id                    1 
_diffrn_radiation.pdbx_monochromatic_or_laue_m_l   M 
_diffrn_radiation.pdbx_wavelength_list             ? 
_diffrn_radiation.pdbx_wavelength                  ? 
_diffrn_radiation.pdbx_diffrn_protocol             'SINGLE WAVELENGTH' 
_diffrn_radiation.pdbx_analyzer                    ? 
_diffrn_radiation.pdbx_scattering_type             x-ray 
# 
_diffrn_radiation_wavelength.id           1 
_diffrn_radiation_wavelength.wavelength   0.97918 
_diffrn_radiation_wavelength.wt           1.0 
# 
_diffrn_source.current                     ? 
_diffrn_source.details                     ? 
_diffrn_source.diffrn_id                   1 
_diffrn_source.power                       ? 
_diffrn_source.size                        ? 
_diffrn_source.source                      SYNCHROTRON 
_diffrn_source.target                      ? 
_diffrn_source.type                        'SSRF BEAMLINE BL10U2' 
_diffrn_source.voltage                     ? 
_diffrn_source.take-off_angle              ? 
_diffrn_source.pdbx_wavelength_list        0.97918 
_diffrn_source.pdbx_wavelength             ? 
_diffrn_source.pdbx_synchrotron_beamline   BL10U2 
_diffrn_source.pdbx_synchrotron_site       SSRF 
# 
_reflns.B_iso_Wilson_estimate                          ? 
_reflns.entry_id                                       9KNB 
_reflns.data_reduction_details                         ? 
_reflns.data_reduction_method                          ? 
_reflns.d_resolution_high                              1.84 
_reflns.d_resolution_low                               24.13 
_reflns.details                                        ? 
_reflns.limit_h_max                                    ? 
_reflns.limit_h_min                                    ? 
_reflns.limit_k_max                                    ? 
_reflns.limit_k_min                                    ? 
_reflns.limit_l_max                                    ? 
_reflns.limit_l_min                                    ? 
_reflns.number_all                                     ? 
_reflns.number_obs                                     11388 
_reflns.observed_criterion                             ? 
_reflns.observed_criterion_F_max                       ? 
_reflns.observed_criterion_F_min                       ? 
_reflns.observed_criterion_I_max                       ? 
_reflns.observed_criterion_I_min                       ? 
_reflns.observed_criterion_sigma_F                     ? 
_reflns.observed_criterion_sigma_I                     ? 
_reflns.percent_possible_obs                           92.44 
_reflns.R_free_details                                 ? 
_reflns.Rmerge_F_all                                   ? 
_reflns.Rmerge_F_obs                                   ? 
_reflns.Friedel_coverage                               ? 
_reflns.number_gt                                      ? 
_reflns.threshold_expression                           ? 
_reflns.pdbx_redundancy                                9.1 
_reflns.pdbx_netI_over_av_sigmaI                       ? 
_reflns.pdbx_netI_over_sigmaI                          17.81 
_reflns.pdbx_res_netI_over_av_sigmaI_2                 ? 
_reflns.pdbx_res_netI_over_sigmaI_2                    ? 
_reflns.pdbx_chi_squared                               ? 
_reflns.pdbx_scaling_rejects                           ? 
_reflns.pdbx_d_res_high_opt                            ? 
_reflns.pdbx_d_res_low_opt                             ? 
_reflns.pdbx_d_res_opt_method                          ? 
_reflns.phase_calculation_details                      ? 
_reflns.pdbx_Rrim_I_all                                ? 
_reflns.pdbx_Rpim_I_all                                ? 
_reflns.pdbx_d_opt                                     ? 
_reflns.pdbx_number_measured_all                       ? 
_reflns.pdbx_diffrn_id                                 1 
_reflns.pdbx_ordinal                                   1 
_reflns.pdbx_CC_half                                   0.999 
_reflns.pdbx_CC_star                                   ? 
_reflns.pdbx_R_split                                   ? 
_reflns.pdbx_Rmerge_I_obs                              ? 
_reflns.pdbx_Rmerge_I_all                              ? 
_reflns.pdbx_Rsym_value                                ? 
_reflns.pdbx_CC_split_method                           ? 
_reflns.pdbx_aniso_diffraction_limit_axis_1_ortho[1]   ? 
_reflns.pdbx_aniso_diffraction_limit_axis_1_ortho[2]   ? 
_reflns.pdbx_aniso_diffraction_limit_axis_1_ortho[3]   ? 
_reflns.pdbx_aniso_diffraction_limit_axis_2_ortho[1]   ? 
_reflns.pdbx_aniso_diffraction_limit_axis_2_ortho[2]   ? 
_reflns.pdbx_aniso_diffraction_limit_axis_2_ortho[3]   ? 
_reflns.pdbx_aniso_diffraction_limit_axis_3_ortho[1]   ? 
_reflns.pdbx_aniso_diffraction_limit_axis_3_ortho[2]   ? 
_reflns.pdbx_aniso_diffraction_limit_axis_3_ortho[3]   ? 
_reflns.pdbx_aniso_diffraction_limit_1                 ? 
_reflns.pdbx_aniso_diffraction_limit_2                 ? 
_reflns.pdbx_aniso_diffraction_limit_3                 ? 
_reflns.pdbx_aniso_B_tensor_eigenvector_1_ortho[1]     ? 
_reflns.pdbx_aniso_B_tensor_eigenvector_1_ortho[2]     ? 
_reflns.pdbx_aniso_B_tensor_eigenvector_1_ortho[3]     ? 
_reflns.pdbx_aniso_B_tensor_eigenvector_2_ortho[1]     ? 
_reflns.pdbx_aniso_B_tensor_eigenvector_2_ortho[2]     ? 
_reflns.pdbx_aniso_B_tensor_eigenvector_2_ortho[3]     ? 
_reflns.pdbx_aniso_B_tensor_eigenvector_3_ortho[1]     ? 
_reflns.pdbx_aniso_B_tensor_eigenvector_3_ortho[2]     ? 
_reflns.pdbx_aniso_B_tensor_eigenvector_3_ortho[3]     ? 
_reflns.pdbx_aniso_B_tensor_eigenvalue_1               ? 
_reflns.pdbx_aniso_B_tensor_eigenvalue_2               ? 
_reflns.pdbx_aniso_B_tensor_eigenvalue_3               ? 
_reflns.pdbx_orthogonalization_convention              ? 
_reflns.pdbx_percent_possible_ellipsoidal              ? 
_reflns.pdbx_percent_possible_spherical                ? 
_reflns.pdbx_percent_possible_ellipsoidal_anomalous    ? 
_reflns.pdbx_percent_possible_spherical_anomalous      ? 
_reflns.pdbx_redundancy_anomalous                      ? 
_reflns.pdbx_CC_half_anomalous                         ? 
_reflns.pdbx_absDiff_over_sigma_anomalous              ? 
_reflns.pdbx_percent_possible_anomalous                ? 
_reflns.pdbx_observed_signal_threshold                 ? 
_reflns.pdbx_signal_type                               ? 
_reflns.pdbx_signal_details                            ? 
_reflns.pdbx_signal_software_id                        ? 
# 
_reflns_shell.d_res_high                                    1.844 
_reflns_shell.d_res_low                                     1.909 
_reflns_shell.meanI_over_sigI_all                           ? 
_reflns_shell.meanI_over_sigI_obs                           ? 
_reflns_shell.number_measured_all                           ? 
_reflns_shell.number_measured_obs                           ? 
_reflns_shell.number_possible                               ? 
_reflns_shell.number_unique_all                             ? 
_reflns_shell.number_unique_obs                             6484 
_reflns_shell.percent_possible_obs                          ? 
_reflns_shell.Rmerge_F_all                                  ? 
_reflns_shell.Rmerge_F_obs                                  ? 
_reflns_shell.meanI_over_sigI_gt                            ? 
_reflns_shell.meanI_over_uI_all                             ? 
_reflns_shell.meanI_over_uI_gt                              ? 
_reflns_shell.number_measured_gt                            ? 
_reflns_shell.number_unique_gt                              ? 
_reflns_shell.percent_possible_gt                           ? 
_reflns_shell.Rmerge_F_gt                                   ? 
_reflns_shell.Rmerge_I_gt                                   ? 
_reflns_shell.pdbx_redundancy                               ? 
_reflns_shell.pdbx_chi_squared                              ? 
_reflns_shell.pdbx_netI_over_sigmaI_all                     ? 
_reflns_shell.pdbx_netI_over_sigmaI_obs                     ? 
_reflns_shell.pdbx_Rrim_I_all                               ? 
_reflns_shell.pdbx_Rpim_I_all                               ? 
_reflns_shell.pdbx_rejects                                  ? 
_reflns_shell.pdbx_ordinal                                  1 
_reflns_shell.pdbx_diffrn_id                                1 
_reflns_shell.pdbx_CC_half                                  0.428 
_reflns_shell.pdbx_CC_star                                  ? 
_reflns_shell.pdbx_R_split                                  ? 
_reflns_shell.percent_possible_all                          ? 
_reflns_shell.Rmerge_I_all                                  ? 
_reflns_shell.Rmerge_I_obs                                  ? 
_reflns_shell.pdbx_Rsym_value                               ? 
_reflns_shell.pdbx_percent_possible_ellipsoidal             ? 
_reflns_shell.pdbx_percent_possible_spherical               ? 
_reflns_shell.pdbx_percent_possible_ellipsoidal_anomalous   ? 
_reflns_shell.pdbx_percent_possible_spherical_anomalous     ? 
_reflns_shell.pdbx_redundancy_anomalous                     ? 
_reflns_shell.pdbx_CC_half_anomalous                        ? 
_reflns_shell.pdbx_absDiff_over_sigma_anomalous             ? 
_reflns_shell.pdbx_percent_possible_anomalous               ? 
# 
_refine.aniso_B[1][1]                            ? 
_refine.aniso_B[1][2]                            ? 
_refine.aniso_B[1][3]                            ? 
_refine.aniso_B[2][2]                            ? 
_refine.aniso_B[2][3]                            ? 
_refine.aniso_B[3][3]                            ? 
_refine.B_iso_max                                ? 
_refine.B_iso_mean                               ? 
_refine.B_iso_min                                ? 
_refine.correlation_coeff_Fo_to_Fc               ? 
_refine.correlation_coeff_Fo_to_Fc_free          ? 
_refine.details                                  ? 
_refine.diff_density_max                         ? 
_refine.diff_density_max_esd                     ? 
_refine.diff_density_min                         ? 
_refine.diff_density_min_esd                     ? 
_refine.diff_density_rms                         ? 
_refine.diff_density_rms_esd                     ? 
_refine.entry_id                                 9KNB 
_refine.pdbx_refine_id                           'X-RAY DIFFRACTION' 
_refine.ls_abs_structure_details                 ? 
_refine.ls_abs_structure_Flack                   ? 
_refine.ls_abs_structure_Flack_esd               ? 
_refine.ls_abs_structure_Rogers                  ? 
_refine.ls_abs_structure_Rogers_esd              ? 
_refine.ls_d_res_high                            1.84 
_refine.ls_d_res_low                             24.13 
_refine.ls_extinction_coef                       ? 
_refine.ls_extinction_coef_esd                   ? 
_refine.ls_extinction_expression                 ? 
_refine.ls_extinction_method                     ? 
_refine.ls_goodness_of_fit_all                   ? 
_refine.ls_goodness_of_fit_all_esd               ? 
_refine.ls_goodness_of_fit_obs                   ? 
_refine.ls_goodness_of_fit_obs_esd               ? 
_refine.ls_hydrogen_treatment                    ? 
_refine.ls_matrix_type                           ? 
_refine.ls_number_constraints                    ? 
_refine.ls_number_parameters                     ? 
_refine.ls_number_reflns_all                     ? 
_refine.ls_number_reflns_obs                     11219 
_refine.ls_number_reflns_R_free                  547 
_refine.ls_number_reflns_R_work                  ? 
_refine.ls_number_restraints                     ? 
_refine.ls_percent_reflns_obs                    92.47 
_refine.ls_percent_reflns_R_free                 4.88 
_refine.ls_R_factor_all                          ? 
_refine.ls_R_factor_obs                          0.2356 
_refine.ls_R_factor_R_free                       0.2752 
_refine.ls_R_factor_R_free_error                 ? 
_refine.ls_R_factor_R_free_error_details         ? 
_refine.ls_R_factor_R_work                       0.2336 
_refine.ls_R_Fsqd_factor_obs                     ? 
_refine.ls_R_I_factor_obs                        ? 
_refine.ls_redundancy_reflns_all                 ? 
_refine.ls_redundancy_reflns_obs                 ? 
_refine.ls_restrained_S_all                      ? 
_refine.ls_restrained_S_obs                      ? 
_refine.ls_shift_over_esd_max                    ? 
_refine.ls_shift_over_esd_mean                   ? 
_refine.ls_structure_factor_coef                 ? 
_refine.ls_weighting_details                     ? 
_refine.ls_weighting_scheme                      ? 
_refine.ls_wR_factor_all                         ? 
_refine.ls_wR_factor_obs                         ? 
_refine.ls_wR_factor_R_free                      ? 
_refine.ls_wR_factor_R_work                      ? 
_refine.occupancy_max                            ? 
_refine.occupancy_min                            ? 
_refine.solvent_model_details                    'FLAT BULK SOLVENT MODEL' 
_refine.solvent_model_param_bsol                 ? 
_refine.solvent_model_param_ksol                 ? 
_refine.pdbx_R_complete                          ? 
_refine.ls_R_factor_gt                           ? 
_refine.ls_goodness_of_fit_gt                    ? 
_refine.ls_goodness_of_fit_ref                   ? 
_refine.ls_shift_over_su_max                     ? 
_refine.ls_shift_over_su_max_lt                  ? 
_refine.ls_shift_over_su_mean                    ? 
_refine.ls_shift_over_su_mean_lt                 ? 
_refine.pdbx_ls_sigma_I                          ? 
_refine.pdbx_ls_sigma_F                          1.96 
_refine.pdbx_ls_sigma_Fsqd                       ? 
_refine.pdbx_data_cutoff_high_absF               ? 
_refine.pdbx_data_cutoff_high_rms_absF           ? 
_refine.pdbx_data_cutoff_low_absF                ? 
_refine.pdbx_isotropic_thermal_model             ? 
_refine.pdbx_ls_cross_valid_method               'FREE R-VALUE' 
_refine.pdbx_method_to_determine_struct          'MOLECULAR REPLACEMENT' 
_refine.pdbx_starting_model                      ? 
_refine.pdbx_stereochemistry_target_values       ML 
_refine.pdbx_R_Free_selection_details            ? 
_refine.pdbx_stereochem_target_val_spec_case     ? 
_refine.pdbx_overall_ESU_R                       ? 
_refine.pdbx_overall_ESU_R_Free                  ? 
_refine.pdbx_solvent_vdw_probe_radii             1.10 
_refine.pdbx_solvent_ion_probe_radii             ? 
_refine.pdbx_solvent_shrinkage_radii             0.90 
_refine.pdbx_real_space_R                        ? 
_refine.pdbx_density_correlation                 ? 
_refine.pdbx_pd_number_of_powder_patterns        ? 
_refine.pdbx_pd_number_of_points                 ? 
_refine.pdbx_pd_meas_number_of_points            ? 
_refine.pdbx_pd_proc_ls_prof_R_factor            ? 
_refine.pdbx_pd_proc_ls_prof_wR_factor           ? 
_refine.pdbx_pd_Marquardt_correlation_coeff      ? 
_refine.pdbx_pd_Fsqrd_R_factor                   ? 
_refine.pdbx_pd_ls_matrix_band_width             ? 
_refine.pdbx_overall_phase_error                 41.51 
_refine.pdbx_overall_SU_R_free_Cruickshank_DPI   ? 
_refine.pdbx_overall_SU_R_free_Blow_DPI          ? 
_refine.pdbx_overall_SU_R_Blow_DPI               ? 
_refine.pdbx_TLS_residual_ADP_flag               ? 
_refine.pdbx_diffrn_id                           1 
_refine.overall_SU_B                             ? 
_refine.overall_SU_ML                            0.10 
_refine.overall_SU_R_Cruickshank_DPI             ? 
_refine.overall_SU_R_free                        ? 
_refine.overall_FOM_free_R_set                   ? 
_refine.overall_FOM_work_R_set                   ? 
_refine.pdbx_average_fsc_overall                 ? 
_refine.pdbx_average_fsc_work                    ? 
_refine.pdbx_average_fsc_free                    ? 
# 
_refine_hist.pdbx_refine_id                   'X-RAY DIFFRACTION' 
_refine_hist.cycle_id                         LAST 
_refine_hist.details                          ? 
_refine_hist.d_res_high                       1.84 
_refine_hist.d_res_low                        24.13 
_refine_hist.number_atoms_solvent             90 
_refine_hist.number_atoms_total               1080 
_refine_hist.number_reflns_all                ? 
_refine_hist.number_reflns_obs                ? 
_refine_hist.number_reflns_R_free             ? 
_refine_hist.number_reflns_R_work             ? 
_refine_hist.R_factor_all                     ? 
_refine_hist.R_factor_obs                     ? 
_refine_hist.R_factor_R_free                  ? 
_refine_hist.R_factor_R_work                  ? 
_refine_hist.pdbx_number_residues_total       ? 
_refine_hist.pdbx_B_iso_mean_ligand           ? 
_refine_hist.pdbx_B_iso_mean_solvent          ? 
_refine_hist.pdbx_number_atoms_protein        975 
_refine_hist.pdbx_number_atoms_nucleic_acid   0 
_refine_hist.pdbx_number_atoms_ligand         15 
_refine_hist.pdbx_number_atoms_lipid          ? 
_refine_hist.pdbx_number_atoms_carb           ? 
_refine_hist.pdbx_pseudo_atom_details         ? 
# 
loop_
_refine_ls_restr.pdbx_refine_id 
_refine_ls_restr.criterion 
_refine_ls_restr.dev_ideal 
_refine_ls_restr.dev_ideal_target 
_refine_ls_restr.number 
_refine_ls_restr.rejects 
_refine_ls_restr.type 
_refine_ls_restr.weight 
_refine_ls_restr.pdbx_restraint_function 
'X-RAY DIFFRACTION' ? 0.012  ? ?   ? f_bond_d           ? ? 
'X-RAY DIFFRACTION' ? 1.562  ? ?   ? f_angle_d          ? ? 
'X-RAY DIFFRACTION' ? 10.530 ? 142 ? f_dihedral_angle_d ? ? 
'X-RAY DIFFRACTION' ? 0.065  ? 136 ? f_chiral_restr     ? ? 
'X-RAY DIFFRACTION' ? 0.010  ? 168 ? f_plane_restr      ? ? 
# 
loop_
_refine_ls_shell.pdbx_refine_id 
_refine_ls_shell.d_res_high 
_refine_ls_shell.d_res_low 
_refine_ls_shell.number_reflns_all 
_refine_ls_shell.number_reflns_obs 
_refine_ls_shell.number_reflns_R_free 
_refine_ls_shell.number_reflns_R_work 
_refine_ls_shell.percent_reflns_obs 
_refine_ls_shell.percent_reflns_R_free 
_refine_ls_shell.R_factor_all 
_refine_ls_shell.R_factor_obs 
_refine_ls_shell.R_factor_R_free_error 
_refine_ls_shell.R_factor_R_work 
_refine_ls_shell.redundancy_reflns_all 
_refine_ls_shell.redundancy_reflns_obs 
_refine_ls_shell.wR_factor_all 
_refine_ls_shell.wR_factor_obs 
_refine_ls_shell.wR_factor_R_free 
_refine_ls_shell.wR_factor_R_work 
_refine_ls_shell.pdbx_R_complete 
_refine_ls_shell.pdbx_total_number_of_bins_used 
_refine_ls_shell.pdbx_phase_error 
_refine_ls_shell.pdbx_fsc_work 
_refine_ls_shell.pdbx_fsc_free 
_refine_ls_shell.R_factor_R_free 
'X-RAY DIFFRACTION' 1.84 2.03 . . 156 2359 83.00 . . . . 0.3497 . . . . . . . . . . . 0.3497 
'X-RAY DIFFRACTION' 2.03 2.32 . . 99  2753 94.00 . . . . 0.3344 . . . . . . . . . . . 0.3894 
'X-RAY DIFFRACTION' 2.32 2.92 . . 152 2798 98.00 . . . . 0.2961 . . . . . . . . . . . 0.3357 
'X-RAY DIFFRACTION' 2.93 9.8  . . 140 2762 96.00 . . . . 0.1727 . . . . . . . . . . . 0.2222 
# 
_struct.entry_id                     9KNB 
_struct.title                        'NSD2-PWWP1 domain bound with compound 9' 
_struct.pdbx_model_details           ? 
_struct.pdbx_formula_weight          ? 
_struct.pdbx_formula_weight_method   ? 
_struct.pdbx_model_type_details      ? 
_struct.pdbx_CASP_flag               N 
# 
_struct_keywords.entry_id        9KNB 
_struct_keywords.text            'PWWP, TRANSFERASE' 
_struct_keywords.pdbx_keywords   TRANSFERASE 
# 
loop_
_struct_asym.id 
_struct_asym.pdbx_blank_PDB_chainid_flag 
_struct_asym.pdbx_modified 
_struct_asym.entity_id 
_struct_asym.details 
A N N 1 ? 
B N N 2 ? 
C N N 3 ? 
D N N 4 ? 
# 
_struct_ref.id                         1 
_struct_ref.db_name                    UNP 
_struct_ref.db_code                    NSD2_HUMAN 
_struct_ref.pdbx_db_accession          O96028 
_struct_ref.pdbx_db_isoform            ? 
_struct_ref.entity_id                  1 
_struct_ref.pdbx_seq_one_letter_code   
;LLKYNVGDLVWSKVSGYPWWPCMVSADPLLHSYTKLKGQKKSARQYHVQFFGDAPERAWIFEKSLVAFEGEGQFEKLCQE
SAKQAPTKAEKIKLLKPISGKLRAQWEMGIVQAEEAASMSVEERKAKFTFLYV
;
_struct_ref.pdbx_align_begin           217 
# 
_struct_ref_seq.align_id                      1 
_struct_ref_seq.ref_id                        1 
_struct_ref_seq.pdbx_PDB_id_code              9KNB 
_struct_ref_seq.pdbx_strand_id                A 
_struct_ref_seq.seq_align_beg                 1 
_struct_ref_seq.pdbx_seq_align_beg_ins_code   ? 
_struct_ref_seq.seq_align_end                 133 
_struct_ref_seq.pdbx_seq_align_end_ins_code   ? 
_struct_ref_seq.pdbx_db_accession             O96028 
_struct_ref_seq.db_align_beg                  217 
_struct_ref_seq.pdbx_db_align_beg_ins_code    ? 
_struct_ref_seq.db_align_end                  349 
_struct_ref_seq.pdbx_db_align_end_ins_code    ? 
_struct_ref_seq.pdbx_auth_seq_align_beg       217 
_struct_ref_seq.pdbx_auth_seq_align_end       349 
# 
_pdbx_struct_assembly.id                   1 
_pdbx_struct_assembly.details              author_defined_assembly 
_pdbx_struct_assembly.method_details       ? 
_pdbx_struct_assembly.oligomeric_details   monomeric 
_pdbx_struct_assembly.oligomeric_count     1 
# 
_pdbx_struct_assembly_gen.assembly_id       1 
_pdbx_struct_assembly_gen.oper_expression   1 
_pdbx_struct_assembly_gen.asym_id_list      A,B,C,D 
# 
_pdbx_struct_assembly_auth_evidence.id                     1 
_pdbx_struct_assembly_auth_evidence.assembly_id            1 
_pdbx_struct_assembly_auth_evidence.experimental_support   none 
_pdbx_struct_assembly_auth_evidence.details                ? 
# 
_pdbx_struct_oper_list.id                   1 
_pdbx_struct_oper_list.type                 'identity operation' 
_pdbx_struct_oper_list.name                 1_555 
_pdbx_struct_oper_list.symmetry_operation   x,y,z 
_pdbx_struct_oper_list.matrix[1][1]         1.0000000000 
_pdbx_struct_oper_list.matrix[1][2]         0.0000000000 
_pdbx_struct_oper_list.matrix[1][3]         0.0000000000 
_pdbx_struct_oper_list.vector[1]            0.0000000000 
_pdbx_struct_oper_list.matrix[2][1]         0.0000000000 
_pdbx_struct_oper_list.matrix[2][2]         1.0000000000 
_pdbx_struct_oper_list.matrix[2][3]         0.0000000000 
_pdbx_struct_oper_list.vector[2]            0.0000000000 
_pdbx_struct_oper_list.matrix[3][1]         0.0000000000 
_pdbx_struct_oper_list.matrix[3][2]         0.0000000000 
_pdbx_struct_oper_list.matrix[3][3]         1.0000000000 
_pdbx_struct_oper_list.vector[3]            0.0000000000 
# 
loop_
_struct_conf.conf_type_id 
_struct_conf.id 
_struct_conf.pdbx_PDB_helix_id 
_struct_conf.beg_label_comp_id 
_struct_conf.beg_label_asym_id 
_struct_conf.beg_label_seq_id 
_struct_conf.pdbx_beg_PDB_ins_code 
_struct_conf.end_label_comp_id 
_struct_conf.end_label_asym_id 
_struct_conf.end_label_seq_id 
_struct_conf.pdbx_end_PDB_ins_code 
_struct_conf.beg_auth_comp_id 
_struct_conf.beg_auth_asym_id 
_struct_conf.beg_auth_seq_id 
_struct_conf.end_auth_comp_id 
_struct_conf.end_auth_asym_id 
_struct_conf.end_auth_seq_id 
_struct_conf.pdbx_PDB_helix_class 
_struct_conf.details 
_struct_conf.pdbx_PDB_helix_length 
HELX_P HELX_P1 AA1 GLY A 70  ? GLY A 72  ? GLY A 286 GLY A 288 5 ? 3  
HELX_P HELX_P2 AA2 GLN A 73  ? GLN A 84  ? GLN A 289 GLN A 300 1 ? 12 
HELX_P HELX_P3 AA3 GLU A 90  ? LEU A 94  ? GLU A 306 LEU A 310 1 ? 5  
HELX_P HELX_P4 AA4 SER A 99  ? MET A 119 ? SER A 315 MET A 335 1 ? 21 
HELX_P HELX_P5 AA5 SER A 120 ? THR A 129 ? SER A 336 THR A 345 1 ? 10 
# 
_struct_conf_type.id          HELX_P 
_struct_conf_type.criteria    ? 
_struct_conf_type.reference   ? 
# 
_struct_conn.id                            covale1 
_struct_conn.conn_type_id                  covale 
_struct_conn.pdbx_leaving_atom_flag        none 
_struct_conn.pdbx_PDB_id                   ? 
_struct_conn.ptnr1_label_asym_id           A 
_struct_conn.ptnr1_label_comp_id           CYS 
_struct_conn.ptnr1_label_seq_id            78 
_struct_conn.ptnr1_label_atom_id           SG 
_struct_conn.pdbx_ptnr1_label_alt_id       ? 
_struct_conn.pdbx_ptnr1_PDB_ins_code       ? 
_struct_conn.pdbx_ptnr1_standard_comp_id   ? 
_struct_conn.ptnr1_symmetry                1_555 
_struct_conn.ptnr2_label_asym_id           C 
_struct_conn.ptnr2_label_comp_id           A1EF7 
_struct_conn.ptnr2_label_seq_id            . 
_struct_conn.ptnr2_label_atom_id           SE01 
_struct_conn.pdbx_ptnr2_label_alt_id       ? 
_struct_conn.pdbx_ptnr2_PDB_ins_code       ? 
_struct_conn.ptnr1_auth_asym_id            A 
_struct_conn.ptnr1_auth_comp_id            CYS 
_struct_conn.ptnr1_auth_seq_id             294 
_struct_conn.ptnr2_auth_asym_id            A 
_struct_conn.ptnr2_auth_comp_id            A1EF7 
_struct_conn.ptnr2_auth_seq_id             502 
_struct_conn.ptnr2_symmetry                1_555 
_struct_conn.pdbx_ptnr3_label_atom_id      ? 
_struct_conn.pdbx_ptnr3_label_seq_id       ? 
_struct_conn.pdbx_ptnr3_label_comp_id      ? 
_struct_conn.pdbx_ptnr3_label_asym_id      ? 
_struct_conn.pdbx_ptnr3_label_alt_id       ? 
_struct_conn.pdbx_ptnr3_PDB_ins_code       ? 
_struct_conn.details                       ? 
_struct_conn.pdbx_dist_value               2.231 
_struct_conn.pdbx_value_order              ? 
_struct_conn.pdbx_role                     ? 
# 
_struct_conn_type.id          covale 
_struct_conn_type.criteria    ? 
_struct_conn_type.reference   ? 
# 
_pdbx_modification_feature.ordinal                            1 
_pdbx_modification_feature.label_comp_id                      A1EF7 
_pdbx_modification_feature.label_asym_id                      C 
_pdbx_modification_feature.label_seq_id                       . 
_pdbx_modification_feature.label_alt_id                       ? 
_pdbx_modification_feature.modified_residue_label_comp_id     CYS 
_pdbx_modification_feature.modified_residue_label_asym_id     A 
_pdbx_modification_feature.modified_residue_label_seq_id      78 
_pdbx_modification_feature.modified_residue_label_alt_id      ? 
_pdbx_modification_feature.auth_comp_id                       A1EF7 
_pdbx_modification_feature.auth_asym_id                       A 
_pdbx_modification_feature.auth_seq_id                        502 
_pdbx_modification_feature.PDB_ins_code                       ? 
_pdbx_modification_feature.symmetry                           1_555 
_pdbx_modification_feature.modified_residue_auth_comp_id      CYS 
_pdbx_modification_feature.modified_residue_auth_asym_id      A 
_pdbx_modification_feature.modified_residue_auth_seq_id       294 
_pdbx_modification_feature.modified_residue_PDB_ins_code      ? 
_pdbx_modification_feature.modified_residue_symmetry          1_555 
_pdbx_modification_feature.comp_id_linking_atom               SE01 
_pdbx_modification_feature.modified_residue_id_linking_atom   SG 
_pdbx_modification_feature.modified_residue_id                CYS 
_pdbx_modification_feature.ref_pcm_id                         1 
_pdbx_modification_feature.ref_comp_id                        A1EF7 
_pdbx_modification_feature.type                               None 
_pdbx_modification_feature.category                           'Covalent chemical modification' 
# 
loop_
_struct_sheet.id 
_struct_sheet.type 
_struct_sheet.number_strands 
_struct_sheet.details 
AA1 ? 3 ? 
AA2 ? 5 ? 
# 
loop_
_struct_sheet_order.sheet_id 
_struct_sheet_order.range_id_1 
_struct_sheet_order.range_id_2 
_struct_sheet_order.offset 
_struct_sheet_order.sense 
AA1 1 2 ? anti-parallel 
AA1 2 3 ? anti-parallel 
AA2 1 2 ? anti-parallel 
AA2 2 3 ? anti-parallel 
AA2 3 4 ? anti-parallel 
AA2 4 5 ? anti-parallel 
# 
loop_
_struct_sheet_range.sheet_id 
_struct_sheet_range.id 
_struct_sheet_range.beg_label_comp_id 
_struct_sheet_range.beg_label_asym_id 
_struct_sheet_range.beg_label_seq_id 
_struct_sheet_range.pdbx_beg_PDB_ins_code 
_struct_sheet_range.end_label_comp_id 
_struct_sheet_range.end_label_asym_id 
_struct_sheet_range.end_label_seq_id 
_struct_sheet_range.pdbx_end_PDB_ins_code 
_struct_sheet_range.beg_auth_comp_id 
_struct_sheet_range.beg_auth_asym_id 
_struct_sheet_range.beg_auth_seq_id 
_struct_sheet_range.end_auth_comp_id 
_struct_sheet_range.end_auth_asym_id 
_struct_sheet_range.end_auth_seq_id 
AA1 1 THR A 34 ? LYS A 35 ? THR A 250 LYS A 251 
AA1 2 GLN A 45 ? PHE A 50 ? GLN A 261 PHE A 266 
AA1 3 GLU A 56 ? PHE A 61 ? GLU A 272 PHE A 277 
AA2 1 THR A 34 ? LYS A 35 ? THR A 250 LYS A 251 
AA2 2 GLN A 45 ? PHE A 50 ? GLN A 261 PHE A 266 
AA2 3 TRP A 20 ? VAL A 24 ? TRP A 236 VAL A 240 
AA2 4 LEU A 9  ? SER A 12 ? LEU A 225 SER A 228 
AA2 5 LEU A 65 ? ALA A 67 ? LEU A 281 ALA A 283 
# 
loop_
_pdbx_struct_sheet_hbond.sheet_id 
_pdbx_struct_sheet_hbond.range_id_1 
_pdbx_struct_sheet_hbond.range_id_2 
_pdbx_struct_sheet_hbond.range_1_label_atom_id 
_pdbx_struct_sheet_hbond.range_1_label_comp_id 
_pdbx_struct_sheet_hbond.range_1_label_asym_id 
_pdbx_struct_sheet_hbond.range_1_label_seq_id 
_pdbx_struct_sheet_hbond.range_1_PDB_ins_code 
_pdbx_struct_sheet_hbond.range_1_auth_atom_id 
_pdbx_struct_sheet_hbond.range_1_auth_comp_id 
_pdbx_struct_sheet_hbond.range_1_auth_asym_id 
_pdbx_struct_sheet_hbond.range_1_auth_seq_id 
_pdbx_struct_sheet_hbond.range_2_label_atom_id 
_pdbx_struct_sheet_hbond.range_2_label_comp_id 
_pdbx_struct_sheet_hbond.range_2_label_asym_id 
_pdbx_struct_sheet_hbond.range_2_label_seq_id 
_pdbx_struct_sheet_hbond.range_2_PDB_ins_code 
_pdbx_struct_sheet_hbond.range_2_auth_atom_id 
_pdbx_struct_sheet_hbond.range_2_auth_comp_id 
_pdbx_struct_sheet_hbond.range_2_auth_asym_id 
_pdbx_struct_sheet_hbond.range_2_auth_seq_id 
AA1 1 2 N LYS A 35 ? N LYS A 251 O GLN A 45 ? O GLN A 261 
AA1 2 3 N TYR A 46 ? N TYR A 262 O ILE A 60 ? O ILE A 276 
AA2 1 2 N LYS A 35 ? N LYS A 251 O GLN A 45 ? O GLN A 261 
AA2 2 3 O GLN A 49 ? O GLN A 265 N MET A 23 ? N MET A 239 
AA2 3 4 O TRP A 20 ? O TRP A 236 N SER A 12 ? N SER A 228 
AA2 4 5 N TRP A 11 ? N TRP A 227 O VAL A 66 ? O VAL A 282 
# 
_pdbx_entry_details.entry_id                   9KNB 
_pdbx_entry_details.nonpolymer_details         ? 
_pdbx_entry_details.sequence_details           ? 
_pdbx_entry_details.compound_details           ? 
_pdbx_entry_details.source_details             ? 
_pdbx_entry_details.has_ligand_of_interest     Y 
_pdbx_entry_details.has_protein_modification   Y 
# 
loop_
_pdbx_validate_close_contact.id 
_pdbx_validate_close_contact.PDB_model_num 
_pdbx_validate_close_contact.auth_atom_id_1 
_pdbx_validate_close_contact.auth_asym_id_1 
_pdbx_validate_close_contact.auth_comp_id_1 
_pdbx_validate_close_contact.auth_seq_id_1 
_pdbx_validate_close_contact.PDB_ins_code_1 
_pdbx_validate_close_contact.label_alt_id_1 
_pdbx_validate_close_contact.auth_atom_id_2 
_pdbx_validate_close_contact.auth_asym_id_2 
_pdbx_validate_close_contact.auth_comp_id_2 
_pdbx_validate_close_contact.auth_seq_id_2 
_pdbx_validate_close_contact.PDB_ins_code_2 
_pdbx_validate_close_contact.label_alt_id_2 
_pdbx_validate_close_contact.dist 
1 1 O A HOH 619 ? ? O A HOH 660 ? ? 2.16 
2 1 O A GLN 300 ? ? O A HOH 601 ? ? 2.17 
# 
_pdbx_validate_rmsd_bond.id                        1 
_pdbx_validate_rmsd_bond.PDB_model_num             1 
_pdbx_validate_rmsd_bond.auth_atom_id_1            CB 
_pdbx_validate_rmsd_bond.auth_asym_id_1            A 
_pdbx_validate_rmsd_bond.auth_comp_id_1            CYS 
_pdbx_validate_rmsd_bond.auth_seq_id_1             238 
_pdbx_validate_rmsd_bond.PDB_ins_code_1            ? 
_pdbx_validate_rmsd_bond.label_alt_id_1            ? 
_pdbx_validate_rmsd_bond.auth_atom_id_2            SG 
_pdbx_validate_rmsd_bond.auth_asym_id_2            A 
_pdbx_validate_rmsd_bond.auth_comp_id_2            CYS 
_pdbx_validate_rmsd_bond.auth_seq_id_2             238 
_pdbx_validate_rmsd_bond.PDB_ins_code_2            ? 
_pdbx_validate_rmsd_bond.label_alt_id_2            ? 
_pdbx_validate_rmsd_bond.bond_value                1.709 
_pdbx_validate_rmsd_bond.bond_target_value         1.812 
_pdbx_validate_rmsd_bond.bond_deviation            -0.103 
_pdbx_validate_rmsd_bond.bond_standard_deviation   0.016 
_pdbx_validate_rmsd_bond.linker_flag               N 
# 
_pdbx_validate_rmsd_angle.id                         1 
_pdbx_validate_rmsd_angle.PDB_model_num              1 
_pdbx_validate_rmsd_angle.auth_atom_id_1             CB 
_pdbx_validate_rmsd_angle.auth_asym_id_1             A 
_pdbx_validate_rmsd_angle.auth_comp_id_1             LEU 
_pdbx_validate_rmsd_angle.auth_seq_id_1              311 
_pdbx_validate_rmsd_angle.PDB_ins_code_1             ? 
_pdbx_validate_rmsd_angle.label_alt_id_1             ? 
_pdbx_validate_rmsd_angle.auth_atom_id_2             CG 
_pdbx_validate_rmsd_angle.auth_asym_id_2             A 
_pdbx_validate_rmsd_angle.auth_comp_id_2             LEU 
_pdbx_validate_rmsd_angle.auth_seq_id_2              311 
_pdbx_validate_rmsd_angle.PDB_ins_code_2             ? 
_pdbx_validate_rmsd_angle.label_alt_id_2             ? 
_pdbx_validate_rmsd_angle.auth_atom_id_3             CD1 
_pdbx_validate_rmsd_angle.auth_asym_id_3             A 
_pdbx_validate_rmsd_angle.auth_comp_id_3             LEU 
_pdbx_validate_rmsd_angle.auth_seq_id_3              311 
_pdbx_validate_rmsd_angle.PDB_ins_code_3             ? 
_pdbx_validate_rmsd_angle.label_alt_id_3             ? 
_pdbx_validate_rmsd_angle.angle_value                96.92 
_pdbx_validate_rmsd_angle.angle_target_value         111.00 
_pdbx_validate_rmsd_angle.angle_deviation            -14.08 
_pdbx_validate_rmsd_angle.angle_standard_deviation   1.70 
_pdbx_validate_rmsd_angle.linker_flag                N 
# 
_pdbx_validate_torsion.id              1 
_pdbx_validate_torsion.PDB_model_num   1 
_pdbx_validate_torsion.auth_comp_id    LEU 
_pdbx_validate_torsion.auth_asym_id    A 
_pdbx_validate_torsion.auth_seq_id     310 
_pdbx_validate_torsion.PDB_ins_code    ? 
_pdbx_validate_torsion.label_alt_id    ? 
_pdbx_validate_torsion.phi             -49.34 
_pdbx_validate_torsion.psi             1.41 
# 
_pdbx_distant_solvent_atoms.id                                1 
_pdbx_distant_solvent_atoms.PDB_model_num                     1 
_pdbx_distant_solvent_atoms.auth_atom_id                      O 
_pdbx_distant_solvent_atoms.label_alt_id                      ? 
_pdbx_distant_solvent_atoms.auth_asym_id                      A 
_pdbx_distant_solvent_atoms.auth_comp_id                      HOH 
_pdbx_distant_solvent_atoms.auth_seq_id                       690 
_pdbx_distant_solvent_atoms.PDB_ins_code                      ? 
_pdbx_distant_solvent_atoms.neighbor_macromolecule_distance   5.85 
_pdbx_distant_solvent_atoms.neighbor_ligand_distance          . 
# 
loop_
_pdbx_unobs_or_zero_occ_residues.id 
_pdbx_unobs_or_zero_occ_residues.PDB_model_num 
_pdbx_unobs_or_zero_occ_residues.polymer_flag 
_pdbx_unobs_or_zero_occ_residues.occupancy_flag 
_pdbx_unobs_or_zero_occ_residues.auth_asym_id 
_pdbx_unobs_or_zero_occ_residues.auth_comp_id 
_pdbx_unobs_or_zero_occ_residues.auth_seq_id 
_pdbx_unobs_or_zero_occ_residues.PDB_ins_code 
_pdbx_unobs_or_zero_occ_residues.label_asym_id 
_pdbx_unobs_or_zero_occ_residues.label_comp_id 
_pdbx_unobs_or_zero_occ_residues.label_seq_id 
1 1 Y 1 A LEU 217 ? A LEU 1  
2 1 Y 1 A GLY 254 ? A GLY 38 
3 1 Y 1 A GLN 255 ? A GLN 39 
4 1 Y 1 A LYS 256 ? A LYS 40 
5 1 Y 1 A LYS 257 ? A LYS 41 
6 1 Y 1 A SER 258 ? A SER 42 
7 1 Y 1 A THR 303 ? A THR 87 
8 1 Y 1 A LYS 304 ? A LYS 88 
# 
loop_
_chem_comp_atom.comp_id 
_chem_comp_atom.atom_id 
_chem_comp_atom.type_symbol 
_chem_comp_atom.pdbx_aromatic_flag 
_chem_comp_atom.pdbx_stereo_config 
_chem_comp_atom.pdbx_ordinal 
A1EF7 C10  C  Y N 1   
A1EF7 C17  C  N N 2   
A1EF7 C15  C  Y N 3   
A1EF7 C14  C  Y N 4   
A1EF7 C02  C  Y N 5   
A1EF7 C03  C  Y N 6   
A1EF7 C04  C  Y N 7   
A1EF7 C05  C  Y N 8   
A1EF7 C06  C  Y N 9   
A1EF7 C07  C  Y N 10  
A1EF7 C08  C  N N 11  
A1EF7 C11  C  Y N 12  
A1EF7 C12  C  Y N 13  
A1EF7 C13  C  Y N 14  
A1EF7 N09  N  N N 15  
A1EF7 O16  O  N N 16  
A1EF7 O18  O  N N 17  
A1EF7 SE01 SE N N 18  
A1EF7 H1   H  N N 19  
A1EF7 H2   H  N N 20  
A1EF7 H3   H  N N 21  
A1EF7 H4   H  N N 22  
A1EF7 H5   H  N N 23  
A1EF7 H6   H  N N 24  
A1EF7 H7   H  N N 25  
A1EF7 H8   H  N N 26  
A1EF7 H9   H  N N 27  
A1EF7 H10  H  N N 28  
A1EF7 H11  H  N N 29  
A1EF7 H12  H  N N 30  
A1EF7 H13  H  N N 31  
ALA   N    N  N N 32  
ALA   CA   C  N S 33  
ALA   C    C  N N 34  
ALA   O    O  N N 35  
ALA   CB   C  N N 36  
ALA   OXT  O  N N 37  
ALA   H    H  N N 38  
ALA   H2   H  N N 39  
ALA   HA   H  N N 40  
ALA   HB1  H  N N 41  
ALA   HB2  H  N N 42  
ALA   HB3  H  N N 43  
ALA   HXT  H  N N 44  
ARG   N    N  N N 45  
ARG   CA   C  N S 46  
ARG   C    C  N N 47  
ARG   O    O  N N 48  
ARG   CB   C  N N 49  
ARG   CG   C  N N 50  
ARG   CD   C  N N 51  
ARG   NE   N  N N 52  
ARG   CZ   C  N N 53  
ARG   NH1  N  N N 54  
ARG   NH2  N  N N 55  
ARG   OXT  O  N N 56  
ARG   H    H  N N 57  
ARG   H2   H  N N 58  
ARG   HA   H  N N 59  
ARG   HB2  H  N N 60  
ARG   HB3  H  N N 61  
ARG   HG2  H  N N 62  
ARG   HG3  H  N N 63  
ARG   HD2  H  N N 64  
ARG   HD3  H  N N 65  
ARG   HE   H  N N 66  
ARG   HH11 H  N N 67  
ARG   HH12 H  N N 68  
ARG   HH21 H  N N 69  
ARG   HH22 H  N N 70  
ARG   HXT  H  N N 71  
ASN   N    N  N N 72  
ASN   CA   C  N S 73  
ASN   C    C  N N 74  
ASN   O    O  N N 75  
ASN   CB   C  N N 76  
ASN   CG   C  N N 77  
ASN   OD1  O  N N 78  
ASN   ND2  N  N N 79  
ASN   OXT  O  N N 80  
ASN   H    H  N N 81  
ASN   H2   H  N N 82  
ASN   HA   H  N N 83  
ASN   HB2  H  N N 84  
ASN   HB3  H  N N 85  
ASN   HD21 H  N N 86  
ASN   HD22 H  N N 87  
ASN   HXT  H  N N 88  
ASP   N    N  N N 89  
ASP   CA   C  N S 90  
ASP   C    C  N N 91  
ASP   O    O  N N 92  
ASP   CB   C  N N 93  
ASP   CG   C  N N 94  
ASP   OD1  O  N N 95  
ASP   OD2  O  N N 96  
ASP   OXT  O  N N 97  
ASP   H    H  N N 98  
ASP   H2   H  N N 99  
ASP   HA   H  N N 100 
ASP   HB2  H  N N 101 
ASP   HB3  H  N N 102 
ASP   HD2  H  N N 103 
ASP   HXT  H  N N 104 
CYS   N    N  N N 105 
CYS   CA   C  N R 106 
CYS   C    C  N N 107 
CYS   O    O  N N 108 
CYS   CB   C  N N 109 
CYS   SG   S  N N 110 
CYS   OXT  O  N N 111 
CYS   H    H  N N 112 
CYS   H2   H  N N 113 
CYS   HA   H  N N 114 
CYS   HB2  H  N N 115 
CYS   HB3  H  N N 116 
CYS   HG   H  N N 117 
CYS   HXT  H  N N 118 
EPE   N1   N  N N 119 
EPE   C2   C  N N 120 
EPE   C3   C  N N 121 
EPE   N4   N  N N 122 
EPE   C5   C  N N 123 
EPE   C6   C  N N 124 
EPE   C7   C  N N 125 
EPE   C8   C  N N 126 
EPE   O8   O  N N 127 
EPE   C9   C  N N 128 
EPE   C10  C  N N 129 
EPE   S    S  N N 130 
EPE   O1S  O  N N 131 
EPE   O2S  O  N N 132 
EPE   O3S  O  N N 133 
EPE   H21  H  N N 134 
EPE   H22  H  N N 135 
EPE   H31  H  N N 136 
EPE   H32  H  N N 137 
EPE   H51  H  N N 138 
EPE   H52  H  N N 139 
EPE   H61  H  N N 140 
EPE   H62  H  N N 141 
EPE   H71  H  N N 142 
EPE   H72  H  N N 143 
EPE   H81  H  N N 144 
EPE   H82  H  N N 145 
EPE   HO8  H  N N 146 
EPE   H91  H  N N 147 
EPE   H92  H  N N 148 
EPE   H101 H  N N 149 
EPE   H102 H  N N 150 
EPE   HOS3 H  N N 151 
GLN   N    N  N N 152 
GLN   CA   C  N S 153 
GLN   C    C  N N 154 
GLN   O    O  N N 155 
GLN   CB   C  N N 156 
GLN   CG   C  N N 157 
GLN   CD   C  N N 158 
GLN   OE1  O  N N 159 
GLN   NE2  N  N N 160 
GLN   OXT  O  N N 161 
GLN   H    H  N N 162 
GLN   H2   H  N N 163 
GLN   HA   H  N N 164 
GLN   HB2  H  N N 165 
GLN   HB3  H  N N 166 
GLN   HG2  H  N N 167 
GLN   HG3  H  N N 168 
GLN   HE21 H  N N 169 
GLN   HE22 H  N N 170 
GLN   HXT  H  N N 171 
GLU   N    N  N N 172 
GLU   CA   C  N S 173 
GLU   C    C  N N 174 
GLU   O    O  N N 175 
GLU   CB   C  N N 176 
GLU   CG   C  N N 177 
GLU   CD   C  N N 178 
GLU   OE1  O  N N 179 
GLU   OE2  O  N N 180 
GLU   OXT  O  N N 181 
GLU   H    H  N N 182 
GLU   H2   H  N N 183 
GLU   HA   H  N N 184 
GLU   HB2  H  N N 185 
GLU   HB3  H  N N 186 
GLU   HG2  H  N N 187 
GLU   HG3  H  N N 188 
GLU   HE2  H  N N 189 
GLU   HXT  H  N N 190 
GLY   N    N  N N 191 
GLY   CA   C  N N 192 
GLY   C    C  N N 193 
GLY   O    O  N N 194 
GLY   OXT  O  N N 195 
GLY   H    H  N N 196 
GLY   H2   H  N N 197 
GLY   HA2  H  N N 198 
GLY   HA3  H  N N 199 
GLY   HXT  H  N N 200 
HIS   N    N  N N 201 
HIS   CA   C  N S 202 
HIS   C    C  N N 203 
HIS   O    O  N N 204 
HIS   CB   C  N N 205 
HIS   CG   C  Y N 206 
HIS   ND1  N  Y N 207 
HIS   CD2  C  Y N 208 
HIS   CE1  C  Y N 209 
HIS   NE2  N  Y N 210 
HIS   OXT  O  N N 211 
HIS   H    H  N N 212 
HIS   H2   H  N N 213 
HIS   HA   H  N N 214 
HIS   HB2  H  N N 215 
HIS   HB3  H  N N 216 
HIS   HD1  H  N N 217 
HIS   HD2  H  N N 218 
HIS   HE1  H  N N 219 
HIS   HE2  H  N N 220 
HIS   HXT  H  N N 221 
HOH   O    O  N N 222 
HOH   H1   H  N N 223 
HOH   H2   H  N N 224 
ILE   N    N  N N 225 
ILE   CA   C  N S 226 
ILE   C    C  N N 227 
ILE   O    O  N N 228 
ILE   CB   C  N S 229 
ILE   CG1  C  N N 230 
ILE   CG2  C  N N 231 
ILE   CD1  C  N N 232 
ILE   OXT  O  N N 233 
ILE   H    H  N N 234 
ILE   H2   H  N N 235 
ILE   HA   H  N N 236 
ILE   HB   H  N N 237 
ILE   HG12 H  N N 238 
ILE   HG13 H  N N 239 
ILE   HG21 H  N N 240 
ILE   HG22 H  N N 241 
ILE   HG23 H  N N 242 
ILE   HD11 H  N N 243 
ILE   HD12 H  N N 244 
ILE   HD13 H  N N 245 
ILE   HXT  H  N N 246 
LEU   N    N  N N 247 
LEU   CA   C  N S 248 
LEU   C    C  N N 249 
LEU   O    O  N N 250 
LEU   CB   C  N N 251 
LEU   CG   C  N N 252 
LEU   CD1  C  N N 253 
LEU   CD2  C  N N 254 
LEU   OXT  O  N N 255 
LEU   H    H  N N 256 
LEU   H2   H  N N 257 
LEU   HA   H  N N 258 
LEU   HB2  H  N N 259 
LEU   HB3  H  N N 260 
LEU   HG   H  N N 261 
LEU   HD11 H  N N 262 
LEU   HD12 H  N N 263 
LEU   HD13 H  N N 264 
LEU   HD21 H  N N 265 
LEU   HD22 H  N N 266 
LEU   HD23 H  N N 267 
LEU   HXT  H  N N 268 
LYS   N    N  N N 269 
LYS   CA   C  N S 270 
LYS   C    C  N N 271 
LYS   O    O  N N 272 
LYS   CB   C  N N 273 
LYS   CG   C  N N 274 
LYS   CD   C  N N 275 
LYS   CE   C  N N 276 
LYS   NZ   N  N N 277 
LYS   OXT  O  N N 278 
LYS   H    H  N N 279 
LYS   H2   H  N N 280 
LYS   HA   H  N N 281 
LYS   HB2  H  N N 282 
LYS   HB3  H  N N 283 
LYS   HG2  H  N N 284 
LYS   HG3  H  N N 285 
LYS   HD2  H  N N 286 
LYS   HD3  H  N N 287 
LYS   HE2  H  N N 288 
LYS   HE3  H  N N 289 
LYS   HZ1  H  N N 290 
LYS   HZ2  H  N N 291 
LYS   HZ3  H  N N 292 
LYS   HXT  H  N N 293 
MET   N    N  N N 294 
MET   CA   C  N S 295 
MET   C    C  N N 296 
MET   O    O  N N 297 
MET   CB   C  N N 298 
MET   CG   C  N N 299 
MET   SD   S  N N 300 
MET   CE   C  N N 301 
MET   OXT  O  N N 302 
MET   H    H  N N 303 
MET   H2   H  N N 304 
MET   HA   H  N N 305 
MET   HB2  H  N N 306 
MET   HB3  H  N N 307 
MET   HG2  H  N N 308 
MET   HG3  H  N N 309 
MET   HE1  H  N N 310 
MET   HE2  H  N N 311 
MET   HE3  H  N N 312 
MET   HXT  H  N N 313 
PHE   N    N  N N 314 
PHE   CA   C  N S 315 
PHE   C    C  N N 316 
PHE   O    O  N N 317 
PHE   CB   C  N N 318 
PHE   CG   C  Y N 319 
PHE   CD1  C  Y N 320 
PHE   CD2  C  Y N 321 
PHE   CE1  C  Y N 322 
PHE   CE2  C  Y N 323 
PHE   CZ   C  Y N 324 
PHE   OXT  O  N N 325 
PHE   H    H  N N 326 
PHE   H2   H  N N 327 
PHE   HA   H  N N 328 
PHE   HB2  H  N N 329 
PHE   HB3  H  N N 330 
PHE   HD1  H  N N 331 
PHE   HD2  H  N N 332 
PHE   HE1  H  N N 333 
PHE   HE2  H  N N 334 
PHE   HZ   H  N N 335 
PHE   HXT  H  N N 336 
PRO   N    N  N N 337 
PRO   CA   C  N S 338 
PRO   C    C  N N 339 
PRO   O    O  N N 340 
PRO   CB   C  N N 341 
PRO   CG   C  N N 342 
PRO   CD   C  N N 343 
PRO   OXT  O  N N 344 
PRO   H    H  N N 345 
PRO   HA   H  N N 346 
PRO   HB2  H  N N 347 
PRO   HB3  H  N N 348 
PRO   HG2  H  N N 349 
PRO   HG3  H  N N 350 
PRO   HD2  H  N N 351 
PRO   HD3  H  N N 352 
PRO   HXT  H  N N 353 
SER   N    N  N N 354 
SER   CA   C  N S 355 
SER   C    C  N N 356 
SER   O    O  N N 357 
SER   CB   C  N N 358 
SER   OG   O  N N 359 
SER   OXT  O  N N 360 
SER   H    H  N N 361 
SER   H2   H  N N 362 
SER   HA   H  N N 363 
SER   HB2  H  N N 364 
SER   HB3  H  N N 365 
SER   HG   H  N N 366 
SER   HXT  H  N N 367 
THR   N    N  N N 368 
THR   CA   C  N S 369 
THR   C    C  N N 370 
THR   O    O  N N 371 
THR   CB   C  N R 372 
THR   OG1  O  N N 373 
THR   CG2  C  N N 374 
THR   OXT  O  N N 375 
THR   H    H  N N 376 
THR   H2   H  N N 377 
THR   HA   H  N N 378 
THR   HB   H  N N 379 
THR   HG1  H  N N 380 
THR   HG21 H  N N 381 
THR   HG22 H  N N 382 
THR   HG23 H  N N 383 
THR   HXT  H  N N 384 
TRP   N    N  N N 385 
TRP   CA   C  N S 386 
TRP   C    C  N N 387 
TRP   O    O  N N 388 
TRP   CB   C  N N 389 
TRP   CG   C  Y N 390 
TRP   CD1  C  Y N 391 
TRP   CD2  C  Y N 392 
TRP   NE1  N  Y N 393 
TRP   CE2  C  Y N 394 
TRP   CE3  C  Y N 395 
TRP   CZ2  C  Y N 396 
TRP   CZ3  C  Y N 397 
TRP   CH2  C  Y N 398 
TRP   OXT  O  N N 399 
TRP   H    H  N N 400 
TRP   H2   H  N N 401 
TRP   HA   H  N N 402 
TRP   HB2  H  N N 403 
TRP   HB3  H  N N 404 
TRP   HD1  H  N N 405 
TRP   HE1  H  N N 406 
TRP   HE3  H  N N 407 
TRP   HZ2  H  N N 408 
TRP   HZ3  H  N N 409 
TRP   HH2  H  N N 410 
TRP   HXT  H  N N 411 
TYR   N    N  N N 412 
TYR   CA   C  N S 413 
TYR   C    C  N N 414 
TYR   O    O  N N 415 
TYR   CB   C  N N 416 
TYR   CG   C  Y N 417 
TYR   CD1  C  Y N 418 
TYR   CD2  C  Y N 419 
TYR   CE1  C  Y N 420 
TYR   CE2  C  Y N 421 
TYR   CZ   C  Y N 422 
TYR   OH   O  N N 423 
TYR   OXT  O  N N 424 
TYR   H    H  N N 425 
TYR   H2   H  N N 426 
TYR   HA   H  N N 427 
TYR   HB2  H  N N 428 
TYR   HB3  H  N N 429 
TYR   HD1  H  N N 430 
TYR   HD2  H  N N 431 
TYR   HE1  H  N N 432 
TYR   HE2  H  N N 433 
TYR   HH   H  N N 434 
TYR   HXT  H  N N 435 
VAL   N    N  N N 436 
VAL   CA   C  N S 437 
VAL   C    C  N N 438 
VAL   O    O  N N 439 
VAL   CB   C  N N 440 
VAL   CG1  C  N N 441 
VAL   CG2  C  N N 442 
VAL   OXT  O  N N 443 
VAL   H    H  N N 444 
VAL   H2   H  N N 445 
VAL   HA   H  N N 446 
VAL   HB   H  N N 447 
VAL   HG11 H  N N 448 
VAL   HG12 H  N N 449 
VAL   HG13 H  N N 450 
VAL   HG21 H  N N 451 
VAL   HG22 H  N N 452 
VAL   HG23 H  N N 453 
VAL   HXT  H  N N 454 
# 
loop_
_chem_comp_bond.comp_id 
_chem_comp_bond.atom_id_1 
_chem_comp_bond.atom_id_2 
_chem_comp_bond.value_order 
_chem_comp_bond.pdbx_aromatic_flag 
_chem_comp_bond.pdbx_stereo_config 
_chem_comp_bond.pdbx_ordinal 
A1EF7 C03  C04  doub Y N 1   
A1EF7 C03  C02  sing Y N 2   
A1EF7 C04  C05  sing Y N 3   
A1EF7 SE01 C02  sing N N 4   
A1EF7 C02  C07  doub Y N 5   
A1EF7 C05  C06  doub Y N 6   
A1EF7 C07  C06  sing Y N 7   
A1EF7 C07  C08  sing N N 8   
A1EF7 C08  O18  doub N N 9   
A1EF7 C08  N09  sing N N 10  
A1EF7 C17  O16  sing N N 11  
A1EF7 N09  C10  sing N N 12  
A1EF7 O16  C15  sing N N 13  
A1EF7 C10  C15  doub Y N 14  
A1EF7 C10  C11  sing Y N 15  
A1EF7 C15  C14  sing Y N 16  
A1EF7 C11  C12  doub Y N 17  
A1EF7 C14  C13  doub Y N 18  
A1EF7 C12  C13  sing Y N 19  
A1EF7 C17  H1   sing N N 20  
A1EF7 C17  H2   sing N N 21  
A1EF7 C17  H3   sing N N 22  
A1EF7 C14  H4   sing N N 23  
A1EF7 C03  H5   sing N N 24  
A1EF7 C04  H6   sing N N 25  
A1EF7 C05  H7   sing N N 26  
A1EF7 C06  H8   sing N N 27  
A1EF7 C11  H9   sing N N 28  
A1EF7 C12  H10  sing N N 29  
A1EF7 C13  H11  sing N N 30  
A1EF7 N09  H12  sing N N 31  
A1EF7 SE01 H13  sing N N 32  
ALA   N    CA   sing N N 33  
ALA   N    H    sing N N 34  
ALA   N    H2   sing N N 35  
ALA   CA   C    sing N N 36  
ALA   CA   CB   sing N N 37  
ALA   CA   HA   sing N N 38  
ALA   C    O    doub N N 39  
ALA   C    OXT  sing N N 40  
ALA   CB   HB1  sing N N 41  
ALA   CB   HB2  sing N N 42  
ALA   CB   HB3  sing N N 43  
ALA   OXT  HXT  sing N N 44  
ARG   N    CA   sing N N 45  
ARG   N    H    sing N N 46  
ARG   N    H2   sing N N 47  
ARG   CA   C    sing N N 48  
ARG   CA   CB   sing N N 49  
ARG   CA   HA   sing N N 50  
ARG   C    O    doub N N 51  
ARG   C    OXT  sing N N 52  
ARG   CB   CG   sing N N 53  
ARG   CB   HB2  sing N N 54  
ARG   CB   HB3  sing N N 55  
ARG   CG   CD   sing N N 56  
ARG   CG   HG2  sing N N 57  
ARG   CG   HG3  sing N N 58  
ARG   CD   NE   sing N N 59  
ARG   CD   HD2  sing N N 60  
ARG   CD   HD3  sing N N 61  
ARG   NE   CZ   sing N N 62  
ARG   NE   HE   sing N N 63  
ARG   CZ   NH1  sing N N 64  
ARG   CZ   NH2  doub N N 65  
ARG   NH1  HH11 sing N N 66  
ARG   NH1  HH12 sing N N 67  
ARG   NH2  HH21 sing N N 68  
ARG   NH2  HH22 sing N N 69  
ARG   OXT  HXT  sing N N 70  
ASN   N    CA   sing N N 71  
ASN   N    H    sing N N 72  
ASN   N    H2   sing N N 73  
ASN   CA   C    sing N N 74  
ASN   CA   CB   sing N N 75  
ASN   CA   HA   sing N N 76  
ASN   C    O    doub N N 77  
ASN   C    OXT  sing N N 78  
ASN   CB   CG   sing N N 79  
ASN   CB   HB2  sing N N 80  
ASN   CB   HB3  sing N N 81  
ASN   CG   OD1  doub N N 82  
ASN   CG   ND2  sing N N 83  
ASN   ND2  HD21 sing N N 84  
ASN   ND2  HD22 sing N N 85  
ASN   OXT  HXT  sing N N 86  
ASP   N    CA   sing N N 87  
ASP   N    H    sing N N 88  
ASP   N    H2   sing N N 89  
ASP   CA   C    sing N N 90  
ASP   CA   CB   sing N N 91  
ASP   CA   HA   sing N N 92  
ASP   C    O    doub N N 93  
ASP   C    OXT  sing N N 94  
ASP   CB   CG   sing N N 95  
ASP   CB   HB2  sing N N 96  
ASP   CB   HB3  sing N N 97  
ASP   CG   OD1  doub N N 98  
ASP   CG   OD2  sing N N 99  
ASP   OD2  HD2  sing N N 100 
ASP   OXT  HXT  sing N N 101 
CYS   N    CA   sing N N 102 
CYS   N    H    sing N N 103 
CYS   N    H2   sing N N 104 
CYS   CA   C    sing N N 105 
CYS   CA   CB   sing N N 106 
CYS   CA   HA   sing N N 107 
CYS   C    O    doub N N 108 
CYS   C    OXT  sing N N 109 
CYS   CB   SG   sing N N 110 
CYS   CB   HB2  sing N N 111 
CYS   CB   HB3  sing N N 112 
CYS   SG   HG   sing N N 113 
CYS   OXT  HXT  sing N N 114 
EPE   N1   C2   sing N N 115 
EPE   N1   C6   sing N N 116 
EPE   N1   C9   sing N N 117 
EPE   C2   C3   sing N N 118 
EPE   C2   H21  sing N N 119 
EPE   C2   H22  sing N N 120 
EPE   C3   N4   sing N N 121 
EPE   C3   H31  sing N N 122 
EPE   C3   H32  sing N N 123 
EPE   N4   C5   sing N N 124 
EPE   N4   C7   sing N N 125 
EPE   C5   C6   sing N N 126 
EPE   C5   H51  sing N N 127 
EPE   C5   H52  sing N N 128 
EPE   C6   H61  sing N N 129 
EPE   C6   H62  sing N N 130 
EPE   C7   C8   sing N N 131 
EPE   C7   H71  sing N N 132 
EPE   C7   H72  sing N N 133 
EPE   C8   O8   sing N N 134 
EPE   C8   H81  sing N N 135 
EPE   C8   H82  sing N N 136 
EPE   O8   HO8  sing N N 137 
EPE   C9   C10  sing N N 138 
EPE   C9   H91  sing N N 139 
EPE   C9   H92  sing N N 140 
EPE   C10  S    sing N N 141 
EPE   C10  H101 sing N N 142 
EPE   C10  H102 sing N N 143 
EPE   S    O1S  doub N N 144 
EPE   S    O2S  doub N N 145 
EPE   S    O3S  sing N N 146 
EPE   O3S  HOS3 sing N N 147 
GLN   N    CA   sing N N 148 
GLN   N    H    sing N N 149 
GLN   N    H2   sing N N 150 
GLN   CA   C    sing N N 151 
GLN   CA   CB   sing N N 152 
GLN   CA   HA   sing N N 153 
GLN   C    O    doub N N 154 
GLN   C    OXT  sing N N 155 
GLN   CB   CG   sing N N 156 
GLN   CB   HB2  sing N N 157 
GLN   CB   HB3  sing N N 158 
GLN   CG   CD   sing N N 159 
GLN   CG   HG2  sing N N 160 
GLN   CG   HG3  sing N N 161 
GLN   CD   OE1  doub N N 162 
GLN   CD   NE2  sing N N 163 
GLN   NE2  HE21 sing N N 164 
GLN   NE2  HE22 sing N N 165 
GLN   OXT  HXT  sing N N 166 
GLU   N    CA   sing N N 167 
GLU   N    H    sing N N 168 
GLU   N    H2   sing N N 169 
GLU   CA   C    sing N N 170 
GLU   CA   CB   sing N N 171 
GLU   CA   HA   sing N N 172 
GLU   C    O    doub N N 173 
GLU   C    OXT  sing N N 174 
GLU   CB   CG   sing N N 175 
GLU   CB   HB2  sing N N 176 
GLU   CB   HB3  sing N N 177 
GLU   CG   CD   sing N N 178 
GLU   CG   HG2  sing N N 179 
GLU   CG   HG3  sing N N 180 
GLU   CD   OE1  doub N N 181 
GLU   CD   OE2  sing N N 182 
GLU   OE2  HE2  sing N N 183 
GLU   OXT  HXT  sing N N 184 
GLY   N    CA   sing N N 185 
GLY   N    H    sing N N 186 
GLY   N    H2   sing N N 187 
GLY   CA   C    sing N N 188 
GLY   CA   HA2  sing N N 189 
GLY   CA   HA3  sing N N 190 
GLY   C    O    doub N N 191 
GLY   C    OXT  sing N N 192 
GLY   OXT  HXT  sing N N 193 
HIS   N    CA   sing N N 194 
HIS   N    H    sing N N 195 
HIS   N    H2   sing N N 196 
HIS   CA   C    sing N N 197 
HIS   CA   CB   sing N N 198 
HIS   CA   HA   sing N N 199 
HIS   C    O    doub N N 200 
HIS   C    OXT  sing N N 201 
HIS   CB   CG   sing N N 202 
HIS   CB   HB2  sing N N 203 
HIS   CB   HB3  sing N N 204 
HIS   CG   ND1  sing Y N 205 
HIS   CG   CD2  doub Y N 206 
HIS   ND1  CE1  doub Y N 207 
HIS   ND1  HD1  sing N N 208 
HIS   CD2  NE2  sing Y N 209 
HIS   CD2  HD2  sing N N 210 
HIS   CE1  NE2  sing Y N 211 
HIS   CE1  HE1  sing N N 212 
HIS   NE2  HE2  sing N N 213 
HIS   OXT  HXT  sing N N 214 
HOH   O    H1   sing N N 215 
HOH   O    H2   sing N N 216 
ILE   N    CA   sing N N 217 
ILE   N    H    sing N N 218 
ILE   N    H2   sing N N 219 
ILE   CA   C    sing N N 220 
ILE   CA   CB   sing N N 221 
ILE   CA   HA   sing N N 222 
ILE   C    O    doub N N 223 
ILE   C    OXT  sing N N 224 
ILE   CB   CG1  sing N N 225 
ILE   CB   CG2  sing N N 226 
ILE   CB   HB   sing N N 227 
ILE   CG1  CD1  sing N N 228 
ILE   CG1  HG12 sing N N 229 
ILE   CG1  HG13 sing N N 230 
ILE   CG2  HG21 sing N N 231 
ILE   CG2  HG22 sing N N 232 
ILE   CG2  HG23 sing N N 233 
ILE   CD1  HD11 sing N N 234 
ILE   CD1  HD12 sing N N 235 
ILE   CD1  HD13 sing N N 236 
ILE   OXT  HXT  sing N N 237 
LEU   N    CA   sing N N 238 
LEU   N    H    sing N N 239 
LEU   N    H2   sing N N 240 
LEU   CA   C    sing N N 241 
LEU   CA   CB   sing N N 242 
LEU   CA   HA   sing N N 243 
LEU   C    O    doub N N 244 
LEU   C    OXT  sing N N 245 
LEU   CB   CG   sing N N 246 
LEU   CB   HB2  sing N N 247 
LEU   CB   HB3  sing N N 248 
LEU   CG   CD1  sing N N 249 
LEU   CG   CD2  sing N N 250 
LEU   CG   HG   sing N N 251 
LEU   CD1  HD11 sing N N 252 
LEU   CD1  HD12 sing N N 253 
LEU   CD1  HD13 sing N N 254 
LEU   CD2  HD21 sing N N 255 
LEU   CD2  HD22 sing N N 256 
LEU   CD2  HD23 sing N N 257 
LEU   OXT  HXT  sing N N 258 
LYS   N    CA   sing N N 259 
LYS   N    H    sing N N 260 
LYS   N    H2   sing N N 261 
LYS   CA   C    sing N N 262 
LYS   CA   CB   sing N N 263 
LYS   CA   HA   sing N N 264 
LYS   C    O    doub N N 265 
LYS   C    OXT  sing N N 266 
LYS   CB   CG   sing N N 267 
LYS   CB   HB2  sing N N 268 
LYS   CB   HB3  sing N N 269 
LYS   CG   CD   sing N N 270 
LYS   CG   HG2  sing N N 271 
LYS   CG   HG3  sing N N 272 
LYS   CD   CE   sing N N 273 
LYS   CD   HD2  sing N N 274 
LYS   CD   HD3  sing N N 275 
LYS   CE   NZ   sing N N 276 
LYS   CE   HE2  sing N N 277 
LYS   CE   HE3  sing N N 278 
LYS   NZ   HZ1  sing N N 279 
LYS   NZ   HZ2  sing N N 280 
LYS   NZ   HZ3  sing N N 281 
LYS   OXT  HXT  sing N N 282 
MET   N    CA   sing N N 283 
MET   N    H    sing N N 284 
MET   N    H2   sing N N 285 
MET   CA   C    sing N N 286 
MET   CA   CB   sing N N 287 
MET   CA   HA   sing N N 288 
MET   C    O    doub N N 289 
MET   C    OXT  sing N N 290 
MET   CB   CG   sing N N 291 
MET   CB   HB2  sing N N 292 
MET   CB   HB3  sing N N 293 
MET   CG   SD   sing N N 294 
MET   CG   HG2  sing N N 295 
MET   CG   HG3  sing N N 296 
MET   SD   CE   sing N N 297 
MET   CE   HE1  sing N N 298 
MET   CE   HE2  sing N N 299 
MET   CE   HE3  sing N N 300 
MET   OXT  HXT  sing N N 301 
PHE   N    CA   sing N N 302 
PHE   N    H    sing N N 303 
PHE   N    H2   sing N N 304 
PHE   CA   C    sing N N 305 
PHE   CA   CB   sing N N 306 
PHE   CA   HA   sing N N 307 
PHE   C    O    doub N N 308 
PHE   C    OXT  sing N N 309 
PHE   CB   CG   sing N N 310 
PHE   CB   HB2  sing N N 311 
PHE   CB   HB3  sing N N 312 
PHE   CG   CD1  doub Y N 313 
PHE   CG   CD2  sing Y N 314 
PHE   CD1  CE1  sing Y N 315 
PHE   CD1  HD1  sing N N 316 
PHE   CD2  CE2  doub Y N 317 
PHE   CD2  HD2  sing N N 318 
PHE   CE1  CZ   doub Y N 319 
PHE   CE1  HE1  sing N N 320 
PHE   CE2  CZ   sing Y N 321 
PHE   CE2  HE2  sing N N 322 
PHE   CZ   HZ   sing N N 323 
PHE   OXT  HXT  sing N N 324 
PRO   N    CA   sing N N 325 
PRO   N    CD   sing N N 326 
PRO   N    H    sing N N 327 
PRO   CA   C    sing N N 328 
PRO   CA   CB   sing N N 329 
PRO   CA   HA   sing N N 330 
PRO   C    O    doub N N 331 
PRO   C    OXT  sing N N 332 
PRO   CB   CG   sing N N 333 
PRO   CB   HB2  sing N N 334 
PRO   CB   HB3  sing N N 335 
PRO   CG   CD   sing N N 336 
PRO   CG   HG2  sing N N 337 
PRO   CG   HG3  sing N N 338 
PRO   CD   HD2  sing N N 339 
PRO   CD   HD3  sing N N 340 
PRO   OXT  HXT  sing N N 341 
SER   N    CA   sing N N 342 
SER   N    H    sing N N 343 
SER   N    H2   sing N N 344 
SER   CA   C    sing N N 345 
SER   CA   CB   sing N N 346 
SER   CA   HA   sing N N 347 
SER   C    O    doub N N 348 
SER   C    OXT  sing N N 349 
SER   CB   OG   sing N N 350 
SER   CB   HB2  sing N N 351 
SER   CB   HB3  sing N N 352 
SER   OG   HG   sing N N 353 
SER   OXT  HXT  sing N N 354 
THR   N    CA   sing N N 355 
THR   N    H    sing N N 356 
THR   N    H2   sing N N 357 
THR   CA   C    sing N N 358 
THR   CA   CB   sing N N 359 
THR   CA   HA   sing N N 360 
THR   C    O    doub N N 361 
THR   C    OXT  sing N N 362 
THR   CB   OG1  sing N N 363 
THR   CB   CG2  sing N N 364 
THR   CB   HB   sing N N 365 
THR   OG1  HG1  sing N N 366 
THR   CG2  HG21 sing N N 367 
THR   CG2  HG22 sing N N 368 
THR   CG2  HG23 sing N N 369 
THR   OXT  HXT  sing N N 370 
TRP   N    CA   sing N N 371 
TRP   N    H    sing N N 372 
TRP   N    H2   sing N N 373 
TRP   CA   C    sing N N 374 
TRP   CA   CB   sing N N 375 
TRP   CA   HA   sing N N 376 
TRP   C    O    doub N N 377 
TRP   C    OXT  sing N N 378 
TRP   CB   CG   sing N N 379 
TRP   CB   HB2  sing N N 380 
TRP   CB   HB3  sing N N 381 
TRP   CG   CD1  doub Y N 382 
TRP   CG   CD2  sing Y N 383 
TRP   CD1  NE1  sing Y N 384 
TRP   CD1  HD1  sing N N 385 
TRP   CD2  CE2  doub Y N 386 
TRP   CD2  CE3  sing Y N 387 
TRP   NE1  CE2  sing Y N 388 
TRP   NE1  HE1  sing N N 389 
TRP   CE2  CZ2  sing Y N 390 
TRP   CE3  CZ3  doub Y N 391 
TRP   CE3  HE3  sing N N 392 
TRP   CZ2  CH2  doub Y N 393 
TRP   CZ2  HZ2  sing N N 394 
TRP   CZ3  CH2  sing Y N 395 
TRP   CZ3  HZ3  sing N N 396 
TRP   CH2  HH2  sing N N 397 
TRP   OXT  HXT  sing N N 398 
TYR   N    CA   sing N N 399 
TYR   N    H    sing N N 400 
TYR   N    H2   sing N N 401 
TYR   CA   C    sing N N 402 
TYR   CA   CB   sing N N 403 
TYR   CA   HA   sing N N 404 
TYR   C    O    doub N N 405 
TYR   C    OXT  sing N N 406 
TYR   CB   CG   sing N N 407 
TYR   CB   HB2  sing N N 408 
TYR   CB   HB3  sing N N 409 
TYR   CG   CD1  doub Y N 410 
TYR   CG   CD2  sing Y N 411 
TYR   CD1  CE1  sing Y N 412 
TYR   CD1  HD1  sing N N 413 
TYR   CD2  CE2  doub Y N 414 
TYR   CD2  HD2  sing N N 415 
TYR   CE1  CZ   doub Y N 416 
TYR   CE1  HE1  sing N N 417 
TYR   CE2  CZ   sing Y N 418 
TYR   CE2  HE2  sing N N 419 
TYR   CZ   OH   sing N N 420 
TYR   OH   HH   sing N N 421 
TYR   OXT  HXT  sing N N 422 
VAL   N    CA   sing N N 423 
VAL   N    H    sing N N 424 
VAL   N    H2   sing N N 425 
VAL   CA   C    sing N N 426 
VAL   CA   CB   sing N N 427 
VAL   CA   HA   sing N N 428 
VAL   C    O    doub N N 429 
VAL   C    OXT  sing N N 430 
VAL   CB   CG1  sing N N 431 
VAL   CB   CG2  sing N N 432 
VAL   CB   HB   sing N N 433 
VAL   CG1  HG11 sing N N 434 
VAL   CG1  HG12 sing N N 435 
VAL   CG1  HG13 sing N N 436 
VAL   CG2  HG21 sing N N 437 
VAL   CG2  HG22 sing N N 438 
VAL   CG2  HG23 sing N N 439 
VAL   OXT  HXT  sing N N 440 
# 
_pdbx_audit_support.funding_organization   'Not funded' 
_pdbx_audit_support.country                ? 
_pdbx_audit_support.grant_number           ? 
_pdbx_audit_support.ordinal                1 
# 
_pdbx_initial_refinement_model.id               1 
_pdbx_initial_refinement_model.entity_id_list   ? 
_pdbx_initial_refinement_model.type             'experimental model' 
_pdbx_initial_refinement_model.source_name      PDB 
_pdbx_initial_refinement_model.accession_code   6XCG 
_pdbx_initial_refinement_model.details          ? 
# 
_atom_sites.entry_id                    9KNB 
_atom_sites.Cartn_transf_matrix[1][1]   ? 
_atom_sites.Cartn_transf_matrix[1][2]   ? 
_atom_sites.Cartn_transf_matrix[1][3]   ? 
_atom_sites.Cartn_transf_matrix[2][1]   ? 
_atom_sites.Cartn_transf_matrix[2][2]   ? 
_atom_sites.Cartn_transf_matrix[2][3]   ? 
_atom_sites.Cartn_transf_matrix[3][1]   ? 
_atom_sites.Cartn_transf_matrix[3][2]   ? 
_atom_sites.Cartn_transf_matrix[3][3]   ? 
_atom_sites.Cartn_transf_vector[1]      ? 
_atom_sites.Cartn_transf_vector[2]      ? 
_atom_sites.Cartn_transf_vector[3]      ? 
_atom_sites.Cartn_transform_axes        ? 
_atom_sites.fract_transf_matrix[1][1]   0.00447046 
_atom_sites.fract_transf_matrix[1][2]   -0.01113677 
_atom_sites.fract_transf_matrix[1][3]   -0.01688988 
_atom_sites.fract_transf_matrix[2][1]   0.01560850 
_atom_sites.fract_transf_matrix[2][2]   0.00573565 
_atom_sites.fract_transf_matrix[2][3]   -0.01235937 
_atom_sites.fract_transf_matrix[3][1]   0.01559601 
_atom_sites.fract_transf_matrix[3][2]   -0.01385734 
_atom_sites.fract_transf_matrix[3][3]   0.01326519 
_atom_sites.fract_transf_vector[1]      0.334234 
_atom_sites.fract_transf_vector[2]      0.050753 
_atom_sites.fract_transf_vector[3]      0.024107 
_atom_sites.solution_primary            ? 
_atom_sites.solution_secondary          ? 
_atom_sites.solution_hydrogens          ? 
_atom_sites.special_details             ? 
# 
loop_
_atom_type.symbol 
C  
N  
O  
S  
SE 
# 
loop_
_atom_site.group_PDB 
_atom_site.id 
_atom_site.type_symbol 
_atom_site.label_atom_id 
_atom_site.label_alt_id 
_atom_site.label_comp_id 
_atom_site.label_asym_id 
_atom_site.label_entity_id 
_atom_site.label_seq_id 
_atom_site.pdbx_PDB_ins_code 
_atom_site.Cartn_x 
_atom_site.Cartn_y 
_atom_site.Cartn_z 
_atom_site.occupancy 
_atom_site.B_iso_or_equiv 
_atom_site.pdbx_formal_charge 
_atom_site.auth_seq_id 
_atom_site.auth_comp_id 
_atom_site.auth_asym_id 
_atom_site.auth_atom_id 
_atom_site.pdbx_PDB_model_num 
ATOM   1    N  N    . LEU   A 1 2   ? -13.276 -1.520  13.345  1.00 38.84 ? 218 LEU   A N    1 
ATOM   2    C  CA   . LEU   A 1 2   ? -12.485 -1.760  12.132  1.00 36.19 ? 218 LEU   A CA   1 
ATOM   3    C  C    . LEU   A 1 2   ? -11.944 -0.492  11.505  1.00 35.04 ? 218 LEU   A C    1 
ATOM   4    O  O    . LEU   A 1 2   ? -12.680 0.401   11.073  1.00 38.89 ? 218 LEU   A O    1 
ATOM   5    C  CB   . LEU   A 1 2   ? -13.269 -2.555  11.079  1.00 39.15 ? 218 LEU   A CB   1 
ATOM   6    C  CG   . LEU   A 1 2   ? -13.378 -4.043  11.451  1.00 39.23 ? 218 LEU   A CG   1 
ATOM   7    C  CD1  . LEU   A 1 2   ? -14.046 -4.915  10.378  1.00 36.08 ? 218 LEU   A CD1  1 
ATOM   8    C  CD2  . LEU   A 1 2   ? -11.988 -4.559  11.779  1.00 36.98 ? 218 LEU   A CD2  1 
ATOM   9    N  N    . LYS   A 1 3   ? -10.620 -0.471  11.438  1.00 35.22 ? 219 LYS   A N    1 
ATOM   10   C  CA   . LYS   A 1 3   ? -9.873  0.738   11.114  1.00 35.70 ? 219 LYS   A CA   1 
ATOM   11   C  C    . LYS   A 1 3   ? -10.058 1.135   9.641   1.00 34.23 ? 219 LYS   A C    1 
ATOM   12   O  O    . LYS   A 1 3   ? -10.190 2.326   9.318   1.00 31.85 ? 219 LYS   A O    1 
ATOM   13   C  CB   . LYS   A 1 3   ? -8.408  0.464   11.482  1.00 34.24 ? 219 LYS   A CB   1 
ATOM   14   C  CG   . LYS   A 1 3   ? -7.596  1.605   12.052  1.00 36.66 ? 219 LYS   A CG   1 
ATOM   15   C  CD   . LYS   A 1 3   ? -6.271  1.073   12.592  1.00 38.91 ? 219 LYS   A CD   1 
ATOM   16   N  N    . TYR   A 1 4   ? -10.121 0.157   8.736   1.00 33.01 ? 220 TYR   A N    1 
ATOM   17   C  CA   . TYR   A 1 4   ? -10.242 0.449   7.311   1.00 33.82 ? 220 TYR   A CA   1 
ATOM   18   C  C    . TYR   A 1 4   ? -11.370 -0.374  6.698   1.00 34.10 ? 220 TYR   A C    1 
ATOM   19   O  O    . TYR   A 1 4   ? -11.782 -1.408  7.244   1.00 31.27 ? 220 TYR   A O    1 
ATOM   20   C  CB   . TYR   A 1 4   ? -8.963  0.129   6.541   1.00 29.24 ? 220 TYR   A CB   1 
ATOM   21   C  CG   . TYR   A 1 4   ? -7.716  0.690   7.151   1.00 27.79 ? 220 TYR   A CG   1 
ATOM   22   C  CD1  . TYR   A 1 4   ? -7.390  2.030   7.041   1.00 31.33 ? 220 TYR   A CD1  1 
ATOM   23   C  CD2  . TYR   A 1 4   ? -6.876  -0.125  7.852   1.00 29.20 ? 220 TYR   A CD2  1 
ATOM   24   C  CE1  . TYR   A 1 4   ? -6.235  2.536   7.615   1.00 28.57 ? 220 TYR   A CE1  1 
ATOM   25   C  CE2  . TYR   A 1 4   ? -5.725  0.358   8.428   1.00 31.42 ? 220 TYR   A CE2  1 
ATOM   26   C  CZ   . TYR   A 1 4   ? -5.411  1.682   8.312   1.00 29.96 ? 220 TYR   A CZ   1 
ATOM   27   O  OH   . TYR   A 1 4   ? -4.245  2.120   8.898   1.00 33.11 ? 220 TYR   A OH   1 
ATOM   28   N  N    . ASN   A 1 5   ? -11.833 0.096   5.529   1.00 33.90 ? 221 ASN   A N    1 
ATOM   29   C  CA   . ASN   A 1 5   ? -12.854 -0.583  4.730   1.00 36.21 ? 221 ASN   A CA   1 
ATOM   30   C  C    . ASN   A 1 5   ? -12.505 -0.489  3.245   1.00 31.85 ? 221 ASN   A C    1 
ATOM   31   O  O    . ASN   A 1 5   ? -11.610 0.261   2.844   1.00 28.69 ? 221 ASN   A O    1 
ATOM   32   C  CB   . ASN   A 1 5   ? -14.246 0.003   4.971   1.00 35.82 ? 221 ASN   A CB   1 
ATOM   33   C  CG   . ASN   A 1 5   ? -15.359 -1.054  4.911   1.00 37.64 ? 221 ASN   A CG   1 
ATOM   34   O  OD1  . ASN   A 1 5   ? -15.191 -2.173  4.388   1.00 34.26 ? 221 ASN   A OD1  1 
ATOM   35   N  ND2  . ASN   A 1 5   ? -16.510 -0.691  5.459   1.00 40.75 ? 221 ASN   A ND2  1 
ATOM   36   N  N    . VAL   A 1 6   ? -13.244 -1.252  2.427   1.00 32.34 ? 222 VAL   A N    1 
ATOM   37   C  CA   . VAL   A 1 6   ? -12.879 -1.408  1.023   1.00 31.06 ? 222 VAL   A CA   1 
ATOM   38   C  C    . VAL   A 1 6   ? -12.873 -0.059  0.338   1.00 27.73 ? 222 VAL   A C    1 
ATOM   39   O  O    . VAL   A 1 6   ? -13.756 0.782   0.560   1.00 28.29 ? 222 VAL   A O    1 
ATOM   40   C  CB   . VAL   A 1 6   ? -13.799 -2.411  0.300   1.00 29.84 ? 222 VAL   A CB   1 
ATOM   41   C  CG1  . VAL   A 1 6   ? -13.785 -2.154  -1.156  1.00 25.91 ? 222 VAL   A CG1  1 
ATOM   42   C  CG2  . VAL   A 1 6   ? -13.289 -3.832  0.532   1.00 28.64 ? 222 VAL   A CG2  1 
ATOM   43   N  N    . GLY   A 1 7   ? -11.824 0.163   -0.475  1.00 27.93 ? 223 GLY   A N    1 
ATOM   44   C  CA   . GLY   A 1 7   ? -11.562 1.438   -1.106  1.00 27.76 ? 223 GLY   A CA   1 
ATOM   45   C  C    . GLY   A 1 7   ? -10.779 2.441   -0.272  1.00 26.35 ? 223 GLY   A C    1 
ATOM   46   O  O    . GLY   A 1 7   ? -10.502 3.549   -0.760  1.00 27.65 ? 223 GLY   A O    1 
ATOM   47   N  N    . ASP   A 1 8   ? -10.455 2.131   0.978   1.00 26.82 ? 224 ASP   A N    1 
ATOM   48   C  CA   . ASP   A 1 8   ? -9.575  3.015   1.709   1.00 24.60 ? 224 ASP   A CA   1 
ATOM   49   C  C    . ASP   A 1 8   ? -8.191  2.976   1.087   1.00 21.39 ? 224 ASP   A C    1 
ATOM   50   O  O    . ASP   A 1 8   ? -7.708  1.921   0.684   1.00 24.14 ? 224 ASP   A O    1 
ATOM   51   C  CB   . ASP   A 1 8   ? -9.513  2.637   3.187   1.00 26.60 ? 224 ASP   A CB   1 
ATOM   52   C  CG   . ASP   A 1 8   ? -10.698 3.172   3.982   1.00 29.99 ? 224 ASP   A CG   1 
ATOM   53   O  OD1  . ASP   A 1 8   ? -11.473 4.036   3.479   1.00 27.12 ? 224 ASP   A OD1  1 
ATOM   54   O  OD2  . ASP   A 1 8   ? -10.838 2.716   5.131   1.00 31.82 ? 224 ASP   A OD2  1 
ATOM   55   N  N    . LEU   A 1 9   ? -7.578  4.146   0.982   1.00 23.55 ? 225 LEU   A N    1 
ATOM   56   C  CA   . LEU   A 1 9   ? -6.211  4.294   0.537   1.00 21.41 ? 225 LEU   A CA   1 
ATOM   57   C  C    . LEU   A 1 9   ? -5.293  4.236   1.738   1.00 21.41 ? 225 LEU   A C    1 
ATOM   58   O  O    . LEU   A 1 9   ? -5.514  4.911   2.749   1.00 22.67 ? 225 LEU   A O    1 
ATOM   59   C  CB   . LEU   A 1 9   ? -6.031  5.612   -0.192  1.00 22.11 ? 225 LEU   A CB   1 
ATOM   60   C  CG   . LEU   A 1 9   ? -7.217  5.748   -1.133  1.00 23.77 ? 225 LEU   A CG   1 
ATOM   61   C  CD1  . LEU   A 1 9   ? -7.389  7.165   -1.540  1.00 26.02 ? 225 LEU   A CD1  1 
ATOM   62   C  CD2  . LEU   A 1 9   ? -7.016  4.823   -2.310  1.00 22.31 ? 225 LEU   A CD2  1 
ATOM   63   N  N    . VAL   A 1 10  ? -4.273  3.416   1.628   1.00 23.43 ? 226 VAL   A N    1 
ATOM   64   C  CA   . VAL   A 1 10  ? -3.342  3.210   2.714   1.00 24.54 ? 226 VAL   A CA   1 
ATOM   65   C  C    . VAL   A 1 10  ? -1.946  3.097   2.131   1.00 23.05 ? 226 VAL   A C    1 
ATOM   66   O  O    . VAL   A 1 10  ? -1.750  2.611   1.017   1.00 24.45 ? 226 VAL   A O    1 
ATOM   67   C  CB   . VAL   A 1 10  ? -3.694  1.952   3.530   1.00 22.11 ? 226 VAL   A CB   1 
ATOM   68   C  CG1  . VAL   A 1 10  ? -4.920  2.216   4.357   1.00 25.22 ? 226 VAL   A CG1  1 
ATOM   69   C  CG2  . VAL   A 1 10  ? -3.877  0.751   2.608   1.00 23.24 ? 226 VAL   A CG2  1 
ATOM   70   N  N    . TRP   A 1 11  ? -0.969  3.562   2.892   1.00 24.67 ? 227 TRP   A N    1 
ATOM   71   C  CA   . TRP   A 1 11  ? 0.387   3.126   2.666   1.00 23.15 ? 227 TRP   A CA   1 
ATOM   72   C  C    . TRP   A 1 11  ? 0.520   1.728   3.255   1.00 21.29 ? 227 TRP   A C    1 
ATOM   73   O  O    . TRP   A 1 11  ? -0.004  1.446   4.337   1.00 22.89 ? 227 TRP   A O    1 
ATOM   74   C  CB   . TRP   A 1 11  ? 1.346   4.095   3.342   1.00 22.00 ? 227 TRP   A CB   1 
ATOM   75   C  CG   . TRP   A 1 11  ? 1.415   5.476   2.750   1.00 22.98 ? 227 TRP   A CG   1 
ATOM   76   C  CD1  . TRP   A 1 11  ? 0.731   6.591   3.161   1.00 24.34 ? 227 TRP   A CD1  1 
ATOM   77   C  CD2  . TRP   A 1 11  ? 2.290   5.911   1.714   1.00 21.90 ? 227 TRP   A CD2  1 
ATOM   78   N  NE1  . TRP   A 1 11  ? 1.102   7.682   2.408   1.00 22.14 ? 227 TRP   A NE1  1 
ATOM   79   C  CE2  . TRP   A 1 11  ? 2.062   7.292   1.519   1.00 22.10 ? 227 TRP   A CE2  1 
ATOM   80   C  CE3  . TRP   A 1 11  ? 3.247   5.267   0.927   1.00 21.42 ? 227 TRP   A CE3  1 
ATOM   81   C  CZ2  . TRP   A 1 11  ? 2.745   8.031   0.575   1.00 24.84 ? 227 TRP   A CZ2  1 
ATOM   82   C  CZ3  . TRP   A 1 11  ? 3.930   6.004   -0.015  1.00 23.64 ? 227 TRP   A CZ3  1 
ATOM   83   C  CH2  . TRP   A 1 11  ? 3.682   7.376   -0.178  1.00 25.19 ? 227 TRP   A CH2  1 
ATOM   84   N  N    . SER   A 1 12  ? 1.191   0.842   2.531   1.00 23.27 ? 228 SER   A N    1 
ATOM   85   C  CA   . SER   A 1 12  ? 1.467   -0.503  3.020   1.00 23.49 ? 228 SER   A CA   1 
ATOM   86   C  C    . SER   A 1 12  ? 2.955   -0.769  2.944   1.00 22.82 ? 228 SER   A C    1 
ATOM   87   O  O    . SER   A 1 12  ? 3.577   -0.524  1.901   1.00 24.47 ? 228 SER   A O    1 
ATOM   88   C  CB   . SER   A 1 12  ? 0.743   -1.574  2.204   1.00 24.08 ? 228 SER   A CB   1 
ATOM   89   O  OG   . SER   A 1 12  ? -0.652  -1.333  2.164   1.00 24.81 ? 228 SER   A OG   1 
ATOM   90   N  N    . LYS   A 1 13  ? 3.516   -1.303  4.036   1.00 24.99 ? 229 LYS   A N    1 
ATOM   91   C  CA   . LYS   A 1 13  ? 4.901   -1.757  4.084   1.00 23.56 ? 229 LYS   A CA   1 
ATOM   92   C  C    . LYS   A 1 13  ? 4.958   -3.270  3.976   1.00 23.54 ? 229 LYS   A C    1 
ATOM   93   O  O    . LYS   A 1 13  ? 4.419   -3.969  4.834   1.00 24.64 ? 229 LYS   A O    1 
ATOM   94   C  CB   . LYS   A 1 13  ? 5.599   -1.321  5.371   1.00 24.83 ? 229 LYS   A CB   1 
ATOM   95   C  CG   . LYS   A 1 13  ? 7.085   -1.813  5.424   1.00 26.11 ? 229 LYS   A CG   1 
ATOM   96   C  CD   . LYS   A 1 13  ? 7.906   -1.213  4.273   1.00 25.23 ? 229 LYS   A CD   1 
ATOM   97   C  CE   . LYS   A 1 13  ? 9.406   -1.476  4.384   1.00 26.49 ? 229 LYS   A CE   1 
ATOM   98   N  NZ   . LYS   A 1 13  ? 9.796   -2.826  4.072   1.00 26.18 ? 229 LYS   A NZ   1 
ATOM   99   N  N    . VAL   A 1 14  ? 5.644   -3.774  2.955   1.00 24.34 ? 230 VAL   A N    1 
ATOM   100  C  CA   . VAL   A 1 14  ? 5.917   -5.198  2.835   1.00 26.57 ? 230 VAL   A CA   1 
ATOM   101  C  C    . VAL   A 1 14  ? 7.415   -5.415  2.811   1.00 26.91 ? 230 VAL   A C    1 
ATOM   102  O  O    . VAL   A 1 14  ? 8.133   -4.805  2.006   1.00 26.83 ? 230 VAL   A O    1 
ATOM   103  C  CB   . VAL   A 1 14  ? 5.278   -5.817  1.584   1.00 25.86 ? 230 VAL   A CB   1 
ATOM   104  C  CG1  . VAL   A 1 14  ? 5.794   -7.244  1.422   1.00 29.56 ? 230 VAL   A CG1  1 
ATOM   105  C  CG2  . VAL   A 1 14  ? 3.794   -5.851  1.749   1.00 24.58 ? 230 VAL   A CG2  1 
ATOM   106  N  N    . SER   A 1 15  ? 7.873   -6.318  3.668   1.00 31.27 ? 231 SER   A N    1 
ATOM   107  C  CA   . SER   A 1 15  ? 9.290   -6.662  3.745   1.00 33.37 ? 231 SER   A CA   1 
ATOM   108  C  C    . SER   A 1 15  ? 9.868   -6.888  2.350   1.00 31.27 ? 231 SER   A C    1 
ATOM   109  O  O    . SER   A 1 15  ? 9.314   -7.653  1.553   1.00 30.63 ? 231 SER   A O    1 
ATOM   110  C  CB   . SER   A 1 15  ? 9.470   -7.904  4.630   1.00 30.27 ? 231 SER   A CB   1 
ATOM   111  O  OG   . SER   A 1 15  ? 10.615  -8.633  4.244   1.00 33.05 ? 231 SER   A OG   1 
ATOM   112  N  N    . GLY   A 1 16  ? 10.957  -6.166  2.040   1.00 28.88 ? 232 GLY   A N    1 
ATOM   113  C  CA   . GLY   A 1 16  ? 11.585  -6.217  0.739   1.00 23.73 ? 232 GLY   A CA   1 
ATOM   114  C  C    . GLY   A 1 16  ? 11.205  -5.100  -0.216  1.00 26.87 ? 232 GLY   A C    1 
ATOM   115  O  O    . GLY   A 1 16  ? 11.858  -4.966  -1.265  1.00 27.53 ? 232 GLY   A O    1 
ATOM   116  N  N    . TYR   A 1 17  ? 10.187  -4.297  0.096   1.00 28.67 ? 233 TYR   A N    1 
ATOM   117  C  CA   . TYR   A 1 17  ? 9.734   -3.224  -0.785  1.00 26.35 ? 233 TYR   A CA   1 
ATOM   118  C  C    . TYR   A 1 17  ? 9.626   -1.924  -0.015  1.00 25.28 ? 233 TYR   A C    1 
ATOM   119  O  O    . TYR   A 1 17  ? 9.420   -1.928  1.203   1.00 27.10 ? 233 TYR   A O    1 
ATOM   120  C  CB   . TYR   A 1 17  ? 8.364   -3.540  -1.399  1.00 27.20 ? 233 TYR   A CB   1 
ATOM   121  C  CG   . TYR   A 1 17  ? 8.337   -4.845  -2.139  1.00 28.45 ? 233 TYR   A CG   1 
ATOM   122  C  CD1  . TYR   A 1 17  ? 8.153   -6.049  -1.443  1.00 29.88 ? 233 TYR   A CD1  1 
ATOM   123  C  CD2  . TYR   A 1 17  ? 8.491   -4.879  -3.515  1.00 27.30 ? 233 TYR   A CD2  1 
ATOM   124  C  CE1  . TYR   A 1 17  ? 8.139   -7.253  -2.100  1.00 33.49 ? 233 TYR   A CE1  1 
ATOM   125  C  CE2  . TYR   A 1 17  ? 8.467   -6.068  -4.195  1.00 30.49 ? 233 TYR   A CE2  1 
ATOM   126  C  CZ   . TYR   A 1 17  ? 8.287   -7.268  -3.492  1.00 37.13 ? 233 TYR   A CZ   1 
ATOM   127  O  OH   . TYR   A 1 17  ? 8.267   -8.489  -4.182  1.00 40.70 ? 233 TYR   A OH   1 
ATOM   128  N  N    . PRO   A 1 18  ? 9.743   -0.786  -0.695  1.00 26.39 ? 234 PRO   A N    1 
ATOM   129  C  CA   . PRO   A 1 18  ? 9.494   0.494   -0.018  1.00 26.29 ? 234 PRO   A CA   1 
ATOM   130  C  C    . PRO   A 1 18  ? 8.030   0.636   0.342   1.00 22.41 ? 234 PRO   A C    1 
ATOM   131  O  O    . PRO   A 1 18  ? 7.181   -0.118  -0.126  1.00 23.16 ? 234 PRO   A O    1 
ATOM   132  C  CB   . PRO   A 1 18  ? 9.941   1.547   -1.043  1.00 25.77 ? 234 PRO   A CB   1 
ATOM   133  C  CG   . PRO   A 1 18  ? 9.886   0.849   -2.351  1.00 25.75 ? 234 PRO   A CG   1 
ATOM   134  C  CD   . PRO   A 1 18  ? 10.223  -0.606  -2.077  1.00 25.18 ? 234 PRO   A CD   1 
ATOM   135  N  N    . TRP   A 1 19  ? 7.751   1.584   1.231   1.00 23.52 ? 235 TRP   A N    1 
ATOM   136  C  CA   . TRP   A 1 19  ? 6.371   1.936   1.553   1.00 22.09 ? 235 TRP   A CA   1 
ATOM   137  C  C    . TRP   A 1 19  ? 5.598   2.261   0.278   1.00 22.85 ? 235 TRP   A C    1 
ATOM   138  O  O    . TRP   A 1 19  ? 6.050   3.082   -0.517  1.00 22.50 ? 235 TRP   A O    1 
ATOM   139  C  CB   . TRP   A 1 19  ? 6.367   3.138   2.484   1.00 20.72 ? 235 TRP   A CB   1 
ATOM   140  C  CG   . TRP   A 1 19  ? 6.563   2.775   3.890   1.00 23.40 ? 235 TRP   A CG   1 
ATOM   141  C  CD1  . TRP   A 1 19  ? 7.740   2.736   4.556   1.00 25.54 ? 235 TRP   A CD1  1 
ATOM   142  C  CD2  . TRP   A 1 19  ? 5.548   2.387   4.838   1.00 24.88 ? 235 TRP   A CD2  1 
ATOM   143  N  NE1  . TRP   A 1 19  ? 7.533   2.352   5.862   1.00 26.92 ? 235 TRP   A NE1  1 
ATOM   144  C  CE2  . TRP   A 1 19  ? 6.198   2.132   6.059   1.00 27.12 ? 235 TRP   A CE2  1 
ATOM   145  C  CE3  . TRP   A 1 19  ? 4.157   2.234   4.770   1.00 24.57 ? 235 TRP   A CE3  1 
ATOM   146  C  CZ2  . TRP   A 1 19  ? 5.508   1.741   7.207   1.00 27.69 ? 235 TRP   A CZ2  1 
ATOM   147  C  CZ3  . TRP   A 1 19  ? 3.471   1.842   5.909   1.00 23.28 ? 235 TRP   A CZ3  1 
ATOM   148  C  CH2  . TRP   A 1 19  ? 4.145   1.595   7.109   1.00 24.48 ? 235 TRP   A CH2  1 
ATOM   149  N  N    . TRP   A 1 20  ? 4.435   1.603   0.065   1.00 21.94 ? 236 TRP   A N    1 
ATOM   150  C  CA   . TRP   A 1 20  ? 3.805   1.551   -1.271  1.00 22.25 ? 236 TRP   A CA   1 
ATOM   151  C  C    . TRP   A 1 20  ? 2.331   1.921   -1.221  1.00 21.31 ? 236 TRP   A C    1 
ATOM   152  O  O    . TRP   A 1 20  ? 1.569   1.345   -0.417  1.00 22.19 ? 236 TRP   A O    1 
ATOM   153  C  CB   . TRP   A 1 20  ? 3.929   0.182   -1.930  1.00 19.98 ? 236 TRP   A CB   1 
ATOM   154  C  CG   . TRP   A 1 20  ? 3.886   0.271   -3.445  1.00 22.17 ? 236 TRP   A CG   1 
ATOM   155  C  CD1  . TRP   A 1 20  ? 2.767   0.396   -4.257  1.00 20.63 ? 236 TRP   A CD1  1 
ATOM   156  C  CD2  . TRP   A 1 20  ? 5.011   0.252   -4.327  1.00 23.46 ? 236 TRP   A CD2  1 
ATOM   157  N  NE1  . TRP   A 1 20  ? 3.145   0.453   -5.587  1.00 20.17 ? 236 TRP   A NE1  1 
ATOM   158  C  CE2  . TRP   A 1 20  ? 4.513   0.365   -5.658  1.00 22.71 ? 236 TRP   A CE2  1 
ATOM   159  C  CE3  . TRP   A 1 20  ? 6.397   0.142   -4.128  1.00 21.97 ? 236 TRP   A CE3  1 
ATOM   160  C  CZ2  . TRP   A 1 20  ? 5.352   0.385   -6.766  1.00 22.09 ? 236 TRP   A CZ2  1 
ATOM   161  C  CZ3  . TRP   A 1 20  ? 7.236   0.143   -5.246  1.00 23.80 ? 236 TRP   A CZ3  1 
ATOM   162  C  CH2  . TRP   A 1 20  ? 6.704   0.262   -6.549  1.00 23.12 ? 236 TRP   A CH2  1 
ATOM   163  N  N    . PRO   A 1 21  ? 1.884   2.859   -2.064  1.00 23.18 ? 237 PRO   A N    1 
ATOM   164  C  CA   . PRO   A 1 21  ? 0.460   3.214   -2.104  1.00 24.16 ? 237 PRO   A CA   1 
ATOM   165  C  C    . PRO   A 1 21  ? -0.409  2.037   -2.533  1.00 20.19 ? 237 PRO   A C    1 
ATOM   166  O  O    . PRO   A 1 21  ? -0.056  1.264   -3.430  1.00 18.29 ? 237 PRO   A O    1 
ATOM   167  C  CB   . PRO   A 1 21  ? 0.410   4.347   -3.137  1.00 22.23 ? 237 PRO   A CB   1 
ATOM   168  C  CG   . PRO   A 1 21  ? 1.617   4.131   -3.993  1.00 21.69 ? 237 PRO   A CG   1 
ATOM   169  C  CD   . PRO   A 1 21  ? 2.675   3.615   -3.060  1.00 22.20 ? 237 PRO   A CD   1 
ATOM   170  N  N    . CYS   A 1 22  ? -1.569  1.922   -1.901  1.00 21.14 ? 238 CYS   A N    1 
ATOM   171  C  CA   . CYS   A 1 22  ? -2.438  0.804   -2.214  1.00 23.61 ? 238 CYS   A CA   1 
ATOM   172  C  C    . CYS   A 1 22  ? -3.849  1.121   -1.740  1.00 22.91 ? 238 CYS   A C    1 
ATOM   173  O  O    . CYS   A 1 22  ? -4.114  2.185   -1.176  1.00 21.52 ? 238 CYS   A O    1 
ATOM   174  C  CB   . CYS   A 1 22  ? -1.946  -0.483  -1.555  1.00 24.97 ? 238 CYS   A CB   1 
ATOM   175  S  SG   . CYS   A 1 22  ? -1.515  -0.341  0.093   1.00 34.16 ? 238 CYS   A SG   1 
ATOM   176  N  N    . MET   A 1 23  ? -4.757  0.166   -1.976  1.00 24.36 ? 239 MET   A N    1 
ATOM   177  C  CA   . MET   A 1 23  ? -6.185  0.283   -1.688  1.00 24.89 ? 239 MET   A CA   1 
ATOM   178  C  C    . MET   A 1 23  ? -6.667  -0.936  -0.940  1.00 23.44 ? 239 MET   A C    1 
ATOM   179  O  O    . MET   A 1 23  ? -6.463  -2.057  -1.421  1.00 24.07 ? 239 MET   A O    1 
ATOM   180  C  CB   . MET   A 1 23  ? -7.055  0.307   -2.929  1.00 25.06 ? 239 MET   A CB   1 
ATOM   181  C  CG   . MET   A 1 23  ? -8.454  0.825   -2.679  1.00 22.06 ? 239 MET   A CG   1 
ATOM   182  S  SD   . MET   A 1 23  ? -9.184  1.482   -4.125  1.00 24.70 ? 239 MET   A SD   1 
ATOM   183  C  CE   . MET   A 1 23  ? -9.365  -0.043  -4.976  1.00 17.82 ? 239 MET   A CE   1 
ATOM   184  N  N    . VAL   A 1 24  ? -7.414  -0.717  0.150   1.00 22.52 ? 240 VAL   A N    1 
ATOM   185  C  CA   . VAL   A 1 24  ? -8.144  -1.825  0.764   1.00 25.90 ? 240 VAL   A CA   1 
ATOM   186  C  C    . VAL   A 1 24  ? -9.124  -2.445  -0.225  1.00 25.29 ? 240 VAL   A C    1 
ATOM   187  O  O    . VAL   A 1 24  ? -9.926  -1.750  -0.865  1.00 25.17 ? 240 VAL   A O    1 
ATOM   188  C  CB   . VAL   A 1 24  ? -8.871  -1.374  2.038   1.00 27.08 ? 240 VAL   A CB   1 
ATOM   189  C  CG1  . VAL   A 1 24  ? -9.202  -2.594  2.890   1.00 25.79 ? 240 VAL   A CG1  1 
ATOM   190  C  CG2  . VAL   A 1 24  ? -7.965  -0.439  2.831   1.00 28.59 ? 240 VAL   A CG2  1 
ATOM   191  N  N    . SER   A 1 25  ? -9.073  -3.768  -0.342  1.00 27.24 ? 241 SER   A N    1 
ATOM   192  C  CA   . SER   A 1 25  ? -9.977  -4.450  -1.254  1.00 28.34 ? 241 SER   A CA   1 
ATOM   193  C  C    . SER   A 1 25  ? -10.188 -5.873  -0.770  1.00 28.09 ? 241 SER   A C    1 
ATOM   194  O  O    . SER   A 1 25  ? -9.407  -6.400  0.032   1.00 29.12 ? 241 SER   A O    1 
ATOM   195  C  CB   . SER   A 1 25  ? -9.422  -4.474  -2.675  1.00 27.19 ? 241 SER   A CB   1 
ATOM   196  O  OG   . SER   A 1 25  ? -8.348  -5.395  -2.754  1.00 25.62 ? 241 SER   A OG   1 
ATOM   197  N  N    . ALA   A 1 26  ? -11.237 -6.500  -1.299  1.00 29.11 ? 242 ALA   A N    1 
ATOM   198  C  CA   . ALA   A 1 26  ? -11.571 -7.863  -0.927  1.00 26.59 ? 242 ALA   A CA   1 
ATOM   199  C  C    . ALA   A 1 26  ? -10.691 -8.857  -1.662  1.00 26.82 ? 242 ALA   A C    1 
ATOM   200  O  O    . ALA   A 1 26  ? -10.440 -8.735  -2.865  1.00 29.65 ? 242 ALA   A O    1 
ATOM   201  C  CB   . ALA   A 1 26  ? -13.049 -8.148  -1.204  1.00 27.94 ? 242 ALA   A CB   1 
ATOM   202  N  N    . ASP   A 1 27  ? -10.215 -9.839  -0.922  1.00 29.06 ? 243 ASP   A N    1 
ATOM   203  C  CA   . ASP   A 1 27  ? -9.489  -10.935 -1.521  1.00 31.56 ? 243 ASP   A CA   1 
ATOM   204  C  C    . ASP   A 1 27  ? -10.375 -11.657 -2.544  1.00 36.14 ? 243 ASP   A C    1 
ATOM   205  O  O    . ASP   A 1 27  ? -11.570 -11.886 -2.290  1.00 35.92 ? 243 ASP   A O    1 
ATOM   206  C  CB   . ASP   A 1 27  ? -9.024  -11.886 -0.419  1.00 31.38 ? 243 ASP   A CB   1 
ATOM   207  C  CG   . ASP   A 1 27  ? -8.125  -12.985 -0.928  1.00 30.53 ? 243 ASP   A CG   1 
ATOM   208  O  OD1  . ASP   A 1 27  ? -8.653  -13.912 -1.557  1.00 35.64 ? 243 ASP   A OD1  1 
ATOM   209  O  OD2  . ASP   A 1 27  ? -6.900  -12.945 -0.703  1.00 30.41 ? 243 ASP   A OD2  1 
ATOM   210  N  N    . PRO   A 1 28  ? -9.826  -12.027 -3.710  1.00 33.99 ? 244 PRO   A N    1 
ATOM   211  C  CA   . PRO   A 1 28  ? -10.668 -12.587 -4.782  1.00 32.25 ? 244 PRO   A CA   1 
ATOM   212  C  C    . PRO   A 1 28  ? -11.282 -13.925 -4.453  1.00 36.14 ? 244 PRO   A C    1 
ATOM   213  O  O    . PRO   A 1 28  ? -12.242 -14.314 -5.127  1.00 42.89 ? 244 PRO   A O    1 
ATOM   214  C  CB   . PRO   A 1 28  ? -9.686  -12.739 -5.951  1.00 33.57 ? 244 PRO   A CB   1 
ATOM   215  C  CG   . PRO   A 1 28  ? -8.296  -12.863 -5.279  1.00 30.70 ? 244 PRO   A CG   1 
ATOM   216  C  CD   . PRO   A 1 28  ? -8.412  -11.895 -4.126  1.00 32.09 ? 244 PRO   A CD   1 
ATOM   217  N  N    . LEU   A 1 29  ? -10.738 -14.671 -3.494  1.00 35.61 ? 245 LEU   A N    1 
ATOM   218  C  CA   . LEU   A 1 29  ? -11.216 -16.014 -3.219  1.00 38.27 ? 245 LEU   A CA   1 
ATOM   219  C  C    . LEU   A 1 29  ? -11.608 -16.276 -1.757  1.00 44.19 ? 245 LEU   A C    1 
ATOM   220  O  O    . LEU   A 1 29  ? -12.203 -17.338 -1.484  1.00 42.76 ? 245 LEU   A O    1 
ATOM   221  C  CB   . LEU   A 1 29  ? -10.173 -17.055 -3.662  1.00 36.70 ? 245 LEU   A CB   1 
ATOM   222  C  CG   . LEU   A 1 29  ? -8.714  -16.665 -3.826  1.00 33.69 ? 245 LEU   A CG   1 
ATOM   223  C  CD1  . LEU   A 1 29  ? -7.933  -17.891 -4.217  1.00 31.42 ? 245 LEU   A CD1  1 
ATOM   224  N  N    . LEU   A 1 30  ? -11.298 -15.365 -0.811  1.00 40.84 ? 246 LEU   A N    1 
ATOM   225  C  CA   . LEU   A 1 30  ? -11.881 -15.426 0.531   1.00 39.15 ? 246 LEU   A CA   1 
ATOM   226  C  C    . LEU   A 1 30  ? -12.987 -14.406 0.697   1.00 38.75 ? 246 LEU   A C    1 
ATOM   227  O  O    . LEU   A 1 30  ? -13.610 -14.353 1.765   1.00 38.26 ? 246 LEU   A O    1 
ATOM   228  C  CB   . LEU   A 1 30  ? -10.840 -15.187 1.630   1.00 36.38 ? 246 LEU   A CB   1 
ATOM   229  C  CG   . LEU   A 1 30  ? -9.387  -15.584 1.399   1.00 35.76 ? 246 LEU   A CG   1 
ATOM   230  C  CD1  . LEU   A 1 30  ? -8.542  -15.033 2.556   1.00 32.38 ? 246 LEU   A CD1  1 
ATOM   231  C  CD2  . LEU   A 1 30  ? -9.172  -17.092 1.138   1.00 39.07 ? 246 LEU   A CD2  1 
ATOM   232  N  N    . HIS   A 1 31  ? -13.213 -13.581 -0.326  1.00 38.13 ? 247 HIS   A N    1 
ATOM   233  C  CA   . HIS   A 1 31  ? -14.268 -12.579 -0.306  1.00 41.25 ? 247 HIS   A CA   1 
ATOM   234  C  C    . HIS   A 1 31  ? -14.341 -11.834 1.016   1.00 39.42 ? 247 HIS   A C    1 
ATOM   235  O  O    . HIS   A 1 31  ? -15.442 -11.565 1.509   1.00 43.27 ? 247 HIS   A O    1 
ATOM   236  C  CB   . HIS   A 1 31  ? -15.614 -13.228 -0.605  1.00 44.10 ? 247 HIS   A CB   1 
ATOM   237  C  CG   . HIS   A 1 31  ? -15.572 -14.162 -1.770  1.00 45.32 ? 247 HIS   A CG   1 
ATOM   238  N  ND1  . HIS   A 1 31  ? -14.869 -15.352 -1.750  1.00 45.95 ? 247 HIS   A ND1  1 
ATOM   239  C  CD2  . HIS   A 1 31  ? -16.132 -14.072 -3.002  1.00 43.38 ? 247 HIS   A CD2  1 
ATOM   240  C  CE1  . HIS   A 1 31  ? -15.008 -15.957 -2.919  1.00 45.77 ? 247 HIS   A CE1  1 
ATOM   241  N  NE2  . HIS   A 1 31  ? -15.771 -15.201 -3.695  1.00 44.87 ? 247 HIS   A NE2  1 
ATOM   242  N  N    . SER   A 1 32  ? -13.177 -11.510 1.580   1.00 35.00 ? 248 SER   A N    1 
ATOM   243  C  CA   . SER   A 1 32  ? -13.053 -10.722 2.795   1.00 33.59 ? 248 SER   A CA   1 
ATOM   244  C  C    . SER   A 1 32  ? -11.944 -9.699  2.603   1.00 33.61 ? 248 SER   A C    1 
ATOM   245  O  O    . SER   A 1 32  ? -10.937 -9.977  1.928   1.00 30.33 ? 248 SER   A O    1 
ATOM   246  C  CB   . SER   A 1 32  ? -12.725 -11.603 4.001   1.00 31.55 ? 248 SER   A CB   1 
ATOM   247  O  OG   . SER   A 1 32  ? -11.507 -12.304 3.797   1.00 34.15 ? 248 SER   A OG   1 
ATOM   248  N  N    . TYR   A 1 33  ? -12.131 -8.514  3.206   1.00 31.20 ? 249 TYR   A N    1 
ATOM   249  C  CA   . TYR   A 1 33  ? -11.079 -7.510  3.216   1.00 29.76 ? 249 TYR   A CA   1 
ATOM   250  C  C    . TYR   A 1 33  ? -10.276 -7.455  4.528   1.00 30.10 ? 249 TYR   A C    1 
ATOM   251  O  O    . TYR   A 1 33  ? -9.225  -6.811  4.560   1.00 27.05 ? 249 TYR   A O    1 
ATOM   252  C  CB   . TYR   A 1 33  ? -11.654 -6.136  2.913   1.00 26.77 ? 249 TYR   A CB   1 
ATOM   253  C  CG   . TYR   A 1 33  ? -12.662 -5.644  3.903   1.00 34.50 ? 249 TYR   A CG   1 
ATOM   254  C  CD1  . TYR   A 1 33  ? -13.938 -6.179  3.958   1.00 37.01 ? 249 TYR   A CD1  1 
ATOM   255  C  CD2  . TYR   A 1 33  ? -12.315 -4.672  4.846   1.00 36.16 ? 249 TYR   A CD2  1 
ATOM   256  C  CE1  . TYR   A 1 33  ? -14.880 -5.716  4.887   1.00 39.30 ? 249 TYR   A CE1  1 
ATOM   257  C  CE2  . TYR   A 1 33  ? -13.240 -4.205  5.778   1.00 37.21 ? 249 TYR   A CE2  1 
ATOM   258  C  CZ   . TYR   A 1 33  ? -14.521 -4.734  5.795   1.00 39.73 ? 249 TYR   A CZ   1 
ATOM   259  O  OH   . TYR   A 1 33  ? -15.446 -4.275  6.710   1.00 41.34 ? 249 TYR   A OH   1 
ATOM   260  N  N    . THR   A 1 34  ? -10.703 -8.161  5.578   1.00 33.16 ? 250 THR   A N    1 
ATOM   261  C  CA   . THR   A 1 34  ? -10.028 -8.162  6.871   1.00 30.93 ? 250 THR   A CA   1 
ATOM   262  C  C    . THR   A 1 34  ? -10.216 -9.526  7.531   1.00 30.61 ? 250 THR   A C    1 
ATOM   263  O  O    . THR   A 1 34  ? -11.143 -10.257 7.191   1.00 29.55 ? 250 THR   A O    1 
ATOM   264  C  CB   . THR   A 1 34  ? -10.560 -7.008  7.728   1.00 33.34 ? 250 THR   A CB   1 
ATOM   265  O  OG1  . THR   A 1 34  ? -9.686  -6.770  8.834   1.00 34.31 ? 250 THR   A OG1  1 
ATOM   266  C  CG2  . THR   A 1 34  ? -11.975 -7.278  8.190   1.00 36.18 ? 250 THR   A CG2  1 
ATOM   267  N  N    . LYS   A 1 35  ? -9.294  -9.881  8.442   1.00 31.64 ? 251 LYS   A N    1 
ATOM   268  C  CA   . LYS   A 1 35  ? -9.265  -11.162 9.170   1.00 35.88 ? 251 LYS   A CA   1 
ATOM   269  C  C    . LYS   A 1 35  ? -8.215  -11.087 10.287  1.00 38.32 ? 251 LYS   A C    1 
ATOM   270  O  O    . LYS   A 1 35  ? -7.379  -10.176 10.312  1.00 38.60 ? 251 LYS   A O    1 
ATOM   271  C  CB   . LYS   A 1 35  ? -8.963  -12.359 8.251   1.00 31.92 ? 251 LYS   A CB   1 
ATOM   272  C  CG   . LYS   A 1 35  ? -7.474  -12.605 7.994   1.00 32.22 ? 251 LYS   A CG   1 
ATOM   273  C  CD   . LYS   A 1 35  ? -7.158  -13.328 6.648   1.00 30.08 ? 251 LYS   A CD   1 
ATOM   274  C  CE   . LYS   A 1 35  ? -5.631  -13.331 6.429   1.00 32.58 ? 251 LYS   A CE   1 
ATOM   275  N  NZ   . LYS   A 1 35  ? -4.957  -14.373 5.570   1.00 35.20 ? 251 LYS   A NZ   1 
ATOM   276  N  N    . LEU   A 1 36  ? -8.255  -12.079 11.223  1.00 39.85 ? 252 LEU   A N    1 
ATOM   277  C  CA   . LEU   A 1 36  ? -7.334  -12.161 12.378  1.00 37.91 ? 252 LEU   A CA   1 
ATOM   278  C  C    . LEU   A 1 36  ? -6.375  -13.348 12.315  1.00 43.58 ? 252 LEU   A C    1 
ATOM   279  O  O    . LEU   A 1 36  ? -6.725  -14.461 12.722  1.00 50.33 ? 252 LEU   A O    1 
ATOM   280  C  CB   . LEU   A 1 36  ? -8.095  -12.230 13.694  1.00 38.99 ? 252 LEU   A CB   1 
ATOM   281  C  CG   . LEU   A 1 36  ? -8.246  -10.945 14.497  1.00 37.44 ? 252 LEU   A CG   1 
ATOM   282  C  CD1  . LEU   A 1 36  ? -8.982  -9.910  13.725  1.00 35.74 ? 252 LEU   A CD1  1 
ATOM   283  C  CD2  . LEU   A 1 36  ? -9.013  -11.313 15.744  1.00 36.08 ? 252 LEU   A CD2  1 
ATOM   284  N  N    . LYS   A 1 37  ? -5.127  -13.078 11.933  1.00 44.09 ? 253 LYS   A N    1 
ATOM   285  C  CA   . LYS   A 1 37  ? -4.086  -14.109 11.871  1.00 44.54 ? 253 LYS   A CA   1 
ATOM   286  C  C    . LYS   A 1 37  ? -3.205  -14.054 13.118  1.00 46.37 ? 253 LYS   A C    1 
ATOM   287  O  O    . LYS   A 1 37  ? -2.944  -12.975 13.667  1.00 49.21 ? 253 LYS   A O    1 
ATOM   288  C  CB   . LYS   A 1 37  ? -3.241  -13.932 10.583  1.00 45.20 ? 253 LYS   A CB   1 
ATOM   289  C  CG   . LYS   A 1 37  ? -1.887  -14.648 10.529  1.00 42.88 ? 253 LYS   A CG   1 
ATOM   290  C  C    . ALA   A 1 43  ? -3.738  -9.229  13.400  1.00 32.48 ? 259 ALA   A C    1 
ATOM   291  O  O    . ALA   A 1 43  ? -3.698  -10.293 12.780  1.00 35.61 ? 259 ALA   A O    1 
ATOM   292  N  N    . ARG   A 1 44  ? -4.857  -8.529  13.539  1.00 32.62 ? 260 ARG   A N    1 
ATOM   293  C  CA   . ARG   A 1 44  ? -5.718  -8.261  12.395  1.00 34.74 ? 260 ARG   A CA   1 
ATOM   294  C  C    . ARG   A 1 44  ? -4.911  -7.831  11.171  1.00 33.39 ? 260 ARG   A C    1 
ATOM   295  O  O    . ARG   A 1 44  ? -3.960  -7.043  11.269  1.00 30.26 ? 260 ARG   A O    1 
ATOM   296  C  CB   . ARG   A 1 44  ? -6.753  -7.183  12.738  1.00 32.43 ? 260 ARG   A CB   1 
ATOM   297  C  CG   . ARG   A 1 44  ? -7.604  -6.866  11.564  1.00 31.12 ? 260 ARG   A CG   1 
ATOM   298  C  CD   . ARG   A 1 44  ? -8.766  -6.054  11.921  1.00 33.17 ? 260 ARG   A CD   1 
ATOM   299  N  NE   . ARG   A 1 44  ? -9.583  -6.768  12.893  1.00 40.08 ? 260 ARG   A NE   1 
ATOM   300  C  CZ   . ARG   A 1 44  ? -10.709 -7.405  12.600  1.00 39.00 ? 260 ARG   A CZ   1 
ATOM   301  N  NH1  . ARG   A 1 44  ? -11.105 -7.565  11.350  1.00 38.08 ? 260 ARG   A NH1  1 
ATOM   302  N  NH2  . ARG   A 1 44  ? -11.444 -7.917  13.584  1.00 38.39 ? 260 ARG   A NH2  1 
ATOM   303  N  N    . GLN   A 1 45  ? -5.315  -8.359  10.007  1.00 35.68 ? 261 GLN   A N    1 
ATOM   304  C  CA   . GLN   A 1 45  ? -4.720  -8.080  8.705   1.00 31.16 ? 261 GLN   A CA   1 
ATOM   305  C  C    . GLN   A 1 45  ? -5.760  -7.447  7.793   1.00 30.76 ? 261 GLN   A C    1 
ATOM   306  O  O    . GLN   A 1 45  ? -6.970  -7.630  7.981   1.00 32.22 ? 261 GLN   A O    1 
ATOM   307  C  CB   . GLN   A 1 45  ? -4.225  -9.347  8.023   1.00 31.32 ? 261 GLN   A CB   1 
ATOM   308  C  CG   . GLN   A 1 45  ? -2.811  -9.782  8.309   1.00 30.93 ? 261 GLN   A CG   1 
ATOM   309  C  CD   . GLN   A 1 45  ? -2.648  -11.253 7.994   1.00 33.92 ? 261 GLN   A CD   1 
ATOM   310  O  OE1  . GLN   A 1 45  ? -3.576  -12.048 8.185   1.00 35.21 ? 261 GLN   A OE1  1 
ATOM   311  N  NE2  . GLN   A 1 45  ? -1.485  -11.621 7.463   1.00 35.65 ? 261 GLN   A NE2  1 
ATOM   312  N  N    . TYR   A 1 46  ? -5.274  -6.723  6.773   1.00 30.53 ? 262 TYR   A N    1 
ATOM   313  C  CA   . TYR   A 1 46  ? -6.125  -6.176  5.723   1.00 27.52 ? 262 TYR   A CA   1 
ATOM   314  C  C    . TYR   A 1 46  ? -5.596  -6.570  4.353   1.00 25.98 ? 262 TYR   A C    1 
ATOM   315  O  O    . TYR   A 1 46  ? -4.394  -6.777  4.160   1.00 28.67 ? 262 TYR   A O    1 
ATOM   316  C  CB   . TYR   A 1 46  ? -6.216  -4.673  5.794   1.00 25.34 ? 262 TYR   A CB   1 
ATOM   317  C  CG   . TYR   A 1 46  ? -7.054  -4.190  6.925   1.00 27.13 ? 262 TYR   A CG   1 
ATOM   318  C  CD1  . TYR   A 1 46  ? -6.530  -4.051  8.209   1.00 27.88 ? 262 TYR   A CD1  1 
ATOM   319  C  CD2  . TYR   A 1 46  ? -8.373  -3.884  6.720   1.00 28.53 ? 262 TYR   A CD2  1 
ATOM   320  C  CE1  . TYR   A 1 46  ? -7.324  -3.589  9.248   1.00 29.36 ? 262 TYR   A CE1  1 
ATOM   321  C  CE2  . TYR   A 1 46  ? -9.164  -3.445  7.733   1.00 31.11 ? 262 TYR   A CE2  1 
ATOM   322  C  CZ   . TYR   A 1 46  ? -8.646  -3.290  8.996   1.00 30.74 ? 262 TYR   A CZ   1 
ATOM   323  O  OH   . TYR   A 1 46  ? -9.497  -2.844  9.982   1.00 34.09 ? 262 TYR   A OH   1 
ATOM   324  N  N    . HIS   A 1 47  ? -6.504  -6.669  3.395   1.00 27.60 ? 263 HIS   A N    1 
ATOM   325  C  CA   . HIS   A 1 47  ? -6.133  -7.017  2.033   1.00 26.55 ? 263 HIS   A CA   1 
ATOM   326  C  C    . HIS   A 1 47  ? -6.091  -5.752  1.188   1.00 24.87 ? 263 HIS   A C    1 
ATOM   327  O  O    . HIS   A 1 47  ? -7.041  -4.962  1.179   1.00 24.67 ? 263 HIS   A O    1 
ATOM   328  C  CB   . HIS   A 1 47  ? -7.114  -8.027  1.447   1.00 27.76 ? 263 HIS   A CB   1 
ATOM   329  C  CG   . HIS   A 1 47  ? -6.779  -8.458  0.057   1.00 25.17 ? 263 HIS   A CG   1 
ATOM   330  N  ND1  . HIS   A 1 47  ? -7.276  -7.826  -1.058  1.00 26.01 ? 263 HIS   A ND1  1 
ATOM   331  C  CD2  . HIS   A 1 47  ? -6.010  -9.469  -0.396  1.00 25.12 ? 263 HIS   A CD2  1 
ATOM   332  C  CE1  . HIS   A 1 47  ? -6.826  -8.424  -2.144  1.00 25.18 ? 263 HIS   A CE1  1 
ATOM   333  N  NE2  . HIS   A 1 47  ? -6.060  -9.428  -1.770  1.00 26.88 ? 263 HIS   A NE2  1 
ATOM   334  N  N    . VAL   A 1 48  ? -4.987  -5.572  0.471   1.00 25.50 ? 264 VAL   A N    1 
ATOM   335  C  CA   . VAL   A 1 48  ? -4.726  -4.365  -0.301  1.00 24.66 ? 264 VAL   A CA   1 
ATOM   336  C  C    . VAL   A 1 48  ? -4.307  -4.739  -1.720  1.00 24.01 ? 264 VAL   A C    1 
ATOM   337  O  O    . VAL   A 1 48  ? -3.611  -5.742  -1.945  1.00 23.63 ? 264 VAL   A O    1 
ATOM   338  C  CB   . VAL   A 1 48  ? -3.629  -3.500  0.371   1.00 25.53 ? 264 VAL   A CB   1 
ATOM   339  C  CG1  . VAL   A 1 48  ? -3.983  -3.196  1.846   1.00 25.49 ? 264 VAL   A CG1  1 
ATOM   340  C  CG2  . VAL   A 1 48  ? -2.235  -4.168  0.264   1.00 21.50 ? 264 VAL   A CG2  1 
ATOM   341  N  N    . GLN   A 1 49  ? -4.729  -3.924  -2.676  1.00 24.20 ? 265 GLN   A N    1 
ATOM   342  C  CA   . GLN   A 1 49  ? -4.121  -3.913  -3.999  1.00 24.59 ? 265 GLN   A CA   1 
ATOM   343  C  C    . GLN   A 1 49  ? -3.067  -2.826  -3.987  1.00 23.39 ? 265 GLN   A C    1 
ATOM   344  O  O    . GLN   A 1 49  ? -3.359  -1.722  -3.531  1.00 25.35 ? 265 GLN   A O    1 
ATOM   345  C  CB   . GLN   A 1 49  ? -5.128  -3.587  -5.100  1.00 22.76 ? 265 GLN   A CB   1 
ATOM   346  C  CG   . GLN   A 1 49  ? -6.510  -4.090  -4.932  1.00 24.05 ? 265 GLN   A CG   1 
ATOM   347  C  CD   . GLN   A 1 49  ? -7.353  -3.849  -6.182  1.00 22.44 ? 265 GLN   A CD   1 
ATOM   348  O  OE1  . GLN   A 1 49  ? -8.214  -4.666  -6.526  1.00 25.74 ? 265 GLN   A OE1  1 
ATOM   349  N  NE2  . GLN   A 1 49  ? -7.129  -2.722  -6.851  1.00 22.62 ? 265 GLN   A NE2  1 
ATOM   350  N  N    . PHE   A 1 50  ? -1.872  -3.114  -4.511  1.00 23.38 ? 266 PHE   A N    1 
ATOM   351  C  CA   . PHE   A 1 50  ? -0.869  -2.065  -4.685  1.00 22.33 ? 266 PHE   A CA   1 
ATOM   352  C  C    . PHE   A 1 50  ? -1.100  -1.343  -6.005  1.00 24.49 ? 266 PHE   A C    1 
ATOM   353  O  O    . PHE   A 1 50  ? -1.217  -1.994  -7.056  1.00 25.84 ? 266 PHE   A O    1 
ATOM   354  C  CB   . PHE   A 1 50  ? 0.544   -2.636  -4.655  1.00 22.94 ? 266 PHE   A CB   1 
ATOM   355  C  CG   . PHE   A 1 50  ? 0.902   -3.285  -3.343  1.00 24.06 ? 266 PHE   A CG   1 
ATOM   356  C  CD1  . PHE   A 1 50  ? 0.587   -4.601  -3.099  1.00 26.66 ? 266 PHE   A CD1  1 
ATOM   357  C  CD2  . PHE   A 1 50  ? 1.513   -2.554  -2.348  1.00 20.75 ? 266 PHE   A CD2  1 
ATOM   358  C  CE1  . PHE   A 1 50  ? 0.903   -5.174  -1.870  1.00 30.75 ? 266 PHE   A CE1  1 
ATOM   359  C  CE2  . PHE   A 1 50  ? 1.830   -3.100  -1.141  1.00 25.60 ? 266 PHE   A CE2  1 
ATOM   360  C  CZ   . PHE   A 1 50  ? 1.525   -4.415  -0.881  1.00 27.77 ? 266 PHE   A CZ   1 
ATOM   361  N  N    . PHE   A 1 51  ? -1.184  -0.009  -5.947  1.00 21.07 ? 267 PHE   A N    1 
ATOM   362  C  CA   . PHE   A 1 51  ? -1.270  0.831   -7.138  1.00 22.33 ? 267 PHE   A CA   1 
ATOM   363  C  C    . PHE   A 1 51  ? 0.006   0.739   -7.975  1.00 25.13 ? 267 PHE   A C    1 
ATOM   364  O  O    . PHE   A 1 51  ? 1.102   0.447   -7.461  1.00 24.27 ? 267 PHE   A O    1 
ATOM   365  C  CB   . PHE   A 1 51  ? -1.443  2.287   -6.758  1.00 23.63 ? 267 PHE   A CB   1 
ATOM   366  C  CG   . PHE   A 1 51  ? -2.807  2.646   -6.279  1.00 24.43 ? 267 PHE   A CG   1 
ATOM   367  C  CD1  . PHE   A 1 51  ? -3.874  2.659   -7.139  1.00 25.19 ? 267 PHE   A CD1  1 
ATOM   368  C  CD2  . PHE   A 1 51  ? -3.003  3.023   -4.968  1.00 23.29 ? 267 PHE   A CD2  1 
ATOM   369  C  CE1  . PHE   A 1 51  ? -5.135  3.034   -6.691  1.00 25.74 ? 267 PHE   A CE1  1 
ATOM   370  C  CE2  . PHE   A 1 51  ? -4.244  3.375   -4.522  1.00 25.37 ? 267 PHE   A CE2  1 
ATOM   371  C  CZ   . PHE   A 1 51  ? -5.316  3.385   -5.393  1.00 25.01 ? 267 PHE   A CZ   1 
ATOM   372  N  N    . GLY   A 1 52  ? -0.137  1.037   -9.266  1.00 24.73 ? 268 GLY   A N    1 
ATOM   373  C  CA   . GLY   A 1 52  ? 0.938   0.912   -10.231 1.00 24.91 ? 268 GLY   A CA   1 
ATOM   374  C  C    . GLY   A 1 52  ? 0.594   -0.053  -11.359 1.00 27.46 ? 268 GLY   A C    1 
ATOM   375  O  O    . GLY   A 1 52  ? -0.502  -0.609  -11.438 1.00 27.92 ? 268 GLY   A O    1 
ATOM   376  N  N    . ASP   A 1 53  ? 1.568   -0.242  -12.247 1.00 27.92 ? 269 ASP   A N    1 
ATOM   377  C  CA   . ASP   A 1 53  ? 1.351   -1.142  -13.370 1.00 30.84 ? 269 ASP   A CA   1 
ATOM   378  C  C    . ASP   A 1 53  ? 1.488   -2.612  -12.997 1.00 28.61 ? 269 ASP   A C    1 
ATOM   379  O  O    . ASP   A 1 53  ? 1.074   -3.460  -13.786 1.00 30.40 ? 269 ASP   A O    1 
ATOM   380  C  CB   . ASP   A 1 53  ? 2.327   -0.839  -14.520 1.00 33.03 ? 269 ASP   A CB   1 
ATOM   381  C  CG   . ASP   A 1 53  ? 2.201   0.584   -15.045 1.00 34.55 ? 269 ASP   A CG   1 
ATOM   382  O  OD1  . ASP   A 1 53  ? 1.156   1.242   -14.849 1.00 35.49 ? 269 ASP   A OD1  1 
ATOM   383  O  OD2  . ASP   A 1 53  ? 3.168   1.049   -15.663 1.00 40.47 ? 269 ASP   A OD2  1 
ATOM   384  N  N    . ALA   A 1 54  ? 2.089   -2.948  -11.843 1.00 28.18 ? 270 ALA   A N    1 
ATOM   385  C  CA   . ALA   A 1 54  ? 2.003   -4.378  -11.546 1.00 28.24 ? 270 ALA   A CA   1 
ATOM   386  C  C    . ALA   A 1 54  ? 0.762   -4.654  -10.722 1.00 25.57 ? 270 ALA   A C    1 
ATOM   387  O  O    . ALA   A 1 54  ? 0.500   -3.937  -9.750  1.00 26.38 ? 270 ALA   A O    1 
ATOM   388  C  CB   . ALA   A 1 54  ? 3.225   -4.880  -10.794 1.00 28.48 ? 270 ALA   A CB   1 
ATOM   389  N  N    . PRO   A 1 55  ? -0.042  -5.637  -11.086 1.00 26.32 ? 271 PRO   A N    1 
ATOM   390  C  CA   . PRO   A 1 55  ? -1.255  -5.876  -10.287 1.00 26.73 ? 271 PRO   A CA   1 
ATOM   391  C  C    . PRO   A 1 55  ? -0.953  -6.688  -9.035  1.00 26.44 ? 271 PRO   A C    1 
ATOM   392  O  O    . PRO   A 1 55  ? -1.318  -7.838  -8.895  1.00 30.58 ? 271 PRO   A O    1 
ATOM   393  C  CB   . PRO   A 1 55  ? -2.149  -6.632  -11.271 1.00 25.02 ? 271 PRO   A CB   1 
ATOM   394  C  CG   . PRO   A 1 55  ? -1.199  -7.397  -12.116 1.00 26.16 ? 271 PRO   A CG   1 
ATOM   395  C  CD   . PRO   A 1 55  ? 0.093   -6.602  -12.191 1.00 25.94 ? 271 PRO   A CD   1 
ATOM   396  N  N    . GLU   A 1 56  ? -0.281  -6.091  -8.074  1.00 24.34 ? 272 GLU   A N    1 
ATOM   397  C  CA   . GLU   A 1 56  ? 0.082   -6.848  -6.898  1.00 27.41 ? 272 GLU   A CA   1 
ATOM   398  C  C    . GLU   A 1 56  ? -0.961  -6.723  -5.783  1.00 27.11 ? 272 GLU   A C    1 
ATOM   399  O  O    . GLU   A 1 56  ? -1.729  -5.750  -5.689  1.00 24.79 ? 272 GLU   A O    1 
ATOM   400  C  CB   . GLU   A 1 56  ? 1.444   -6.385  -6.418  1.00 30.03 ? 272 GLU   A CB   1 
ATOM   401  C  CG   . GLU   A 1 56  ? 2.473   -6.685  -7.460  1.00 31.91 ? 272 GLU   A CG   1 
ATOM   402  C  CD   . GLU   A 1 56  ? 2.506   -8.149  -7.827  1.00 33.05 ? 272 GLU   A CD   1 
ATOM   403  O  OE1  . GLU   A 1 56  ? 2.391   -8.991  -6.917  1.00 37.42 ? 272 GLU   A OE1  1 
ATOM   404  O  OE2  . GLU   A 1 56  ? 2.641   -8.468  -9.029  1.00 36.74 ? 272 GLU   A OE2  1 
ATOM   405  N  N    . ARG   A 1 57  ? -0.957  -7.728  -4.905  1.00 28.61 ? 273 ARG   A N    1 
ATOM   406  C  CA   . ARG   A 1 57  ? -1.873  -7.753  -3.771  1.00 28.44 ? 273 ARG   A CA   1 
ATOM   407  C  C    . ARG   A 1 57  ? -1.248  -8.570  -2.655  1.00 23.72 ? 273 ARG   A C    1 
ATOM   408  O  O    . ARG   A 1 57  ? -0.390  -9.413  -2.906  1.00 29.36 ? 273 ARG   A O    1 
ATOM   409  C  CB   . ARG   A 1 57  ? -3.232  -8.318  -4.185  1.00 25.11 ? 273 ARG   A CB   1 
ATOM   410  C  CG   . ARG   A 1 57  ? -3.209  -9.787  -4.427  1.00 23.27 ? 273 ARG   A CG   1 
ATOM   411  C  CD   . ARG   A 1 57  ? -4.559  -10.199 -4.931  1.00 28.49 ? 273 ARG   A CD   1 
ATOM   412  N  NE   . ARG   A 1 57  ? -4.670  -11.647 -4.985  1.00 32.22 ? 273 ARG   A NE   1 
ATOM   413  C  CZ   . ARG   A 1 57  ? -4.929  -12.426 -3.941  1.00 35.07 ? 273 ARG   A CZ   1 
ATOM   414  N  NH1  . ARG   A 1 57  ? -5.240  -11.919 -2.746  1.00 33.21 ? 273 ARG   A NH1  1 
ATOM   415  N  NH2  . ARG   A 1 57  ? -4.863  -13.747 -4.092  1.00 35.99 ? 273 ARG   A NH2  1 
ATOM   416  N  N    . ALA   A 1 58  ? -1.692  -8.325  -1.420  1.00 25.47 ? 274 ALA   A N    1 
ATOM   417  C  CA   . ALA   A 1 58  ? -1.049  -8.925  -0.251  1.00 24.30 ? 274 ALA   A CA   1 
ATOM   418  C  C    . ALA   A 1 58  ? -1.940  -8.761  0.967   1.00 24.81 ? 274 ALA   A C    1 
ATOM   419  O  O    . ALA   A 1 58  ? -2.853  -7.939  0.980   1.00 26.63 ? 274 ALA   A O    1 
ATOM   420  C  CB   . ALA   A 1 58  ? 0.314   -8.292  0.023   1.00 25.67 ? 274 ALA   A CB   1 
ATOM   421  N  N    . TRP   A 1 59  ? -1.665  -9.550  1.996   1.00 25.77 ? 275 TRP   A N    1 
ATOM   422  C  CA   . TRP   A 1 59  ? -2.320  -9.373  3.286   1.00 28.48 ? 275 TRP   A CA   1 
ATOM   423  C  C    . TRP   A 1 59  ? -1.339  -8.660  4.210   1.00 25.34 ? 275 TRP   A C    1 
ATOM   424  O  O    . TRP   A 1 59  ? -0.178  -9.045  4.296   1.00 28.07 ? 275 TRP   A O    1 
ATOM   425  C  CB   . TRP   A 1 59  ? -2.758  -10.728 3.876   1.00 31.32 ? 275 TRP   A CB   1 
ATOM   426  C  CG   . TRP   A 1 59  ? -4.101  -11.239 3.328   1.00 27.52 ? 275 TRP   A CG   1 
ATOM   427  C  CD1  . TRP   A 1 59  ? -4.289  -12.150 2.313   1.00 24.90 ? 275 TRP   A CD1  1 
ATOM   428  C  CD2  . TRP   A 1 59  ? -5.414  -10.849 3.753   1.00 28.45 ? 275 TRP   A CD2  1 
ATOM   429  N  NE1  . TRP   A 1 59  ? -5.633  -12.341 2.082   1.00 25.27 ? 275 TRP   A NE1  1 
ATOM   430  C  CE2  . TRP   A 1 59  ? -6.345  -11.563 2.951   1.00 27.48 ? 275 TRP   A CE2  1 
ATOM   431  C  CE3  . TRP   A 1 59  ? -5.897  -9.969  4.732   1.00 27.99 ? 275 TRP   A CE3  1 
ATOM   432  C  CZ2  . TRP   A 1 59  ? -7.721  -11.427 3.108   1.00 27.33 ? 275 TRP   A CZ2  1 
ATOM   433  C  CZ3  . TRP   A 1 59  ? -7.260  -9.831  4.880   1.00 27.70 ? 275 TRP   A CZ3  1 
ATOM   434  C  CH2  . TRP   A 1 59  ? -8.161  -10.559 4.075   1.00 28.80 ? 275 TRP   A CH2  1 
ATOM   435  N  N    . ILE   A 1 60  ? -1.784  -7.605  4.873   1.00 27.40 ? 276 ILE   A N    1 
ATOM   436  C  CA   . ILE   A 1 60  ? -0.860  -6.731  5.595   1.00 28.71 ? 276 ILE   A CA   1 
ATOM   437  C  C    . ILE   A 1 60  ? -1.350  -6.618  7.021   1.00 28.70 ? 276 ILE   A C    1 
ATOM   438  O  O    . ILE   A 1 60  ? -2.500  -6.221  7.239   1.00 28.93 ? 276 ILE   A O    1 
ATOM   439  C  CB   . ILE   A 1 60  ? -0.798  -5.296  5.015   1.00 30.60 ? 276 ILE   A CB   1 
ATOM   440  C  CG1  . ILE   A 1 60  ? -0.671  -5.235  3.470   1.00 27.95 ? 276 ILE   A CG1  1 
ATOM   441  C  CG2  . ILE   A 1 60  ? 0.349   -4.540  5.669   1.00 27.16 ? 276 ILE   A CG2  1 
ATOM   442  C  CD1  . ILE   A 1 60  ? 0.628   -5.693  2.910   1.00 25.49 ? 276 ILE   A CD1  1 
ATOM   443  N  N    . PHE   A 1 61  ? -0.459  -6.878  7.987   1.00 28.30 ? 277 PHE   A N    1 
ATOM   444  C  CA   . PHE   A 1 61  ? -0.765  -6.573  9.381   1.00 27.16 ? 277 PHE   A CA   1 
ATOM   445  C  C    . PHE   A 1 61  ? -0.995  -5.075  9.563   1.00 26.81 ? 277 PHE   A C    1 
ATOM   446  O  O    . PHE   A 1 61  ? -0.267  -4.245  9.017   1.00 28.89 ? 277 PHE   A O    1 
ATOM   447  C  CB   . PHE   A 1 61  ? 0.366   -7.065  10.297  1.00 28.14 ? 277 PHE   A CB   1 
ATOM   448  C  CG   . PHE   A 1 61  ? 0.314   -8.534  10.559  1.00 29.02 ? 277 PHE   A CG   1 
ATOM   449  C  CD1  . PHE   A 1 61  ? -0.791  -9.100  11.167  1.00 30.70 ? 277 PHE   A CD1  1 
ATOM   450  C  CD2  . PHE   A 1 61  ? 1.335   -9.366  10.120  1.00 32.16 ? 277 PHE   A CD2  1 
ATOM   451  C  CE1  . PHE   A 1 61  ? -0.862  -10.474 11.373  1.00 32.55 ? 277 PHE   A CE1  1 
ATOM   452  C  CE2  . PHE   A 1 61  ? 1.270   -10.743 10.315  1.00 29.86 ? 277 PHE   A CE2  1 
ATOM   453  C  CZ   . PHE   A 1 61  ? 0.170   -11.290 10.946  1.00 32.03 ? 277 PHE   A CZ   1 
ATOM   454  N  N    . GLU   A 1 62  ? -2.007  -4.744  10.372  1.00 26.23 ? 278 GLU   A N    1 
ATOM   455  C  CA   . GLU   A 1 62  ? -2.455  -3.370  10.590  1.00 26.64 ? 278 GLU   A CA   1 
ATOM   456  C  C    . GLU   A 1 62  ? -1.320  -2.442  11.044  1.00 28.64 ? 278 GLU   A C    1 
ATOM   457  O  O    . GLU   A 1 62  ? -1.371  -1.223  10.792  1.00 28.13 ? 278 GLU   A O    1 
ATOM   458  C  CB   . GLU   A 1 62  ? -3.616  -3.428  11.596  1.00 29.41 ? 278 GLU   A CB   1 
ATOM   459  C  CG   . GLU   A 1 62  ? -4.548  -2.231  11.759  1.00 30.43 ? 278 GLU   A CG   1 
ATOM   460  C  CD   . GLU   A 1 62  ? -5.629  -2.523  12.802  1.00 28.94 ? 278 GLU   A CD   1 
ATOM   461  N  N    . LYS   A 1 63  ? -0.273  -2.987  11.687  1.00 30.02 ? 279 LYS   A N    1 
ATOM   462  C  CA   . LYS   A 1 63  ? 0.862   -2.163  12.121  1.00 30.01 ? 279 LYS   A CA   1 
ATOM   463  C  C    . LYS   A 1 63  ? 1.732   -1.750  10.956  1.00 30.34 ? 279 LYS   A C    1 
ATOM   464  O  O    . LYS   A 1 63  ? 2.559   -0.830  11.094  1.00 28.74 ? 279 LYS   A O    1 
ATOM   465  C  CB   . LYS   A 1 63  ? 1.724   -2.891  13.169  1.00 29.85 ? 279 LYS   A CB   1 
ATOM   466  C  CG   . LYS   A 1 63  ? 2.691   -3.940  12.633  1.00 26.09 ? 279 LYS   A CG   1 
ATOM   467  N  N    . SER   A 1 64  ? 1.561   -2.398  9.803   1.00 28.30 ? 280 SER   A N    1 
ATOM   468  C  CA   . SER   A 1 64  ? 2.285   -2.004  8.605   1.00 28.17 ? 280 SER   A CA   1 
ATOM   469  C  C    . SER   A 1 64  ? 1.396   -1.238  7.635   1.00 23.81 ? 280 SER   A C    1 
ATOM   470  O  O    . SER   A 1 64  ? 1.645   -1.207  6.430   1.00 25.95 ? 280 SER   A O    1 
ATOM   471  C  CB   . SER   A 1 64  ? 2.898   -3.242  7.972   1.00 27.30 ? 280 SER   A CB   1 
ATOM   472  O  OG   . SER   A 1 64  ? 3.814   -3.794  8.923   1.00 34.78 ? 280 SER   A OG   1 
ATOM   473  N  N    . LEU   A 1 65  ? 0.383   -0.567  8.151   1.00 25.65 ? 281 LEU   A N    1 
ATOM   474  C  CA   . LEU   A 1 65  ? -0.632  0.025   7.310   1.00 26.84 ? 281 LEU   A CA   1 
ATOM   475  C  C    . LEU   A 1 65  ? -0.757  1.454   7.803   1.00 25.20 ? 281 LEU   A C    1 
ATOM   476  O  O    . LEU   A 1 65  ? -0.887  1.663   9.005   1.00 27.41 ? 281 LEU   A O    1 
ATOM   477  C  CB   . LEU   A 1 65  ? -1.923  -0.751  7.494   1.00 26.23 ? 281 LEU   A CB   1 
ATOM   478  C  CG   . LEU   A 1 65  ? -2.127  -1.877  6.472   1.00 25.76 ? 281 LEU   A CG   1 
ATOM   479  C  CD1  . LEU   A 1 65  ? -3.495  -2.506  6.632   1.00 27.99 ? 281 LEU   A CD1  1 
ATOM   480  C  CD2  . LEU   A 1 65  ? -1.877  -1.454  5.047   1.00 25.21 ? 281 LEU   A CD2  1 
ATOM   481  N  N    . VAL   A 1 66  ? -0.651  2.445   6.919   1.00 26.14 ? 282 VAL   A N    1 
ATOM   482  C  CA   . VAL   A 1 66  ? -0.847  3.835   7.322   1.00 26.09 ? 282 VAL   A CA   1 
ATOM   483  C  C    . VAL   A 1 66  ? -1.797  4.520   6.348   1.00 24.92 ? 282 VAL   A C    1 
ATOM   484  O  O    . VAL   A 1 66  ? -1.612  4.436   5.127   1.00 25.34 ? 282 VAL   A O    1 
ATOM   485  C  CB   . VAL   A 1 66  ? 0.484   4.597   7.423   1.00 25.20 ? 282 VAL   A CB   1 
ATOM   486  C  CG1  . VAL   A 1 66  ? 0.231   5.998   7.931   1.00 23.92 ? 282 VAL   A CG1  1 
ATOM   487  C  CG2  . VAL   A 1 66  ? 1.410   3.869   8.387   1.00 21.73 ? 282 VAL   A CG2  1 
ATOM   488  N  N    . ALA   A 1 67  ? -2.822  5.187   6.887   1.00 23.02 ? 283 ALA   A N    1 
ATOM   489  C  CA   . ALA   A 1 67  ? -3.780  5.886   6.036   1.00 26.23 ? 283 ALA   A CA   1 
ATOM   490  C  C    . ALA   A 1 67  ? -3.068  6.827   5.053   1.00 25.09 ? 283 ALA   A C    1 
ATOM   491  O  O    . ALA   A 1 67  ? -2.271  7.682   5.447   1.00 24.75 ? 283 ALA   A O    1 
ATOM   492  C  CB   . ALA   A 1 67  ? -4.795  6.659   6.898   1.00 21.45 ? 283 ALA   A CB   1 
ATOM   493  N  N    . PHE   A 1 68  ? -3.368  6.674   3.765   1.00 23.68 ? 284 PHE   A N    1 
ATOM   494  C  CA   . PHE   A 1 68  ? -2.798  7.551   2.744   1.00 26.08 ? 284 PHE   A CA   1 
ATOM   495  C  C    . PHE   A 1 68  ? -3.436  8.946   2.785   1.00 28.34 ? 284 PHE   A C    1 
ATOM   496  O  O    . PHE   A 1 68  ? -4.641  9.095   2.553   1.00 27.25 ? 284 PHE   A O    1 
ATOM   497  C  CB   . PHE   A 1 68  ? -2.992  6.917   1.368   1.00 23.12 ? 284 PHE   A CB   1 
ATOM   498  C  CG   . PHE   A 1 68  ? -2.336  7.659   0.239   1.00 22.91 ? 284 PHE   A CG   1 
ATOM   499  C  CD1  . PHE   A 1 68  ? -1.033  7.396   -0.114  1.00 25.48 ? 284 PHE   A CD1  1 
ATOM   500  C  CD2  . PHE   A 1 68  ? -3.034  8.596   -0.498  1.00 25.94 ? 284 PHE   A CD2  1 
ATOM   501  C  CE1  . PHE   A 1 68  ? -0.418  8.062   -1.200  1.00 26.44 ? 284 PHE   A CE1  1 
ATOM   502  C  CE2  . PHE   A 1 68  ? -2.434  9.269   -1.572  1.00 25.55 ? 284 PHE   A CE2  1 
ATOM   503  C  CZ   . PHE   A 1 68  ? -1.135  8.997   -1.928  1.00 26.00 ? 284 PHE   A CZ   1 
ATOM   504  N  N    . GLU   A 1 69  ? -2.626  9.970   3.066   1.00 28.01 ? 285 GLU   A N    1 
ATOM   505  C  CA   . GLU   A 1 69  ? -3.016  11.349  2.785   1.00 27.29 ? 285 GLU   A CA   1 
ATOM   506  C  C    . GLU   A 1 69  ? -2.403  11.867  1.494   1.00 28.91 ? 285 GLU   A C    1 
ATOM   507  O  O    . GLU   A 1 69  ? -3.124  12.467  0.687   1.00 31.01 ? 285 GLU   A O    1 
ATOM   508  C  CB   . GLU   A 1 69  ? -2.640  12.288  3.932   1.00 27.00 ? 285 GLU   A CB   1 
ATOM   509  C  CG   . GLU   A 1 69  ? -3.463  12.075  5.216   1.00 28.56 ? 285 GLU   A CG   1 
ATOM   510  N  N    . GLY   A 1 70  ? -1.116  11.604  1.257   1.00 27.86 ? 286 GLY   A N    1 
ATOM   511  C  CA   . GLY   A 1 70  ? -0.452  12.042  0.038   1.00 25.99 ? 286 GLY   A CA   1 
ATOM   512  C  C    . GLY   A 1 70  ? 1.051   11.836  0.103   1.00 28.28 ? 286 GLY   A C    1 
ATOM   513  O  O    . GLY   A 1 70  ? 1.633   11.600  1.175   1.00 28.43 ? 286 GLY   A O    1 
ATOM   514  N  N    . GLU   A 1 71  ? 1.679   11.980  -1.084  1.00 30.61 ? 287 GLU   A N    1 
ATOM   515  C  CA   . GLU   A 1 71  ? 3.102   11.679  -1.290  1.00 30.52 ? 287 GLU   A CA   1 
ATOM   516  C  C    . GLU   A 1 71  ? 3.989   12.264  -0.197  1.00 30.21 ? 287 GLU   A C    1 
ATOM   517  O  O    . GLU   A 1 71  ? 4.993   11.654  0.192   1.00 31.64 ? 287 GLU   A O    1 
ATOM   518  C  CB   . GLU   A 1 71  ? 3.572   12.208  -2.652  1.00 29.36 ? 287 GLU   A CB   1 
ATOM   519  C  CG   . GLU   A 1 71  ? 4.690   11.374  -3.302  1.00 28.93 ? 287 GLU   A CG   1 
ATOM   520  C  CD   . GLU   A 1 71  ? 5.462   12.102  -4.410  1.00 31.08 ? 287 GLU   A CD   1 
ATOM   521  O  OE1  . GLU   A 1 71  ? 4.824   12.595  -5.382  1.00 34.21 ? 287 GLU   A OE1  1 
ATOM   522  O  OE2  . GLU   A 1 71  ? 6.721   12.163  -4.310  1.00 32.79 ? 287 GLU   A OE2  1 
ATOM   523  N  N    . GLY   A 1 72  ? 3.636   13.428  0.332   1.00 30.09 ? 288 GLY   A N    1 
ATOM   524  C  CA   . GLY   A 1 72  ? 4.486   14.025  1.337   1.00 26.38 ? 288 GLY   A CA   1 
ATOM   525  C  C    . GLY   A 1 72  ? 4.651   13.198  2.583   1.00 26.45 ? 288 GLY   A C    1 
ATOM   526  O  O    . GLY   A 1 72  ? 5.488   13.539  3.419   1.00 29.35 ? 288 GLY   A O    1 
ATOM   527  N  N    . GLN   A 1 73  ? 3.877   12.144  2.760   1.00 27.36 ? 289 GLN   A N    1 
ATOM   528  C  CA   . GLN   A 1 73  ? 4.111   11.348  3.955   1.00 29.10 ? 289 GLN   A CA   1 
ATOM   529  C  C    . GLN   A 1 73  ? 5.283   10.398  3.806   1.00 27.22 ? 289 GLN   A C    1 
ATOM   530  O  O    . GLN   A 1 73  ? 5.733   9.835   4.814   1.00 27.49 ? 289 GLN   A O    1 
ATOM   531  C  CB   . GLN   A 1 73  ? 2.878   10.528  4.317   1.00 29.20 ? 289 GLN   A CB   1 
ATOM   532  C  CG   . GLN   A 1 73  ? 1.653   11.295  4.772   1.00 24.89 ? 289 GLN   A CG   1 
ATOM   533  C  CD   . GLN   A 1 73  ? 0.442   10.411  4.658   1.00 24.74 ? 289 GLN   A CD   1 
ATOM   534  O  OE1  . GLN   A 1 73  ? -0.077  10.209  3.561   1.00 29.29 ? 289 GLN   A OE1  1 
ATOM   535  N  NE2  . GLN   A 1 73  ? 0.020   9.813   5.767   1.00 26.11 ? 289 GLN   A NE2  1 
ATOM   536  N  N    . PHE   A 1 74  ? 5.788   10.233  2.583   1.00 27.20 ? 290 PHE   A N    1 
ATOM   537  C  CA   . PHE   A 1 74  ? 6.776   9.198   2.302   1.00 27.38 ? 290 PHE   A CA   1 
ATOM   538  C  C    . PHE   A 1 74  ? 8.041   9.360   3.142   1.00 29.28 ? 290 PHE   A C    1 
ATOM   539  O  O    . PHE   A 1 74  ? 8.547   8.381   3.699   1.00 28.66 ? 290 PHE   A O    1 
ATOM   540  C  CB   . PHE   A 1 74  ? 7.101   9.216   0.815   1.00 27.18 ? 290 PHE   A CB   1 
ATOM   541  C  CG   . PHE   A 1 74  ? 7.960   8.069   0.353   1.00 26.77 ? 290 PHE   A CG   1 
ATOM   542  C  CD1  . PHE   A 1 74  ? 7.587   6.767   0.602   1.00 24.26 ? 290 PHE   A CD1  1 
ATOM   543  C  CD2  . PHE   A 1 74  ? 9.069   8.298   -0.435  1.00 25.86 ? 290 PHE   A CD2  1 
ATOM   544  C  CE1  . PHE   A 1 74  ? 8.340   5.734   0.132   1.00 26.75 ? 290 PHE   A CE1  1 
ATOM   545  C  CE2  . PHE   A 1 74  ? 9.823   7.256   -0.916  1.00 25.54 ? 290 PHE   A CE2  1 
ATOM   546  C  CZ   . PHE   A 1 74  ? 9.463   5.979   -0.645  1.00 25.79 ? 290 PHE   A CZ   1 
ATOM   547  N  N    . GLU   A 1 75  ? 8.564   10.587  3.253   1.00 29.62 ? 291 GLU   A N    1 
ATOM   548  C  CA   . GLU   A 1 75  ? 9.863   10.773  3.900   1.00 30.87 ? 291 GLU   A CA   1 
ATOM   549  C  C    . GLU   A 1 75  ? 9.840   10.311  5.359   1.00 28.35 ? 291 GLU   A C    1 
ATOM   550  O  O    . GLU   A 1 75  ? 10.755  9.616   5.821   1.00 26.74 ? 291 GLU   A O    1 
ATOM   551  C  CB   . GLU   A 1 75  ? 10.300  12.241  3.788   1.00 30.48 ? 291 GLU   A CB   1 
ATOM   552  N  N    . LYS   A 1 76  ? 8.806   10.706  6.105   1.00 29.73 ? 292 LYS   A N    1 
ATOM   553  C  CA   . LYS   A 1 76  ? 8.701   10.326  7.515   1.00 29.74 ? 292 LYS   A CA   1 
ATOM   554  C  C    . LYS   A 1 76  ? 8.542   8.814   7.671   1.00 31.10 ? 292 LYS   A C    1 
ATOM   555  O  O    . LYS   A 1 76  ? 9.130   8.201   8.573   1.00 33.07 ? 292 LYS   A O    1 
ATOM   556  C  CB   . LYS   A 1 76  ? 7.511   11.062  8.141   1.00 29.91 ? 292 LYS   A CB   1 
ATOM   557  C  CG   . LYS   A 1 76  ? 7.633   11.429  9.596   1.00 30.87 ? 292 LYS   A CG   1 
ATOM   558  N  N    . LEU   A 1 77  ? 7.728   8.202   6.809   1.00 29.72 ? 293 LEU   A N    1 
ATOM   559  C  CA   . LEU   A 1 77  ? 7.555   6.755   6.827   1.00 28.29 ? 293 LEU   A CA   1 
ATOM   560  C  C    . LEU   A 1 77  ? 8.896   6.051   6.686   1.00 28.00 ? 293 LEU   A C    1 
ATOM   561  O  O    . LEU   A 1 77  ? 9.267   5.224   7.522   1.00 27.18 ? 293 LEU   A O    1 
ATOM   562  C  CB   . LEU   A 1 77  ? 6.614   6.354   5.692   1.00 26.94 ? 293 LEU   A CB   1 
ATOM   563  C  CG   . LEU   A 1 77  ? 5.142   6.614   5.935   1.00 24.07 ? 293 LEU   A CG   1 
ATOM   564  C  CD1  . LEU   A 1 77  ? 4.356   6.210   4.708   1.00 22.31 ? 293 LEU   A CD1  1 
ATOM   565  C  CD2  . LEU   A 1 77  ? 4.706   5.821   7.131   1.00 23.61 ? 293 LEU   A CD2  1 
ATOM   566  N  N    . CYS   A 1 78  ? 9.624   6.374   5.611   1.00 29.65 ? 294 CYS   A N    1 
ATOM   567  C  CA   . CYS   A 1 78  ? 10.919  5.779   5.306   1.00 29.07 ? 294 CYS   A CA   1 
ATOM   568  C  C    . CYS   A 1 78  ? 11.909  6.006   6.433   1.00 31.60 ? 294 CYS   A C    1 
ATOM   569  O  O    . CYS   A 1 78  ? 12.604  5.075   6.864   1.00 29.78 ? 294 CYS   A O    1 
ATOM   570  C  CB   . CYS   A 1 78  ? 11.477  6.404   4.031   1.00 31.86 ? 294 CYS   A CB   1 
ATOM   571  S  SG   . CYS   A 1 78  ? 10.570  5.971   2.521   1.00 37.80 ? 294 CYS   A SG   1 
ATOM   572  N  N    . GLN   A 1 79  ? 12.013  7.261   6.897   1.00 31.98 ? 295 GLN   A N    1 
ATOM   573  C  CA   . GLN   A 1 79  ? 12.993  7.592   7.923   1.00 29.52 ? 295 GLN   A CA   1 
ATOM   574  C  C    . GLN   A 1 79  ? 12.641  6.920   9.245   1.00 33.01 ? 295 GLN   A C    1 
ATOM   575  O  O    . GLN   A 1 79  ? 13.523  6.364   9.914   1.00 36.96 ? 295 GLN   A O    1 
ATOM   576  C  CB   . GLN   A 1 79  ? 13.115  9.111   8.068   1.00 27.68 ? 295 GLN   A CB   1 
ATOM   577  C  CG   . GLN   A 1 79  ? 13.874  9.791   6.897   1.00 27.30 ? 295 GLN   A CG   1 
ATOM   578  C  CD   . GLN   A 1 79  ? 13.935  11.306  7.005   1.00 24.48 ? 295 GLN   A CD   1 
ATOM   579  N  N    . GLU   A 1 80  ? 11.357  6.895   9.622   1.00 33.12 ? 296 GLU   A N    1 
ATOM   580  C  CA   . GLU   A 1 80  ? 11.025  6.201   10.863  1.00 33.01 ? 296 GLU   A CA   1 
ATOM   581  C  C    . GLU   A 1 80  ? 11.352  4.716   10.766  1.00 35.07 ? 296 GLU   A C    1 
ATOM   582  O  O    . GLU   A 1 80  ? 11.946  4.146   11.687  1.00 36.23 ? 296 GLU   A O    1 
ATOM   583  C  CB   . GLU   A 1 80  ? 9.562   6.412   11.252  1.00 32.23 ? 296 GLU   A CB   1 
ATOM   584  C  CG   . GLU   A 1 80  ? 9.369   7.458   12.352  1.00 39.42 ? 296 GLU   A CG   1 
ATOM   585  C  CD   . GLU   A 1 80  ? 7.900   7.702   12.693  1.00 38.85 ? 296 GLU   A CD   1 
ATOM   586  N  N    . SER   A 1 81  ? 11.005  4.072   9.655   1.00 32.37 ? 297 SER   A N    1 
ATOM   587  C  CA   . SER   A 1 81  ? 11.094  2.621   9.640   1.00 33.69 ? 297 SER   A CA   1 
ATOM   588  C  C    . SER   A 1 81  ? 12.538  2.180   9.812   1.00 34.25 ? 297 SER   A C    1 
ATOM   589  O  O    . SER   A 1 81  ? 12.821  1.236   10.560  1.00 35.19 ? 297 SER   A O    1 
ATOM   590  C  CB   . SER   A 1 81  ? 10.463  2.060   8.359   1.00 33.88 ? 297 SER   A CB   1 
ATOM   591  O  OG   . SER   A 1 81  ? 9.035   1.996   8.485   1.00 33.62 ? 297 SER   A OG   1 
ATOM   592  N  N    . ALA   A 1 82  ? 13.470  2.896   9.190   1.00 32.36 ? 298 ALA   A N    1 
ATOM   593  C  CA   . ALA   A 1 82  ? 14.870  2.612   9.452   1.00 32.12 ? 298 ALA   A CA   1 
ATOM   594  C  C    . ALA   A 1 82  ? 15.306  3.137   10.814  1.00 37.25 ? 298 ALA   A C    1 
ATOM   595  O  O    . ALA   A 1 82  ? 16.209  2.553   11.423  1.00 39.71 ? 298 ALA   A O    1 
ATOM   596  C  CB   . ALA   A 1 82  ? 15.760  3.190   8.361   1.00 31.72 ? 298 ALA   A CB   1 
ATOM   597  N  N    . LYS   A 1 83  ? 14.690  4.216   11.325  1.00 37.98 ? 299 LYS   A N    1 
ATOM   598  C  CA   . LYS   A 1 83  ? 15.006  4.633   12.692  1.00 34.95 ? 299 LYS   A CA   1 
ATOM   599  C  C    . LYS   A 1 83  ? 14.641  3.543   13.686  1.00 34.89 ? 299 LYS   A C    1 
ATOM   600  O  O    . LYS   A 1 83  ? 15.444  3.206   14.559  1.00 39.18 ? 299 LYS   A O    1 
ATOM   601  C  CB   . LYS   A 1 83  ? 14.305  5.945   13.060  1.00 34.20 ? 299 LYS   A CB   1 
ATOM   602  N  N    . GLN   A 1 84  ? 13.465  2.938   13.547  1.00 35.20 ? 300 GLN   A N    1 
ATOM   603  C  CA   . GLN   A 1 84  ? 12.964  2.043   14.585  1.00 34.42 ? 300 GLN   A CA   1 
ATOM   604  C  C    . GLN   A 1 84  ? 13.625  0.678   14.567  1.00 34.79 ? 300 GLN   A C    1 
ATOM   605  O  O    . GLN   A 1 84  ? 13.287  -0.148  15.421  1.00 36.48 ? 300 GLN   A O    1 
ATOM   606  C  CB   . GLN   A 1 84  ? 11.436  1.872   14.466  1.00 35.00 ? 300 GLN   A CB   1 
ATOM   607  N  N    . ALA   A 1 85  ? 14.542  0.416   13.631  1.00 36.75 ? 301 ALA   A N    1 
ATOM   608  C  CA   . ALA   A 1 85  ? 15.089  -0.939  13.473  1.00 37.69 ? 301 ALA   A CA   1 
ATOM   609  C  C    . ALA   A 1 85  ? 15.967  -1.292  14.666  1.00 40.49 ? 301 ALA   A C    1 
ATOM   610  O  O    . ALA   A 1 85  ? 16.882  -0.523  15.002  1.00 39.99 ? 301 ALA   A O    1 
ATOM   611  C  CB   . ALA   A 1 85  ? 15.894  -1.066  12.189  1.00 34.00 ? 301 ALA   A CB   1 
ATOM   612  N  N    . PRO   A 1 86  ? 15.720  -2.439  15.336  1.00 40.67 ? 302 PRO   A N    1 
ATOM   613  C  CA   . PRO   A 1 86  ? 16.394  -2.938  16.536  1.00 41.33 ? 302 PRO   A CA   1 
ATOM   614  C  C    . PRO   A 1 86  ? 17.889  -2.594  16.541  1.00 46.44 ? 302 PRO   A C    1 
ATOM   615  O  O    . PRO   A 1 86  ? 18.524  -2.548  15.477  1.00 45.66 ? 302 PRO   A O    1 
ATOM   616  N  N    . ALA   A 1 89  ? 20.880  -2.515  13.485  1.00 37.01 ? 305 ALA   A N    1 
ATOM   617  C  CA   . ALA   A 1 89  ? 22.049  -2.122  12.665  1.00 43.28 ? 305 ALA   A CA   1 
ATOM   618  C  C    . ALA   A 1 89  ? 22.091  -2.819  11.293  1.00 41.68 ? 305 ALA   A C    1 
ATOM   619  O  O    . ALA   A 1 89  ? 22.171  -2.156  10.251  1.00 39.86 ? 305 ALA   A O    1 
ATOM   620  C  CB   . ALA   A 1 89  ? 23.354  -2.388  13.415  1.00 44.62 ? 305 ALA   A CB   1 
ATOM   621  N  N    . GLU   A 1 90  ? 22.085  -4.161  11.305  1.00 45.02 ? 306 GLU   A N    1 
ATOM   622  C  CA   . GLU   A 1 90  ? 21.803  -4.925  10.090  1.00 41.16 ? 306 GLU   A CA   1 
ATOM   623  C  C    . GLU   A 1 90  ? 20.333  -4.818  9.717   1.00 39.42 ? 306 GLU   A C    1 
ATOM   624  O  O    . GLU   A 1 90  ? 19.979  -4.792  8.534   1.00 38.16 ? 306 GLU   A O    1 
ATOM   625  C  CB   . GLU   A 1 90  ? 22.173  -6.385  10.288  1.00 39.04 ? 306 GLU   A CB   1 
ATOM   626  N  N    . LYS   A 1 91  ? 19.469  -4.775  10.726  1.00 39.61 ? 307 LYS   A N    1 
ATOM   627  C  CA   . LYS   A 1 91  ? 18.059  -4.451  10.522  1.00 41.33 ? 307 LYS   A CA   1 
ATOM   628  C  C    . LYS   A 1 91  ? 17.905  -3.073  9.879   1.00 39.87 ? 307 LYS   A C    1 
ATOM   629  O  O    . LYS   A 1 91  ? 17.115  -2.885  8.941   1.00 39.32 ? 307 LYS   A O    1 
ATOM   630  C  CB   . LYS   A 1 91  ? 17.348  -4.486  11.877  1.00 39.61 ? 307 LYS   A CB   1 
ATOM   631  C  CG   . LYS   A 1 91  ? 17.302  -5.824  12.552  1.00 37.25 ? 307 LYS   A CG   1 
ATOM   632  C  CD   . LYS   A 1 91  ? 17.099  -5.539  14.038  1.00 41.44 ? 307 LYS   A CD   1 
ATOM   633  C  CE   . LYS   A 1 91  ? 18.430  -5.809  14.826  1.00 42.57 ? 307 LYS   A CE   1 
ATOM   634  N  NZ   . LYS   A 1 91  ? 19.651  -4.951  14.484  1.00 40.76 ? 307 LYS   A NZ   1 
ATOM   635  N  N    . ILE   A 1 92  ? 18.633  -2.080  10.396  1.00 39.28 ? 308 ILE   A N    1 
ATOM   636  C  CA   . ILE   A 1 92  ? 18.586  -0.755  9.783   1.00 39.54 ? 308 ILE   A CA   1 
ATOM   637  C  C    . ILE   A 1 92  ? 19.134  -0.816  8.365   1.00 40.53 ? 308 ILE   A C    1 
ATOM   638  O  O    . ILE   A 1 92  ? 18.687  -0.060  7.485   1.00 40.81 ? 308 ILE   A O    1 
ATOM   639  C  CB   . ILE   A 1 92  ? 19.350  0.272   10.643  1.00 35.99 ? 308 ILE   A CB   1 
ATOM   640  C  CG2  . ILE   A 1 92  ? 19.084  1.673   10.153  1.00 36.17 ? 308 ILE   A CG2  1 
ATOM   641  N  N    . LYS   A 1 93  ? 20.099  -1.724  8.114   1.00 38.87 ? 309 LYS   A N    1 
ATOM   642  C  CA   . LYS   A 1 93  ? 20.688  -1.851  6.783   1.00 37.76 ? 309 LYS   A CA   1 
ATOM   643  C  C    . LYS   A 1 93  ? 19.699  -2.434  5.792   1.00 37.40 ? 309 LYS   A C    1 
ATOM   644  O  O    . LYS   A 1 93  ? 19.690  -2.036  4.618   1.00 35.18 ? 309 LYS   A O    1 
ATOM   645  C  CB   . LYS   A 1 93  ? 21.941  -2.720  6.827   1.00 37.96 ? 309 LYS   A CB   1 
ATOM   646  C  CG   . LYS   A 1 93  ? 23.225  -1.931  6.938   1.00 40.04 ? 309 LYS   A CG   1 
ATOM   647  C  CD   . LYS   A 1 93  ? 23.045  -0.602  7.644   1.00 33.88 ? 309 LYS   A CD   1 
ATOM   648  N  N    . LEU   A 1 94  ? 18.832  -3.338  6.255   1.00 37.09 ? 310 LEU   A N    1 
ATOM   649  C  CA   . LEU   A 1 94  ? 17.760  -3.908  5.446   1.00 38.73 ? 310 LEU   A CA   1 
ATOM   650  C  C    . LEU   A 1 94  ? 16.962  -2.823  4.729   1.00 38.52 ? 310 LEU   A C    1 
ATOM   651  O  O    . LEU   A 1 94  ? 16.028  -3.139  3.985   1.00 36.97 ? 310 LEU   A O    1 
ATOM   652  N  N    . LEU   A 1 95  ? 17.367  -1.550  4.916   1.00 43.15 ? 311 LEU   A N    1 
ATOM   653  C  CA   . LEU   A 1 95  ? 16.850  -0.361  4.219   1.00 37.05 ? 311 LEU   A CA   1 
ATOM   654  C  C    . LEU   A 1 95  ? 17.708  0.089   3.028   1.00 34.88 ? 311 LEU   A C    1 
ATOM   655  O  O    . LEU   A 1 95  ? 18.525  1.011   3.136   1.00 35.08 ? 311 LEU   A O    1 
ATOM   656  C  CB   . LEU   A 1 95  ? 16.720  0.776   5.197   1.00 35.60 ? 311 LEU   A CB   1 
ATOM   657  C  CG   . LEU   A 1 95  ? 15.312  0.729   5.718   1.00 32.33 ? 311 LEU   A CG   1 
ATOM   658  C  CD1  . LEU   A 1 95  ? 14.647  1.188   4.475   1.00 33.46 ? 311 LEU   A CD1  1 
ATOM   659  C  CD2  . LEU   A 1 95  ? 14.863  -0.649  6.219   1.00 31.93 ? 311 LEU   A CD2  1 
ATOM   660  N  N    . LYS   A 1 96  ? 17.395  -0.467  1.861   1.00 30.82 ? 312 LYS   A N    1 
ATOM   661  C  CA   . LYS   A 1 96  ? 18.176  -0.517  0.639   1.00 29.40 ? 312 LYS   A CA   1 
ATOM   662  C  C    . LYS   A 1 96  ? 17.715  0.535   -0.359  1.00 26.69 ? 312 LYS   A C    1 
ATOM   663  O  O    . LYS   A 1 96  ? 16.695  1.186   -0.155  1.00 27.44 ? 312 LYS   A O    1 
ATOM   664  C  CB   . LYS   A 1 96  ? 18.067  -1.926  0.042   1.00 33.94 ? 312 LYS   A CB   1 
ATOM   665  C  CG   . LYS   A 1 96  ? 17.700  -3.017  1.062   1.00 37.52 ? 312 LYS   A CG   1 
ATOM   666  C  CD   . LYS   A 1 96  ? 17.166  -4.329  0.413   1.00 38.65 ? 312 LYS   A CD   1 
ATOM   667  C  CE   . LYS   A 1 96  ? 17.383  -5.530  1.395   1.00 41.23 ? 312 LYS   A CE   1 
ATOM   668  N  NZ   . LYS   A 1 96  ? 17.119  -6.915  0.848   1.00 40.18 ? 312 LYS   A NZ   1 
ATOM   669  N  N    . PRO   A 1 97  ? 18.446  0.741   -1.461  1.00 26.69 ? 313 PRO   A N    1 
ATOM   670  C  CA   . PRO   A 1 97  ? 18.108  1.843   -2.365  1.00 26.82 ? 313 PRO   A CA   1 
ATOM   671  C  C    . PRO   A 1 97  ? 16.987  1.487   -3.332  1.00 26.37 ? 313 PRO   A C    1 
ATOM   672  O  O    . PRO   A 1 97  ? 16.719  0.315   -3.623  1.00 26.64 ? 313 PRO   A O    1 
ATOM   673  C  CB   . PRO   A 1 97  ? 19.417  2.116   -3.130  1.00 23.11 ? 313 PRO   A CB   1 
ATOM   674  C  CG   . PRO   A 1 97  ? 20.378  1.089   -2.695  1.00 24.31 ? 313 PRO   A CG   1 
ATOM   675  C  CD   . PRO   A 1 97  ? 19.660  0.035   -1.929  1.00 24.73 ? 313 PRO   A CD   1 
ATOM   676  N  N    . ILE   A 1 98  ? 16.347  2.543   -3.840  1.00 23.17 ? 314 ILE   A N    1 
ATOM   677  C  CA   . ILE   A 1 98  ? 15.314  2.435   -4.856  1.00 24.16 ? 314 ILE   A CA   1 
ATOM   678  C  C    . ILE   A 1 98  ? 15.957  2.691   -6.218  1.00 22.67 ? 314 ILE   A C    1 
ATOM   679  O  O    . ILE   A 1 98  ? 16.419  3.799   -6.519  1.00 24.35 ? 314 ILE   A O    1 
ATOM   680  C  CB   . ILE   A 1 98  ? 14.140  3.392   -4.570  1.00 23.28 ? 314 ILE   A CB   1 
ATOM   681  C  CG1  . ILE   A 1 98  ? 13.377  2.938   -3.323  1.00 23.69 ? 314 ILE   A CG1  1 
ATOM   682  C  CG2  . ILE   A 1 98  ? 13.189  3.417   -5.723  1.00 22.02 ? 314 ILE   A CG2  1 
ATOM   683  C  CD1  . ILE   A 1 98  ? 12.379  3.951   -2.798  1.00 20.20 ? 314 ILE   A CD1  1 
ATOM   684  N  N    . SER   A 1 99  ? 15.988  1.668   -7.061  1.00 23.24 ? 315 SER   A N    1 
ATOM   685  C  CA   . SER   A 1 99  ? 16.566  1.840   -8.384  1.00 22.97 ? 315 SER   A CA   1 
ATOM   686  C  C    . SER   A 1 99  ? 15.722  2.808   -9.200  1.00 23.31 ? 315 SER   A C    1 
ATOM   687  O  O    . SER   A 1 99  ? 14.609  3.167   -8.816  1.00 23.26 ? 315 SER   A O    1 
ATOM   688  C  CB   . SER   A 1 99  ? 16.679  0.496   -9.096  1.00 20.94 ? 315 SER   A CB   1 
ATOM   689  O  OG   . SER   A 1 99  ? 15.413  0.073   -9.549  1.00 22.60 ? 315 SER   A OG   1 
ATOM   690  N  N    . GLY   A 1 100 ? 16.284  3.253   -10.333 1.00 23.94 ? 316 GLY   A N    1 
ATOM   691  C  CA   . GLY   A 1 100 ? 15.529  4.101   -11.241 1.00 23.42 ? 316 GLY   A CA   1 
ATOM   692  C  C    . GLY   A 1 100 ? 14.254  3.443   -11.740 1.00 25.05 ? 316 GLY   A C    1 
ATOM   693  O  O    . GLY   A 1 100 ? 13.217  4.096   -11.874 1.00 25.49 ? 316 GLY   A O    1 
ATOM   694  N  N    . LYS   A 1 101 ? 14.310  2.135   -12.005 1.00 25.78 ? 317 LYS   A N    1 
ATOM   695  C  CA   . LYS   A 1 101 ? 13.166  1.411   -12.545 1.00 23.70 ? 317 LYS   A CA   1 
ATOM   696  C  C    . LYS   A 1 101 ? 12.072  1.258   -11.505 1.00 23.85 ? 317 LYS   A C    1 
ATOM   697  O  O    . LYS   A 1 101 ? 10.888  1.409   -11.818 1.00 25.81 ? 317 LYS   A O    1 
ATOM   698  C  CB   . LYS   A 1 101 ? 13.630  0.044   -13.031 1.00 23.56 ? 317 LYS   A CB   1 
ATOM   699  C  CG   . LYS   A 1 101 ? 12.564  -0.952  -13.332 1.00 25.64 ? 317 LYS   A CG   1 
ATOM   700  C  CD   . LYS   A 1 101 ? 13.267  -2.138  -13.996 1.00 30.04 ? 317 LYS   A CD   1 
ATOM   701  C  CE   . LYS   A 1 101 ? 12.288  -3.142  -14.550 1.00 35.97 ? 317 LYS   A CE   1 
ATOM   702  N  N    . LEU   A 1 102 ? 12.448  0.937   -10.264 1.00 23.96 ? 318 LEU   A N    1 
ATOM   703  C  CA   . LEU   A 1 102 ? 11.478  0.825   -9.188  1.00 22.50 ? 318 LEU   A CA   1 
ATOM   704  C  C    . LEU   A 1 102 ? 10.845  2.172   -8.885  1.00 23.27 ? 318 LEU   A C    1 
ATOM   705  O  O    . LEU   A 1 102 ? 9.642   2.245   -8.622  1.00 22.18 ? 318 LEU   A O    1 
ATOM   706  C  CB   . LEU   A 1 102 ? 12.154  0.276   -7.942  1.00 21.42 ? 318 LEU   A CB   1 
ATOM   707  C  CG   . LEU   A 1 102 ? 11.231  -0.155  -6.814  1.00 24.01 ? 318 LEU   A CG   1 
ATOM   708  C  CD1  . LEU   A 1 102 ? 10.153  -1.190  -7.239  1.00 23.61 ? 318 LEU   A CD1  1 
ATOM   709  C  CD2  . LEU   A 1 102 ? 12.115  -0.736  -5.736  1.00 23.57 ? 318 LEU   A CD2  1 
ATOM   710  N  N    . ARG   A 1 103 ? 11.647  3.250   -8.916  1.00 23.88 ? 319 ARG   A N    1 
ATOM   711  C  CA   . ARG   A 1 103 ? 11.142  4.580   -8.598  1.00 23.41 ? 319 ARG   A CA   1 
ATOM   712  C  C    . ARG   A 1 103 ? 10.067  4.997   -9.589  1.00 24.32 ? 319 ARG   A C    1 
ATOM   713  O  O    . ARG   A 1 103 ? 9.016   5.521   -9.195  1.00 25.67 ? 319 ARG   A O    1 
ATOM   714  C  CB   . ARG   A 1 103 ? 12.281  5.592   -8.586  1.00 24.02 ? 319 ARG   A CB   1 
ATOM   715  C  CG   . ARG   A 1 103 ? 11.801  7.006   -8.269  1.00 27.80 ? 319 ARG   A CG   1 
ATOM   716  C  CD   . ARG   A 1 103 ? 12.915  8.022   -8.159  1.00 26.27 ? 319 ARG   A CD   1 
ATOM   717  N  NE   . ARG   A 1 103 ? 13.878  7.944   -9.255  1.00 30.40 ? 319 ARG   A NE   1 
ATOM   718  C  CZ   . ARG   A 1 103 ? 13.642  8.307   -10.514 1.00 30.90 ? 319 ARG   A CZ   1 
ATOM   719  N  NH1  . ARG   A 1 103 ? 12.463  8.780   -10.895 1.00 31.88 ? 319 ARG   A NH1  1 
ATOM   720  N  NH2  . ARG   A 1 103 ? 14.623  8.207   -11.410 1.00 29.57 ? 319 ARG   A NH2  1 
ATOM   721  N  N    . ALA   A 1 104 ? 10.290  4.727   -10.874 1.00 22.90 ? 320 ALA   A N    1 
ATOM   722  C  CA   . ALA   A 1 104 ? 9.272   5.040   -11.863 1.00 25.06 ? 320 ALA   A CA   1 
ATOM   723  C  C    . ALA   A 1 104 ? 7.998   4.236   -11.613 1.00 25.65 ? 320 ALA   A C    1 
ATOM   724  O  O    . ALA   A 1 104 ? 6.878   4.762   -11.747 1.00 24.55 ? 320 ALA   A O    1 
ATOM   725  C  CB   . ALA   A 1 104 ? 9.819   4.787   -13.259 1.00 24.65 ? 320 ALA   A CB   1 
ATOM   726  N  N    . GLN   A 1 105 ? 8.151   2.963   -11.224 1.00 27.29 ? 321 GLN   A N    1 
ATOM   727  C  CA   . GLN   A 1 105 ? 6.995   2.140   -10.883 1.00 24.70 ? 321 GLN   A CA   1 
ATOM   728  C  C    . GLN   A 1 105 ? 6.306   2.663   -9.632  1.00 23.91 ? 321 GLN   A C    1 
ATOM   729  O  O    . GLN   A 1 105 ? 5.075   2.661   -9.546  1.00 25.24 ? 321 GLN   A O    1 
ATOM   730  C  CB   . GLN   A 1 105 ? 7.419   0.685   -10.691 1.00 24.49 ? 321 GLN   A CB   1 
ATOM   731  C  CG   . GLN   A 1 105 ? 7.851   -0.039  -11.951 1.00 25.71 ? 321 GLN   A CG   1 
ATOM   732  C  CD   . GLN   A 1 105 ? 8.650   -1.315  -11.654 1.00 28.30 ? 321 GLN   A CD   1 
ATOM   733  O  OE1  . GLN   A 1 105 ? 9.015   -1.594  -10.511 1.00 29.34 ? 321 GLN   A OE1  1 
ATOM   734  N  NE2  . GLN   A 1 105 ? 8.925   -2.087  -12.689 1.00 33.62 ? 321 GLN   A NE2  1 
ATOM   735  N  N    . TRP   A 1 106 ? 7.077   3.120   -8.653  1.00 22.78 ? 322 TRP   A N    1 
ATOM   736  C  CA   . TRP   A 1 106 ? 6.469   3.725   -7.477  1.00 22.57 ? 322 TRP   A CA   1 
ATOM   737  C  C    . TRP   A 1 106 ? 5.832   5.067   -7.826  1.00 23.96 ? 322 TRP   A C    1 
ATOM   738  O  O    . TRP   A 1 106 ? 4.752   5.397   -7.325  1.00 22.86 ? 322 TRP   A O    1 
ATOM   739  C  CB   . TRP   A 1 106 ? 7.534   3.887   -6.391  1.00 21.70 ? 322 TRP   A CB   1 
ATOM   740  C  CG   . TRP   A 1 106 ? 7.101   4.533   -5.093  1.00 20.49 ? 322 TRP   A CG   1 
ATOM   741  C  CD1  . TRP   A 1 106 ? 6.690   3.896   -3.971  1.00 19.62 ? 322 TRP   A CD1  1 
ATOM   742  C  CD2  . TRP   A 1 106 ? 7.065   5.928   -4.802  1.00 20.42 ? 322 TRP   A CD2  1 
ATOM   743  N  NE1  . TRP   A 1 106 ? 6.398   4.798   -3.002  1.00 21.26 ? 322 TRP   A NE1  1 
ATOM   744  C  CE2  . TRP   A 1 106 ? 6.623   6.059   -3.481  1.00 20.80 ? 322 TRP   A CE2  1 
ATOM   745  C  CE3  . TRP   A 1 106 ? 7.354   7.079   -5.538  1.00 22.65 ? 322 TRP   A CE3  1 
ATOM   746  C  CZ2  . TRP   A 1 106 ? 6.471   7.299   -2.856  1.00 22.52 ? 322 TRP   A CZ2  1 
ATOM   747  C  CZ3  . TRP   A 1 106 ? 7.192   8.312   -4.931  1.00 25.53 ? 322 TRP   A CZ3  1 
ATOM   748  C  CH2  . TRP   A 1 106 ? 6.751   8.414   -3.600  1.00 25.75 ? 322 TRP   A CH2  1 
ATOM   749  N  N    . GLU   A 1 107 ? 6.483   5.852   -8.690  1.00 23.07 ? 323 GLU   A N    1 
ATOM   750  C  CA   . GLU   A 1 107 ? 5.885   7.117   -9.085  1.00 25.48 ? 323 GLU   A CA   1 
ATOM   751  C  C    . GLU   A 1 107 ? 4.567   6.888   -9.827  1.00 26.66 ? 323 GLU   A C    1 
ATOM   752  O  O    . GLU   A 1 107 ? 3.600   7.630   -9.616  1.00 26.36 ? 323 GLU   A O    1 
ATOM   753  C  CB   . GLU   A 1 107 ? 6.877   7.934   -9.930  1.00 28.67 ? 323 GLU   A CB   1 
ATOM   754  C  CG   . GLU   A 1 107 ? 8.031   8.644   -9.136  1.00 28.72 ? 323 GLU   A CG   1 
ATOM   755  C  CD   . GLU   A 1 107 ? 9.166   9.208   -10.035 1.00 28.89 ? 323 GLU   A CD   1 
ATOM   756  O  OE1  . GLU   A 1 107 ? 9.069   9.126   -11.284 1.00 31.22 ? 323 GLU   A OE1  1 
ATOM   757  O  OE2  . GLU   A 1 107 ? 10.165  9.731   -9.480  1.00 30.03 ? 323 GLU   A OE2  1 
ATOM   758  N  N    . MET   A 1 108 ? 4.511   5.867   -10.698 1.00 25.96 ? 324 MET   A N    1 
ATOM   759  C  CA   . MET   A 1 108 ? 3.245   5.440   -11.298 1.00 26.80 ? 324 MET   A CA   1 
ATOM   760  C  C    . MET   A 1 108 ? 2.177   5.159   -10.238 1.00 28.43 ? 324 MET   A C    1 
ATOM   761  O  O    . MET   A 1 108 ? 1.028   5.604   -10.373 1.00 28.58 ? 324 MET   A O    1 
ATOM   762  C  CB   . MET   A 1 108 ? 3.469   4.193   -12.160 1.00 28.37 ? 324 MET   A CB   1 
ATOM   763  C  CG   . MET   A 1 108 ? 2.376   3.821   -13.205 1.00 31.95 ? 324 MET   A CG   1 
ATOM   764  S  SD   . MET   A 1 108 ? 1.880   5.073   -14.411 1.00 48.30 ? 324 MET   A SD   1 
ATOM   765  C  CE   . MET   A 1 108 ? 3.170   4.761   -15.633 1.00 35.36 ? 324 MET   A CE   1 
ATOM   766  N  N    . GLY   A 1 109 ? 2.528   4.416   -9.178  1.00 24.38 ? 325 GLY   A N    1 
ATOM   767  C  CA   . GLY   A 1 109 ? 1.535   4.062   -8.177  1.00 22.60 ? 325 GLY   A CA   1 
ATOM   768  C  C    . GLY   A 1 109 ? 1.023   5.265   -7.413  1.00 24.91 ? 325 GLY   A C    1 
ATOM   769  O  O    . GLY   A 1 109 ? -0.170  5.352   -7.081  1.00 23.99 ? 325 GLY   A O    1 
ATOM   770  N  N    . ILE   A 1 110 ? 1.925   6.208   -7.125  1.00 26.57 ? 326 ILE   A N    1 
ATOM   771  C  CA   . ILE   A 1 110 ? 1.572   7.486   -6.506  1.00 27.52 ? 326 ILE   A CA   1 
ATOM   772  C  C    . ILE   A 1 110 ? 0.579   8.265   -7.373  1.00 28.12 ? 326 ILE   A C    1 
ATOM   773  O  O    . ILE   A 1 110 ? -0.389  8.866   -6.875  1.00 26.32 ? 326 ILE   A O    1 
ATOM   774  C  CB   . ILE   A 1 110 ? 2.853   8.302   -6.259  1.00 25.58 ? 326 ILE   A CB   1 
ATOM   775  C  CG1  . ILE   A 1 110 ? 3.622   7.700   -5.103  1.00 24.20 ? 326 ILE   A CG1  1 
ATOM   776  C  CG2  . ILE   A 1 110 ? 2.504   9.756   -5.933  1.00 26.85 ? 326 ILE   A CG2  1 
ATOM   777  C  CD1  . ILE   A 1 110 ? 2.846   7.790   -3.808  1.00 26.46 ? 326 ILE   A CD1  1 
ATOM   778  N  N    . VAL   A 1 111 ? 0.811   8.285   -8.678  1.00 25.79 ? 327 VAL   A N    1 
ATOM   779  C  CA   . VAL   A 1 111 ? -0.055  9.065   -9.533  1.00 27.73 ? 327 VAL   A CA   1 
ATOM   780  C  C    . VAL   A 1 111 ? -1.466  8.488   -9.515  1.00 27.20 ? 327 VAL   A C    1 
ATOM   781  O  O    . VAL   A 1 111 ? -2.452  9.232   -9.404  1.00 27.46 ? 327 VAL   A O    1 
ATOM   782  C  CB   . VAL   A 1 111 ? 0.555   9.138   -10.941 1.00 26.65 ? 327 VAL   A CB   1 
ATOM   783  C  CG1  . VAL   A 1 111 ? -0.513  9.394   -11.960 1.00 29.62 ? 327 VAL   A CG1  1 
ATOM   784  C  CG2  . VAL   A 1 111 ? 1.652   10.220  -10.960 1.00 25.88 ? 327 VAL   A CG2  1 
ATOM   785  N  N    . GLN   A 1 112 ? -1.583  7.156   -9.549  1.00 27.39 ? 328 GLN   A N    1 
ATOM   786  C  CA   . GLN   A 1 112 ? -2.884  6.507   -9.391  1.00 25.87 ? 328 GLN   A CA   1 
ATOM   787  C  C    . GLN   A 1 112 ? -3.497  6.803   -8.029  1.00 25.24 ? 328 GLN   A C    1 
ATOM   788  O  O    . GLN   A 1 112 ? -4.696  7.097   -7.930  1.00 25.76 ? 328 GLN   A O    1 
ATOM   789  C  CB   . GLN   A 1 112 ? -2.759  4.998   -9.625  1.00 24.00 ? 328 GLN   A CB   1 
ATOM   790  C  CG   . GLN   A 1 112 ? -2.265  4.668   -11.050 1.00 22.46 ? 328 GLN   A CG   1 
ATOM   791  C  CD   . GLN   A 1 112 ? -2.221  3.180   -11.349 1.00 22.78 ? 328 GLN   A CD   1 
ATOM   792  O  OE1  . GLN   A 1 112 ? -2.379  2.349   -10.455 1.00 24.49 ? 328 GLN   A OE1  1 
ATOM   793  N  NE2  . GLN   A 1 112 ? -1.971  2.833   -12.606 1.00 24.35 ? 328 GLN   A NE2  1 
ATOM   794  N  N    . ALA   A 1 113 ? -2.697  6.779   -6.969  1.00 24.62 ? 329 ALA   A N    1 
ATOM   795  C  CA   . ALA   A 1 113 ? -3.289  6.953   -5.648  1.00 25.98 ? 329 ALA   A CA   1 
ATOM   796  C  C    . ALA   A 1 113 ? -3.829  8.364   -5.444  1.00 25.23 ? 329 ALA   A C    1 
ATOM   797  O  O    . ALA   A 1 113 ? -4.836  8.548   -4.748  1.00 25.72 ? 329 ALA   A O    1 
ATOM   798  C  CB   . ALA   A 1 113 ? -2.270  6.585   -4.566  1.00 26.09 ? 329 ALA   A CB   1 
ATOM   799  N  N    . GLU   A 1 114 ? -3.191  9.374   -6.025  1.00 27.60 ? 330 GLU   A N    1 
ATOM   800  C  CA   . GLU   A 1 114 ? -3.726  10.725  -5.871  1.00 27.91 ? 330 GLU   A CA   1 
ATOM   801  C  C    . GLU   A 1 114 ? -4.966  10.930  -6.728  1.00 28.36 ? 330 GLU   A C    1 
ATOM   802  O  O    . GLU   A 1 114 ? -5.915  11.598  -6.287  1.00 29.94 ? 330 GLU   A O    1 
ATOM   803  C  CB   . GLU   A 1 114 ? -2.624  11.761  -6.138  1.00 28.95 ? 330 GLU   A CB   1 
ATOM   804  C  CG   . GLU   A 1 114 ? -1.410  11.502  -5.191  1.00 28.72 ? 330 GLU   A CG   1 
ATOM   805  C  CD   . GLU   A 1 114 ? -0.128  12.284  -5.491  1.00 34.00 ? 330 GLU   A CD   1 
ATOM   806  O  OE1  . GLU   A 1 114 ? 0.257   12.462  -6.678  1.00 36.43 ? 330 GLU   A OE1  1 
ATOM   807  O  OE2  . GLU   A 1 114 ? 0.548   12.680  -4.510  1.00 36.39 ? 330 GLU   A OE2  1 
ATOM   808  N  N    . GLU   A 1 115 ? -5.022  10.308  -7.908  1.00 27.72 ? 331 GLU   A N    1 
ATOM   809  C  CA   . GLU   A 1 115 ? -6.282  10.268  -8.634  1.00 27.91 ? 331 GLU   A CA   1 
ATOM   810  C  C    . GLU   A 1 115 ? -7.367  9.643   -7.760  1.00 30.09 ? 331 GLU   A C    1 
ATOM   811  O  O    . GLU   A 1 115 ? -8.380  10.280  -7.429  1.00 31.16 ? 331 GLU   A O    1 
ATOM   812  C  CB   . GLU   A 1 115 ? -6.134  9.464   -9.919  1.00 28.35 ? 331 GLU   A CB   1 
ATOM   813  C  CG   . GLU   A 1 115 ? -6.983  10.035  -11.022 1.00 33.64 ? 331 GLU   A CG   1 
ATOM   814  C  CD   . GLU   A 1 115 ? -7.239  9.093   -12.185 1.00 37.13 ? 331 GLU   A CD   1 
ATOM   815  O  OE1  . GLU   A 1 115 ? -6.298  8.430   -12.672 1.00 43.29 ? 331 GLU   A OE1  1 
ATOM   816  O  OE2  . GLU   A 1 115 ? -8.394  9.085   -12.679 1.00 40.91 ? 331 GLU   A OE2  1 
ATOM   817  N  N    . ALA   A 1 116 ? -7.143  8.395   -7.348  1.00 26.69 ? 332 ALA   A N    1 
ATOM   818  C  CA   . ALA   A 1 116 ? -8.097  7.686   -6.506  1.00 26.84 ? 332 ALA   A CA   1 
ATOM   819  C  C    . ALA   A 1 116 ? -8.536  8.521   -5.307  1.00 29.98 ? 332 ALA   A C    1 
ATOM   820  O  O    . ALA   A 1 116 ? -9.704  8.476   -4.907  1.00 30.07 ? 332 ALA   A O    1 
ATOM   821  C  CB   . ALA   A 1 116 ? -7.488  6.358   -6.046  1.00 24.98 ? 332 ALA   A CB   1 
ATOM   822  N  N    . ALA   A 1 117 ? -7.616  9.297   -4.714  1.00 29.84 ? 333 ALA   A N    1 
ATOM   823  C  CA   . ALA   A 1 117 ? -7.972  10.081  -3.535  1.00 29.26 ? 333 ALA   A CA   1 
ATOM   824  C  C    . ALA   A 1 117 ? -8.892  11.256  -3.854  1.00 33.71 ? 333 ALA   A C    1 
ATOM   825  O  O    . ALA   A 1 117 ? -9.509  11.807  -2.931  1.00 35.20 ? 333 ALA   A O    1 
ATOM   826  C  CB   . ALA   A 1 117 ? -6.718  10.602  -2.836  1.00 29.41 ? 333 ALA   A CB   1 
ATOM   827  N  N    . SER   A 1 118 ? -9.000  11.651  -5.125  1.00 31.81 ? 334 SER   A N    1 
ATOM   828  C  CA   . SER   A 1 118 ? -9.855  12.769  -5.490  1.00 33.84 ? 334 SER   A CA   1 
ATOM   829  C  C    . SER   A 1 118 ? -11.250 12.341  -5.953  1.00 34.17 ? 334 SER   A C    1 
ATOM   830  O  O    . SER   A 1 118 ? -12.148 13.185  -6.027  1.00 37.92 ? 334 SER   A O    1 
ATOM   831  C  CB   . SER   A 1 118 ? -9.163  13.607  -6.571  1.00 32.49 ? 334 SER   A CB   1 
ATOM   832  O  OG   . SER   A 1 118 ? -9.243  12.973  -7.831  1.00 33.79 ? 334 SER   A OG   1 
ATOM   833  N  N    . MET   A 1 119 ? -11.447 11.069  -6.275  1.00 34.79 ? 335 MET   A N    1 
ATOM   834  C  CA   . MET   A 1 119 ? -12.763 10.489  -6.485  1.00 34.32 ? 335 MET   A CA   1 
ATOM   835  C  C    . MET   A 1 119 ? -13.349 10.001  -5.164  1.00 35.54 ? 335 MET   A C    1 
ATOM   836  O  O    . MET   A 1 119 ? -12.689 9.998   -4.120  1.00 34.65 ? 335 MET   A O    1 
ATOM   837  C  CB   . MET   A 1 119 ? -12.677 9.289   -7.405  1.00 33.95 ? 335 MET   A CB   1 
ATOM   838  C  CG   . MET   A 1 119 ? -11.621 9.406   -8.419  1.00 34.75 ? 335 MET   A CG   1 
ATOM   839  S  SD   . MET   A 1 119 ? -11.490 7.827   -9.240  1.00 36.46 ? 335 MET   A SD   1 
ATOM   840  C  CE   . MET   A 1 119 ? -10.523 8.423   -10.618 1.00 38.72 ? 335 MET   A CE   1 
ATOM   841  N  N    . SER   A 1 120 ? -14.585 9.506   -5.219  1.00 35.50 ? 336 SER   A N    1 
ATOM   842  C  CA   . SER   A 1 120 ? -15.191 8.920   -4.039  1.00 34.65 ? 336 SER   A CA   1 
ATOM   843  C  C    . SER   A 1 120 ? -14.780 7.474   -3.924  1.00 32.43 ? 336 SER   A C    1 
ATOM   844  O  O    . SER   A 1 120 ? -14.191 6.898   -4.834  1.00 33.24 ? 336 SER   A O    1 
ATOM   845  C  CB   . SER   A 1 120 ? -16.711 8.992   -4.078  1.00 37.70 ? 336 SER   A CB   1 
ATOM   846  O  OG   . SER   A 1 120 ? -17.171 8.243   -5.195  1.00 39.58 ? 336 SER   A OG   1 
ATOM   847  N  N    . VAL   A 1 121 ? -15.121 6.892   -2.779  1.00 31.71 ? 337 VAL   A N    1 
ATOM   848  C  CA   . VAL   A 1 121 ? -14.842 5.487   -2.540  1.00 33.44 ? 337 VAL   A CA   1 
ATOM   849  C  C    . VAL   A 1 121 ? -15.512 4.641   -3.611  1.00 31.07 ? 337 VAL   A C    1 
ATOM   850  O  O    . VAL   A 1 121 ? -14.943 3.651   -4.093  1.00 31.36 ? 337 VAL   A O    1 
ATOM   851  C  CB   . VAL   A 1 121 ? -15.285 5.107   -1.107  1.00 31.49 ? 337 VAL   A CB   1 
ATOM   852  C  CG2  . VAL   A 1 121 ? -15.532 3.626   -0.978  1.00 32.49 ? 337 VAL   A CG2  1 
ATOM   853  N  N    . GLU   A 1 122 ? -16.704 5.046   -4.047  1.00 31.65 ? 338 GLU   A N    1 
ATOM   854  C  CA   . GLU   A 1 122 ? -17.390 4.237   -5.047  1.00 34.34 ? 338 GLU   A CA   1 
ATOM   855  C  C    . GLU   A 1 122 ? -16.809 4.421   -6.449  1.00 33.69 ? 338 GLU   A C    1 
ATOM   856  O  O    . GLU   A 1 122 ? -16.627 3.427   -7.163  1.00 32.46 ? 338 GLU   A O    1 
ATOM   857  C  CB   . GLU   A 1 122 ? -18.888 4.517   -5.043  1.00 33.93 ? 338 GLU   A CB   1 
ATOM   858  C  CG   . GLU   A 1 122 ? -19.652 3.732   -3.968  1.00 40.11 ? 338 GLU   A CG   1 
ATOM   859  C  CD   . GLU   A 1 122 ? -19.285 2.238   -3.875  1.00 39.75 ? 338 GLU   A CD   1 
ATOM   860  O  OE1  . GLU   A 1 122 ? -19.768 1.433   -4.713  1.00 43.70 ? 338 GLU   A OE1  1 
ATOM   861  O  OE2  . GLU   A 1 122 ? -18.594 1.847   -2.903  1.00 38.37 ? 338 GLU   A OE2  1 
ATOM   862  N  N    . GLU   A 1 123 ? -16.505 5.659   -6.875  1.00 32.57 ? 339 GLU   A N    1 
ATOM   863  C  CA   . GLU   A 1 123 ? -15.800 5.798   -8.147  1.00 33.36 ? 339 GLU   A CA   1 
ATOM   864  C  C    . GLU   A 1 123 ? -14.424 5.106   -8.132  1.00 32.79 ? 339 GLU   A C    1 
ATOM   865  O  O    . GLU   A 1 123 ? -14.056 4.422   -9.106  1.00 28.58 ? 339 GLU   A O    1 
ATOM   866  C  CB   . GLU   A 1 123 ? -15.698 7.269   -8.566  1.00 30.89 ? 339 GLU   A CB   1 
ATOM   867  C  CG   . GLU   A 1 123 ? -16.937 8.103   -8.260  1.00 36.70 ? 339 GLU   A CG   1 
ATOM   868  C  CD   . GLU   A 1 123 ? -16.647 9.563   -7.838  1.00 42.33 ? 339 GLU   A CD   1 
ATOM   869  O  OE1  . GLU   A 1 123 ? -17.041 9.947   -6.722  1.00 40.71 ? 339 GLU   A OE1  1 
ATOM   870  O  OE2  . GLU   A 1 123 ? -16.044 10.344  -8.619  1.00 44.87 ? 339 GLU   A OE2  1 
ATOM   871  N  N    . ARG   A 1 124 ? -13.647 5.241   -7.044  1.00 32.13 ? 340 ARG   A N    1 
ATOM   872  C  CA   . ARG   A 1 124 ? -12.344 4.599   -7.113  1.00 28.95 ? 340 ARG   A CA   1 
ATOM   873  C  C    . ARG   A 1 124 ? -12.476 3.099   -7.036  1.00 28.14 ? 340 ARG   A C    1 
ATOM   874  O  O    . ARG   A 1 124 ? -11.675 2.393   -7.652  1.00 31.14 ? 340 ARG   A O    1 
ATOM   875  C  CB   . ARG   A 1 124 ? -11.390 5.027   -6.022  1.00 30.24 ? 340 ARG   A CB   1 
ATOM   876  C  CG   . ARG   A 1 124 ? -11.818 4.726   -4.643  1.00 32.41 ? 340 ARG   A CG   1 
ATOM   877  C  CD   . ARG   A 1 124 ? -10.658 5.020   -3.733  1.00 30.19 ? 340 ARG   A CD   1 
ATOM   878  N  NE   . ARG   A 1 124 ? -10.735 6.438   -3.434  1.00 29.75 ? 340 ARG   A NE   1 
ATOM   879  C  CZ   . ARG   A 1 124 ? -11.150 6.907   -2.275  1.00 28.32 ? 340 ARG   A CZ   1 
ATOM   880  N  NH1  . ARG   A 1 124 ? -11.432 6.095   -1.274  1.00 31.93 ? 340 ARG   A NH1  1 
ATOM   881  N  NH2  . ARG   A 1 124 ? -11.310 8.214   -2.129  1.00 29.69 ? 340 ARG   A NH2  1 
ATOM   882  N  N    . LYS   A 1 125 ? -13.461 2.576   -6.305  1.00 27.96 ? 341 LYS   A N    1 
ATOM   883  C  CA   . LYS   A 1 125 ? -13.667 1.133   -6.401  1.00 29.51 ? 341 LYS   A CA   1 
ATOM   884  C  C    . LYS   A 1 125 ? -13.995 0.725   -7.837  1.00 31.04 ? 341 LYS   A C    1 
ATOM   885  O  O    . LYS   A 1 125 ? -13.475 -0.283  -8.329  1.00 31.21 ? 341 LYS   A O    1 
ATOM   886  C  CB   . LYS   A 1 125 ? -14.743 0.634   -5.434  1.00 30.66 ? 341 LYS   A CB   1 
ATOM   887  C  CG   . LYS   A 1 125 ? -14.260 0.504   -3.993  1.00 32.15 ? 341 LYS   A CG   1 
ATOM   888  C  CD   . LYS   A 1 125 ? -15.397 0.507   -2.959  1.00 32.84 ? 341 LYS   A CD   1 
ATOM   889  C  CE   . LYS   A 1 125 ? -16.361 -0.682  -3.101  1.00 30.75 ? 341 LYS   A CE   1 
ATOM   890  N  N    . ALA   A 1 126 ? -14.815 1.515   -8.544  1.00 30.81 ? 342 ALA   A N    1 
ATOM   891  C  CA   . ALA   A 1 126 ? -15.122 1.174   -9.930  1.00 31.05 ? 342 ALA   A CA   1 
ATOM   892  C  C    . ALA   A 1 126 ? -13.868 1.240   -10.800 1.00 31.51 ? 342 ALA   A C    1 
ATOM   893  O  O    . ALA   A 1 126 ? -13.635 0.362   -11.643 1.00 31.19 ? 342 ALA   A O    1 
ATOM   894  C  CB   . ALA   A 1 126 ? -16.203 2.103   -10.480 1.00 26.89 ? 342 ALA   A CB   1 
ATOM   895  N  N    . LYS   A 1 127 ? -13.036 2.268   -10.608 1.00 28.86 ? 343 LYS   A N    1 
ATOM   896  C  CA   . LYS   A 1 127 ? -11.936 2.447   -11.546 1.00 29.36 ? 343 LYS   A CA   1 
ATOM   897  C  C    . LYS   A 1 127 ? -10.762 1.503   -11.265 1.00 26.49 ? 343 LYS   A C    1 
ATOM   898  O  O    . LYS   A 1 127 ? -10.098 1.047   -12.204 1.00 26.07 ? 343 LYS   A O    1 
ATOM   899  C  CB   . LYS   A 1 127 ? -11.487 3.917   -11.546 1.00 28.64 ? 343 LYS   A CB   1 
ATOM   900  C  CG   . LYS   A 1 127 ? -10.365 4.213   -12.552 1.00 28.33 ? 343 LYS   A CG   1 
ATOM   901  C  CD   . LYS   A 1 127 ? -9.774  5.614   -12.440 1.00 29.69 ? 343 LYS   A CD   1 
ATOM   902  C  CE   . LYS   A 1 127 ? -8.677  5.889   -13.513 1.00 31.93 ? 343 LYS   A CE   1 
ATOM   903  N  NZ   . LYS   A 1 127 ? -9.185  5.948   -14.925 1.00 34.92 ? 343 LYS   A NZ   1 
ATOM   904  N  N    . PHE   A 1 128 ? -10.488 1.169   -10.011 1.00 26.73 ? 344 PHE   A N    1 
ATOM   905  C  CA   . PHE   A 1 128 ? -9.200  0.563   -9.698  1.00 26.49 ? 344 PHE   A CA   1 
ATOM   906  C  C    . PHE   A 1 128 ? -9.246  -0.877  -9.218  1.00 25.99 ? 344 PHE   A C    1 
ATOM   907  O  O    . PHE   A 1 128 ? -8.176  -1.527  -9.169  1.00 24.51 ? 344 PHE   A O    1 
ATOM   908  C  CB   . PHE   A 1 128 ? -8.489  1.397   -8.648  1.00 27.18 ? 344 PHE   A CB   1 
ATOM   909  C  CG   . PHE   A 1 128 ? -8.017  2.677   -9.172  1.00 25.32 ? 344 PHE   A CG   1 
ATOM   910  C  CD1  . PHE   A 1 128 ? -6.944  2.700   -10.047 1.00 22.21 ? 344 PHE   A CD1  1 
ATOM   911  C  CD2  . PHE   A 1 128 ? -8.631  3.849   -8.796  1.00 22.95 ? 344 PHE   A CD2  1 
ATOM   912  C  CE1  . PHE   A 1 128 ? -6.491  3.865   -10.538 1.00 23.22 ? 344 PHE   A CE1  1 
ATOM   913  C  CE2  . PHE   A 1 128 ? -8.182  5.034   -9.284  1.00 26.11 ? 344 PHE   A CE2  1 
ATOM   914  C  CZ   . PHE   A 1 128 ? -7.101  5.047   -10.167 1.00 27.88 ? 344 PHE   A CZ   1 
ATOM   915  N  N    . THR   A 1 129 ? -10.437 -1.396  -8.882  1.00 25.67 ? 345 THR   A N    1 
ATOM   916  C  CA   . THR   A 1 129 ? -10.536 -2.770  -8.415  1.00 25.96 ? 345 THR   A CA   1 
ATOM   917  C  C    . THR   A 1 129 ? -10.039 -3.706  -9.499  1.00 25.67 ? 345 THR   A C    1 
ATOM   918  O  O    . THR   A 1 129 ? -10.456 -3.600  -10.662 1.00 25.88 ? 345 THR   A O    1 
ATOM   919  C  CB   . THR   A 1 129 ? -11.971 -3.121  -8.038  1.00 24.20 ? 345 THR   A CB   1 
ATOM   920  O  OG1  . THR   A 1 129 ? -12.468 -2.140  -7.124  1.00 29.80 ? 345 THR   A OG1  1 
ATOM   921  C  CG2  . THR   A 1 129 ? -12.021 -4.468  -7.342  1.00 24.45 ? 345 THR   A CG2  1 
ATOM   922  N  N    . PHE   A 1 130 ? -9.142  -4.614  -9.110  1.00 24.65 ? 346 PHE   A N    1 
ATOM   923  C  CA   . PHE   A 1 130 ? -8.609  -5.611  -10.026 1.00 24.33 ? 346 PHE   A CA   1 
ATOM   924  C  C    . PHE   A 1 130 ? -9.711  -6.525  -10.522 1.00 26.00 ? 346 PHE   A C    1 
ATOM   925  O  O    . PHE   A 1 130 ? -10.596 -6.920  -9.762  1.00 27.08 ? 346 PHE   A O    1 
ATOM   926  C  CB   . PHE   A 1 130 ? -7.583  -6.505  -9.341  1.00 24.76 ? 346 PHE   A CB   1 
ATOM   927  C  CG   . PHE   A 1 130 ? -6.311  -5.837  -8.966  1.00 23.91 ? 346 PHE   A CG   1 
ATOM   928  C  CD1  . PHE   A 1 130 ? -5.998  -4.572  -9.420  1.00 23.18 ? 346 PHE   A CD1  1 
ATOM   929  C  CD2  . PHE   A 1 130 ? -5.407  -6.512  -8.156  1.00 22.58 ? 346 PHE   A CD2  1 
ATOM   930  C  CE1  . PHE   A 1 130 ? -4.786  -3.993  -9.069  1.00 25.41 ? 346 PHE   A CE1  1 
ATOM   931  C  CE2  . PHE   A 1 130 ? -4.191  -5.935  -7.793  1.00 24.37 ? 346 PHE   A CE2  1 
ATOM   932  C  CZ   . PHE   A 1 130 ? -3.879  -4.683  -8.239  1.00 24.05 ? 346 PHE   A CZ   1 
ATOM   933  N  N    . LEU   A 1 131 ? -9.601  -6.938  -11.780 1.00 25.14 ? 347 LEU   A N    1 
ATOM   934  C  CA   . LEU   A 1 131 ? -10.473 -7.960  -12.338 1.00 24.66 ? 347 LEU   A CA   1 
ATOM   935  C  C    . LEU   A 1 131 ? -9.802  -9.318  -12.195 1.00 26.03 ? 347 LEU   A C    1 
ATOM   936  O  O    . LEU   A 1 131 ? -8.627  -9.452  -12.537 1.00 30.36 ? 347 LEU   A O    1 
ATOM   937  C  CB   . LEU   A 1 131 ? -10.753 -7.638  -13.807 1.00 26.47 ? 347 LEU   A CB   1 
ATOM   938  C  CG   . LEU   A 1 131 ? -11.471 -8.670  -14.661 1.00 26.18 ? 347 LEU   A CG   1 
ATOM   939  C  CD1  . LEU   A 1 131 ? -12.897 -8.707  -14.160 1.00 29.45 ? 347 LEU   A CD1  1 
ATOM   940  C  CD2  . LEU   A 1 131 ? -11.430 -8.242  -16.137 1.00 23.24 ? 347 LEU   A CD2  1 
ATOM   941  N  N    . TYR   A 1 132 ? -10.540 -10.325 -11.713 1.00 24.90 ? 348 TYR   A N    1 
ATOM   942  C  CA   . TYR   A 1 132 ? -10.006 -11.659 -11.473 1.00 22.29 ? 348 TYR   A CA   1 
ATOM   943  C  C    . TYR   A 1 132 ? -10.685 -12.687 -12.377 1.00 24.28 ? 348 TYR   A C    1 
ATOM   944  O  O    . TYR   A 1 132 ? -11.760 -12.446 -12.921 1.00 26.75 ? 348 TYR   A O    1 
ATOM   945  C  CB   . TYR   A 1 132 ? -10.191 -12.063 -10.009 1.00 24.44 ? 348 TYR   A CB   1 
ATOM   946  C  CG   . TYR   A 1 132 ? -9.525  -11.134 -9.017  1.00 25.47 ? 348 TYR   A CG   1 
ATOM   947  C  CD1  . TYR   A 1 132 ? -10.198 -10.024 -8.523  1.00 26.42 ? 348 TYR   A CD1  1 
ATOM   948  C  CD2  . TYR   A 1 132 ? -8.227  -11.364 -8.566  1.00 24.39 ? 348 TYR   A CD2  1 
ATOM   949  C  CE1  . TYR   A 1 132 ? -9.597  -9.167  -7.590  1.00 27.87 ? 348 TYR   A CE1  1 
ATOM   950  C  CE2  . TYR   A 1 132 ? -7.612  -10.496 -7.646  1.00 23.80 ? 348 TYR   A CE2  1 
ATOM   951  C  CZ   . TYR   A 1 132 ? -8.306  -9.415  -7.172  1.00 23.90 ? 348 TYR   A CZ   1 
ATOM   952  O  OH   . TYR   A 1 132 ? -7.739  -8.553  -6.285  1.00 24.86 ? 348 TYR   A OH   1 
ATOM   953  N  N    . VAL   A 1 133 ? -10.046 -13.846 -12.550 1.00 27.59 ? 349 VAL   A N    1 
ATOM   954  C  CA   . VAL   A 1 133 ? -10.598 -14.918 -13.396 1.00 27.29 ? 349 VAL   A CA   1 
ATOM   955  C  C    . VAL   A 1 133 ? -11.741 -15.651 -12.686 1.00 27.34 ? 349 VAL   A C    1 
ATOM   956  O  O    . VAL   A 1 133 ? -12.828 -15.825 -13.268 1.00 30.57 ? 349 VAL   A O    1 
ATOM   957  C  CB   . VAL   A 1 133 ? -9.509  -15.916 -13.834 1.00 24.75 ? 349 VAL   A CB   1 
HETATM 958  N  N1   . EPE   B 2 .   ? 4.764   -5.294  -4.058  1.00 32.60 ? 501 EPE   A N1   1 
HETATM 959  C  C2   . EPE   B 2 .   ? 5.062   -6.083  -5.260  1.00 35.02 ? 501 EPE   A C2   1 
HETATM 960  C  C3   . EPE   B 2 .   ? 5.817   -5.248  -6.295  1.00 38.00 ? 501 EPE   A C3   1 
HETATM 961  N  N4   . EPE   B 2 .   ? 5.220   -3.942  -6.562  1.00 31.52 ? 501 EPE   A N4   1 
HETATM 962  C  C5   . EPE   B 2 .   ? 4.703   -3.219  -5.426  1.00 26.48 ? 501 EPE   A C5   1 
HETATM 963  C  C6   . EPE   B 2 .   ? 3.972   -4.128  -4.455  1.00 27.99 ? 501 EPE   A C6   1 
HETATM 964  C  C7   . EPE   B 2 .   ? 5.792   -3.189  -7.663  1.00 29.40 ? 501 EPE   A C7   1 
HETATM 965  C  C8   . EPE   B 2 .   ? 6.096   -4.119  -8.828  1.00 33.85 ? 501 EPE   A C8   1 
HETATM 966  O  O8   . EPE   B 2 .   ? 7.474   -4.115  -9.155  1.00 38.77 ? 501 EPE   A O8   1 
HETATM 967  C  C9   . EPE   B 2 .   ? 3.932   -6.098  -3.139  1.00 35.27 ? 501 EPE   A C9   1 
HETATM 968  C  C10  . EPE   B 2 .   ? 4.557   -7.423  -2.690  1.00 37.96 ? 501 EPE   A C10  1 
HETATM 969  S  S    . EPE   B 2 .   ? 4.114   -8.979  -3.573  1.00 61.74 ? 501 EPE   A S    1 
HETATM 970  O  O1S  . EPE   B 2 .   ? 4.820   -10.062 -2.852  1.00 58.15 ? 501 EPE   A O1S  1 
HETATM 971  O  O2S  . EPE   B 2 .   ? 2.662   -9.306  -3.595  1.00 44.87 ? 501 EPE   A O2S  1 
HETATM 972  O  O3S  . EPE   B 2 .   ? 4.585   -8.952  -4.974  1.00 50.91 ? 501 EPE   A O3S  1 
HETATM 973  C  C10  . A1EF7 C 3 .   ? 13.551  -0.533  0.759   1.00 29.91 ? 502 A1EF7 A C10  1 
HETATM 974  C  C17  . A1EF7 C 3 .   ? 13.763  -1.394  -2.684  1.00 25.22 ? 502 A1EF7 A C17  1 
HETATM 975  C  C15  . A1EF7 C 3 .   ? 13.786  -1.353  -0.314  1.00 26.38 ? 502 A1EF7 A C15  1 
HETATM 976  C  C14  . A1EF7 C 3 .   ? 13.730  -2.715  -0.146  1.00 28.71 ? 502 A1EF7 A C14  1 
HETATM 977  C  C02  . A1EF7 C 3 .   ? 12.523  4.374   1.064   1.00 31.68 ? 502 A1EF7 A C02  1 
HETATM 978  C  C03  . A1EF7 C 3 .   ? 12.772  5.687   0.683   1.00 29.68 ? 502 A1EF7 A C03  1 
HETATM 979  C  C04  . A1EF7 C 3 .   ? 13.947  5.982   -0.029  1.00 28.51 ? 502 A1EF7 A C04  1 
HETATM 980  C  C05  . A1EF7 C 3 .   ? 14.855  4.983   -0.346  1.00 26.18 ? 502 A1EF7 A C05  1 
HETATM 981  C  C06  . A1EF7 C 3 .   ? 14.581  3.683   0.052   1.00 28.42 ? 502 A1EF7 A C06  1 
HETATM 982  C  C07  . A1EF7 C 3 .   ? 13.414  3.361   0.753   1.00 32.03 ? 502 A1EF7 A C07  1 
HETATM 983  C  C08  . A1EF7 C 3 .   ? 13.126  1.905   1.205   1.00 29.38 ? 502 A1EF7 A C08  1 
HETATM 984  C  C11  . A1EF7 C 3 .   ? 13.271  -1.018  2.034   1.00 29.51 ? 502 A1EF7 A C11  1 
HETATM 985  C  C12  . A1EF7 C 3 .   ? 13.199  -2.380  2.208   1.00 28.64 ? 502 A1EF7 A C12  1 
HETATM 986  C  C13  . A1EF7 C 3 .   ? 13.443  -3.209  1.124   1.00 29.13 ? 502 A1EF7 A C13  1 
HETATM 987  N  N09  . A1EF7 C 3 .   ? 13.697  0.864   0.433   1.00 30.55 ? 502 A1EF7 A N09  1 
HETATM 988  O  O16  . A1EF7 C 3 .   ? 14.083  -0.715  -1.518  1.00 25.01 ? 502 A1EF7 A O16  1 
HETATM 989  O  O18  . A1EF7 C 3 .   ? 12.485  1.556   2.144   1.00 33.25 ? 502 A1EF7 A O18  1 
HETATM 990  SE SE01 . A1EF7 C 3 .   ? 10.946  3.822   2.054   1.00 40.80 ? 502 A1EF7 A SE01 1 
HETATM 991  O  O    . HOH   D 4 .   ? 12.909  -1.518  17.060  1.00 46.98 ? 601 HOH   A O    1 
HETATM 992  O  O    . HOH   D 4 .   ? -17.439 1.323   -6.584  1.00 40.20 ? 602 HOH   A O    1 
HETATM 993  O  O    . HOH   D 4 .   ? -14.350 -0.397  15.153  1.00 40.24 ? 603 HOH   A O    1 
HETATM 994  O  O    . HOH   D 4 .   ? 0.497   -10.205 -5.898  1.00 33.21 ? 604 HOH   A O    1 
HETATM 995  O  O    . HOH   D 4 .   ? -3.282  0.404   10.596  1.00 33.23 ? 605 HOH   A O    1 
HETATM 996  O  O    . HOH   D 4 .   ? -7.304  5.825   4.281   1.00 29.54 ? 606 HOH   A O    1 
HETATM 997  O  O    . HOH   D 4 .   ? -11.345 -7.408  -4.826  1.00 29.58 ? 607 HOH   A O    1 
HETATM 998  O  O    . HOH   D 4 .   ? -6.191  -1.097  -10.689 1.00 21.95 ? 608 HOH   A O    1 
HETATM 999  O  O    . HOH   D 4 .   ? -7.843  -14.229 -11.165 1.00 24.60 ? 609 HOH   A O    1 
HETATM 1000 O  O    . HOH   D 4 .   ? -2.696  11.784  -10.012 1.00 31.08 ? 610 HOH   A O    1 
HETATM 1001 O  O    . HOH   D 4 .   ? 11.714  -4.945  4.250   1.00 30.59 ? 611 HOH   A O    1 
HETATM 1002 O  O    . HOH   D 4 .   ? -13.473 -2.847  -4.765  1.00 28.32 ? 612 HOH   A O    1 
HETATM 1003 O  O    . HOH   D 4 .   ? 12.071  -3.967  -3.739  1.00 31.55 ? 613 HOH   A O    1 
HETATM 1004 O  O    . HOH   D 4 .   ? -2.078  -2.092  -9.613  1.00 24.42 ? 614 HOH   A O    1 
HETATM 1005 O  O    . HOH   D 4 .   ? 5.702   -2.250  0.651   1.00 24.76 ? 615 HOH   A O    1 
HETATM 1006 O  O    . HOH   D 4 .   ? -18.903 2.346   -0.257  1.00 34.90 ? 616 HOH   A O    1 
HETATM 1007 O  O    . HOH   D 4 .   ? -19.700 9.741   -6.187  1.00 35.92 ? 617 HOH   A O    1 
HETATM 1008 O  O    . HOH   D 4 .   ? 5.928   14.342  -7.164  1.00 34.83 ? 618 HOH   A O    1 
HETATM 1009 O  O    . HOH   D 4 .   ? 6.174   11.468  -7.470  1.00 35.97 ? 619 HOH   A O    1 
HETATM 1010 O  O    . HOH   D 4 .   ? 9.869   1.633   -14.353 1.00 27.59 ? 620 HOH   A O    1 
HETATM 1011 O  O    . HOH   D 4 .   ? 6.243   6.740   -13.556 1.00 33.48 ? 621 HOH   A O    1 
HETATM 1012 O  O    . HOH   D 4 .   ? -0.532  -5.096  13.442  1.00 32.02 ? 622 HOH   A O    1 
HETATM 1013 O  O    . HOH   D 4 .   ? 15.406  -0.778  -5.924  1.00 22.90 ? 623 HOH   A O    1 
HETATM 1014 O  O    . HOH   D 4 .   ? -10.006 -4.045  -13.386 1.00 22.48 ? 624 HOH   A O    1 
HETATM 1015 O  O    . HOH   D 4 .   ? 6.080   -8.018  4.984   1.00 30.19 ? 625 HOH   A O    1 
HETATM 1016 O  O    . HOH   D 4 .   ? -3.580  -12.235 -7.502  1.00 26.40 ? 626 HOH   A O    1 
HETATM 1017 O  O    . HOH   D 4 .   ? -16.457 0.034   0.334   1.00 35.53 ? 627 HOH   A O    1 
HETATM 1018 O  O    . HOH   D 4 .   ? 7.662   -9.950  1.470   1.00 38.99 ? 628 HOH   A O    1 
HETATM 1019 O  O    . HOH   D 4 .   ? 14.869  -2.638  -10.175 1.00 27.68 ? 629 HOH   A O    1 
HETATM 1020 O  O    . HOH   D 4 .   ? -13.437 -6.855  -9.607  1.00 30.91 ? 630 HOH   A O    1 
HETATM 1021 O  O    . HOH   D 4 .   ? -19.107 -1.319  -4.307  1.00 44.69 ? 631 HOH   A O    1 
HETATM 1022 O  O    . HOH   D 4 .   ? 4.201   -1.295  -10.832 1.00 25.78 ? 632 HOH   A O    1 
HETATM 1023 O  O    . HOH   D 4 .   ? -15.962 2.095   5.898   1.00 32.78 ? 633 HOH   A O    1 
HETATM 1024 O  O    . HOH   D 4 .   ? -2.629  0.076   -13.247 1.00 26.92 ? 634 HOH   A O    1 
HETATM 1025 O  O    . HOH   D 4 .   ? 12.473  2.398   5.731   1.00 31.46 ? 635 HOH   A O    1 
HETATM 1026 O  O    . HOH   D 4 .   ? -3.334  -7.962  15.966  1.00 34.55 ? 636 HOH   A O    1 
HETATM 1027 O  O    . HOH   D 4 .   ? 6.308   -2.349  9.451   1.00 40.96 ? 637 HOH   A O    1 
HETATM 1028 O  O    . HOH   D 4 .   ? -1.480  -10.600 -7.920  1.00 27.33 ? 638 HOH   A O    1 
HETATM 1029 O  O    . HOH   D 4 .   ? -16.444 7.891   -0.350  1.00 38.99 ? 639 HOH   A O    1 
HETATM 1030 O  O    . HOH   D 4 .   ? 13.069  -9.603  2.945   1.00 36.71 ? 640 HOH   A O    1 
HETATM 1031 O  O    . HOH   D 4 .   ? 21.046  -1.131  2.161   1.00 31.83 ? 641 HOH   A O    1 
HETATM 1032 O  O    . HOH   D 4 .   ? -9.176  -2.796  12.915  1.00 37.00 ? 642 HOH   A O    1 
HETATM 1033 O  O    . HOH   D 4 .   ? -8.116  4.132   10.413  1.00 39.54 ? 643 HOH   A O    1 
HETATM 1034 O  O    . HOH   D 4 .   ? 1.113   -10.390 6.613   1.00 34.72 ? 644 HOH   A O    1 
HETATM 1035 O  O    . HOH   D 4 .   ? 2.398   -7.511  7.434   1.00 32.37 ? 645 HOH   A O    1 
HETATM 1036 O  O    . HOH   D 4 .   ? -3.945  -0.137  -9.950  1.00 25.22 ? 646 HOH   A O    1 
HETATM 1037 O  O    . HOH   D 4 .   ? -13.303 -9.481  -10.933 1.00 30.52 ? 647 HOH   A O    1 
HETATM 1038 O  O    . HOH   D 4 .   ? -12.992 -5.295  -3.422  1.00 26.23 ? 648 HOH   A O    1 
HETATM 1039 O  O    . HOH   D 4 .   ? -2.929  5.872   9.826   1.00 30.18 ? 649 HOH   A O    1 
HETATM 1040 O  O    . HOH   D 4 .   ? -14.035 -11.957 -5.860  1.00 41.24 ? 650 HOH   A O    1 
HETATM 1041 O  O    . HOH   D 4 .   ? -15.004 5.252   -11.942 1.00 29.87 ? 651 HOH   A O    1 
HETATM 1042 O  O    . HOH   D 4 .   ? -5.468  -15.958 8.212   1.00 45.22 ? 652 HOH   A O    1 
HETATM 1043 O  O    . HOH   D 4 .   ? -5.073  -0.364  -6.534  1.00 25.66 ? 653 HOH   A O    1 
HETATM 1044 O  O    . HOH   D 4 .   ? 6.926   -1.487  -15.043 1.00 35.15 ? 654 HOH   A O    1 
HETATM 1045 O  O    . HOH   D 4 .   ? 13.927  -6.168  3.217   1.00 34.95 ? 655 HOH   A O    1 
HETATM 1046 O  O    . HOH   D 4 .   ? -1.197  5.372   -14.395 1.00 28.94 ? 656 HOH   A O    1 
HETATM 1047 O  O    . HOH   D 4 .   ? -16.100 -1.945  14.818  1.00 47.91 ? 657 HOH   A O    1 
HETATM 1048 O  O    . HOH   D 4 .   ? 5.825   -2.865  -13.312 1.00 36.12 ? 658 HOH   A O    1 
HETATM 1049 O  O    . HOH   D 4 .   ? -19.472 2.481   -8.447  1.00 41.86 ? 659 HOH   A O    1 
HETATM 1050 O  O    . HOH   D 4 .   ? 4.652   10.589  -8.718  1.00 32.44 ? 660 HOH   A O    1 
HETATM 1051 O  O    . HOH   D 4 .   ? 3.966   -4.658  -14.770 1.00 38.78 ? 661 HOH   A O    1 
HETATM 1052 O  O    . HOH   D 4 .   ? -18.983 0.095   7.517   1.00 49.97 ? 662 HOH   A O    1 
HETATM 1053 O  O    . HOH   D 4 .   ? 8.510   -1.294  8.838   1.00 47.22 ? 663 HOH   A O    1 
HETATM 1054 O  O    . HOH   D 4 .   ? 7.298   -5.053  -12.855 1.00 42.59 ? 664 HOH   A O    1 
HETATM 1055 O  O    . HOH   D 4 .   ? 8.433   12.765  -9.107  1.00 38.96 ? 665 HOH   A O    1 
HETATM 1056 O  O    . HOH   D 4 .   ? 7.804   2.443   -14.682 1.00 33.52 ? 666 HOH   A O    1 
HETATM 1057 O  O    . HOH   D 4 .   ? 1.774   3.399   -18.065 1.00 46.46 ? 667 HOH   A O    1 
HETATM 1058 O  O    . HOH   D 4 .   ? -5.394  -6.614  16.594  1.00 37.35 ? 668 HOH   A O    1 
HETATM 1059 O  O    . HOH   D 4 .   ? 12.190  -3.473  -10.425 1.00 30.10 ? 669 HOH   A O    1 
HETATM 1060 O  O    . HOH   D 4 .   ? -14.893 -10.561 -3.492  1.00 42.97 ? 670 HOH   A O    1 
HETATM 1061 O  O    . HOH   D 4 .   ? 23.007  -6.761  7.336   1.00 40.80 ? 671 HOH   A O    1 
HETATM 1062 O  O    . HOH   D 4 .   ? -1.494  -2.522  15.366  1.00 35.66 ? 672 HOH   A O    1 
HETATM 1063 O  O    . HOH   D 4 .   ? 6.233   -7.657  -10.453 1.00 47.12 ? 673 HOH   A O    1 
HETATM 1064 O  O    . HOH   D 4 .   ? -7.642  4.327   -18.200 1.00 37.07 ? 674 HOH   A O    1 
HETATM 1065 O  O    . HOH   D 4 .   ? -9.893  -2.883  15.028  1.00 33.08 ? 675 HOH   A O    1 
HETATM 1066 O  O    . HOH   D 4 .   ? -7.203  -4.692  15.389  1.00 36.98 ? 676 HOH   A O    1 
HETATM 1067 O  O    . HOH   D 4 .   ? -1.390  14.859  -9.518  1.00 42.04 ? 677 HOH   A O    1 
HETATM 1068 O  O    . HOH   D 4 .   ? 5.535   11.215  -11.779 1.00 38.60 ? 678 HOH   A O    1 
HETATM 1069 O  O    . HOH   D 4 .   ? -0.495  -6.618  -16.204 1.00 25.19 ? 679 HOH   A O    1 
HETATM 1070 O  O    . HOH   D 4 .   ? -13.173 -9.608  -6.045  1.00 32.71 ? 680 HOH   A O    1 
HETATM 1071 O  O    . HOH   D 4 .   ? -6.244  12.826  -13.539 1.00 34.65 ? 681 HOH   A O    1 
HETATM 1072 O  O    . HOH   D 4 .   ? -4.089  -18.394 7.587   1.00 54.37 ? 682 HOH   A O    1 
HETATM 1073 O  O    . HOH   D 4 .   ? 5.030   -7.881  -13.042 1.00 41.72 ? 683 HOH   A O    1 
HETATM 1074 O  O    . HOH   D 4 .   ? 6.377   -11.542 4.173   1.00 41.76 ? 684 HOH   A O    1 
HETATM 1075 O  O    . HOH   D 4 .   ? -16.679 -11.258 -13.854 1.00 36.90 ? 685 HOH   A O    1 
HETATM 1076 O  O    . HOH   D 4 .   ? 11.067  -3.911  18.470  1.00 46.88 ? 686 HOH   A O    1 
HETATM 1077 O  O    . HOH   D 4 .   ? -17.905 6.648   1.886   1.00 38.43 ? 687 HOH   A O    1 
HETATM 1078 O  O    . HOH   D 4 .   ? -3.528  8.738   11.191  1.00 55.39 ? 688 HOH   A O    1 
HETATM 1079 O  O    . HOH   D 4 .   ? -19.969 3.007   -11.681 1.00 44.88 ? 689 HOH   A O    1 
HETATM 1080 O  O    . HOH   D 4 .   ? 24.426  -8.546  7.938   1.00 49.60 ? 690 HOH   A O    1 
# 
